data_1JF4
# 
_entry.id   1JF4 
# 
_audit_conform.dict_name       mmcif_pdbx.dic 
_audit_conform.dict_version    5.386 
_audit_conform.dict_location   http://mmcif.pdb.org/dictionaries/ascii/mmcif_pdbx.dic 
# 
loop_
_database_2.database_id 
_database_2.database_code 
_database_2.pdbx_database_accession 
_database_2.pdbx_DOI 
PDB   1JF4         pdb_00001jf4 10.2210/pdb1jf4/pdb 
RCSB  RCSB013697   ?            ?                   
WWPDB D_1000013697 ?            ?                   
# 
loop_
_pdbx_audit_revision_history.ordinal 
_pdbx_audit_revision_history.data_content_type 
_pdbx_audit_revision_history.major_revision 
_pdbx_audit_revision_history.minor_revision 
_pdbx_audit_revision_history.revision_date 
1 'Structure model' 1 0 2002-06-20 
2 'Structure model' 1 1 2008-04-27 
3 'Structure model' 1 2 2011-07-13 
4 'Structure model' 1 3 2024-02-07 
# 
_pdbx_audit_revision_details.ordinal             1 
_pdbx_audit_revision_details.revision_ordinal    1 
_pdbx_audit_revision_details.data_content_type   'Structure model' 
_pdbx_audit_revision_details.provider            repository 
_pdbx_audit_revision_details.type                'Initial release' 
_pdbx_audit_revision_details.description         ? 
_pdbx_audit_revision_details.details             ? 
# 
loop_
_pdbx_audit_revision_group.ordinal 
_pdbx_audit_revision_group.revision_ordinal 
_pdbx_audit_revision_group.data_content_type 
_pdbx_audit_revision_group.group 
1 2 'Structure model' 'Version format compliance' 
2 3 'Structure model' 'Version format compliance' 
3 4 'Structure model' 'Data collection'           
4 4 'Structure model' 'Database references'       
5 4 'Structure model' 'Derived calculations'      
# 
loop_
_pdbx_audit_revision_category.ordinal 
_pdbx_audit_revision_category.revision_ordinal 
_pdbx_audit_revision_category.data_content_type 
_pdbx_audit_revision_category.category 
1 4 'Structure model' chem_comp_atom 
2 4 'Structure model' chem_comp_bond 
3 4 'Structure model' database_2     
4 4 'Structure model' struct_conn    
5 4 'Structure model' struct_site    
# 
loop_
_pdbx_audit_revision_item.ordinal 
_pdbx_audit_revision_item.revision_ordinal 
_pdbx_audit_revision_item.data_content_type 
_pdbx_audit_revision_item.item 
1  4 'Structure model' '_database_2.pdbx_DOI'                
2  4 'Structure model' '_database_2.pdbx_database_accession' 
3  4 'Structure model' '_struct_conn.ptnr1_auth_comp_id'     
4  4 'Structure model' '_struct_conn.ptnr1_auth_seq_id'      
5  4 'Structure model' '_struct_conn.ptnr1_label_asym_id'    
6  4 'Structure model' '_struct_conn.ptnr1_label_atom_id'    
7  4 'Structure model' '_struct_conn.ptnr1_label_comp_id'    
8  4 'Structure model' '_struct_conn.ptnr1_label_seq_id'     
9  4 'Structure model' '_struct_conn.ptnr2_auth_comp_id'     
10 4 'Structure model' '_struct_conn.ptnr2_auth_seq_id'      
11 4 'Structure model' '_struct_conn.ptnr2_label_asym_id'    
12 4 'Structure model' '_struct_conn.ptnr2_label_atom_id'    
13 4 'Structure model' '_struct_conn.ptnr2_label_comp_id'    
14 4 'Structure model' '_struct_conn.ptnr2_label_seq_id'     
15 4 'Structure model' '_struct_site.pdbx_auth_asym_id'      
16 4 'Structure model' '_struct_site.pdbx_auth_comp_id'      
17 4 'Structure model' '_struct_site.pdbx_auth_seq_id'       
# 
_pdbx_database_status.status_code                     REL 
_pdbx_database_status.entry_id                        1JF4 
_pdbx_database_status.recvd_initial_deposition_date   2001-06-20 
_pdbx_database_status.deposit_site                    RCSB 
_pdbx_database_status.process_site                    RCSB 
_pdbx_database_status.SG_entry                        . 
_pdbx_database_status.pdb_format_compatible           Y 
_pdbx_database_status.status_code_mr                  ? 
_pdbx_database_status.status_code_sf                  ? 
_pdbx_database_status.status_code_cs                  ? 
_pdbx_database_status.status_code_nmr_data            ? 
_pdbx_database_status.methods_development_category    ? 
# 
_pdbx_database_related.db_name        PDB 
_pdbx_database_related.db_id          1JF3 
_pdbx_database_related.details        'Crystal Structure Of Component III Glycera Dibranchiata Monomeric Hemoglobin' 
_pdbx_database_related.content_type   unspecified 
# 
loop_
_audit_author.name 
_audit_author.pdbx_ordinal 
'Park, H.J.'      1 
'Yang, C.'        2 
'Treff, N.'       3 
'Satterlee, J.D.' 4 
'Kang, C.H.'      5 
# 
_citation.id                        primary 
_citation.title                     
;Crystal Structures of Unligated and CN-Ligated Glycera dibranchiata Monomer
Ferric Hemoglobin Components III and IV
;
_citation.journal_abbrev            Proteins 
_citation.journal_volume            49 
_citation.page_first                49 
_citation.page_last                 60 
_citation.year                      2002 
_citation.journal_id_ASTM           PSFGEY 
_citation.country                   US 
_citation.journal_id_ISSN           0887-3585 
_citation.journal_id_CSD            0867 
_citation.book_publisher            ? 
_citation.pdbx_database_id_PubMed   12211015 
_citation.pdbx_database_id_DOI      10.1002/prot.10199 
# 
loop_
_citation_author.citation_id 
_citation_author.name 
_citation_author.ordinal 
_citation_author.identifier_ORCID 
primary 'Park, H.J.'      1 ? 
primary 'Yang, C.'        2 ? 
primary 'Treff, N.'       3 ? 
primary 'Satterlee, J.D.' 4 ? 
primary 'Kang, C.'        5 ? 
# 
loop_
_entity.id 
_entity.type 
_entity.src_method 
_entity.pdbx_description 
_entity.formula_weight 
_entity.pdbx_number_of_molecules 
_entity.pdbx_ec 
_entity.pdbx_mutation 
_entity.pdbx_fragment 
_entity.details 
1 polymer     nat 'monomer hemoglobin component IV' 15049.072 1  ? ? ? ? 
2 non-polymer syn 'PROTOPORPHYRIN IX CONTAINING FE' 616.487   1  ? ? ? ? 
3 water       nat water                             18.015    75 ? ? ? ? 
# 
_entity_name_com.entity_id   1 
_entity_name_com.name        GMH4 
# 
_entity_poly.entity_id                      1 
_entity_poly.type                           'polypeptide(L)' 
_entity_poly.nstd_linkage                   no 
_entity_poly.nstd_monomer                   no 
_entity_poly.pdbx_seq_one_letter_code       
;GLSAAQRQVVASTWKDIAGSDNGAGVGKECFTKFLSAHHDMAAVFGFSGASDPGVADLGAKVLAQIGVAVSHLGDEGKMV
AEMKAVGVRHKGYGNKHIKAEYFEPLGASLLSAMEHRIGGKMNAAAKDAWAAAYADISGALISGLQS
;
_entity_poly.pdbx_seq_one_letter_code_can   
;GLSAAQRQVVASTWKDIAGSDNGAGVGKECFTKFLSAHHDMAAVFGFSGASDPGVADLGAKVLAQIGVAVSHLGDEGKMV
AEMKAVGVRHKGYGNKHIKAEYFEPLGASLLSAMEHRIGGKMNAAAKDAWAAAYADISGALISGLQS
;
_entity_poly.pdbx_strand_id                 A 
_entity_poly.pdbx_target_identifier         ? 
# 
loop_
_pdbx_entity_nonpoly.entity_id 
_pdbx_entity_nonpoly.name 
_pdbx_entity_nonpoly.comp_id 
2 'PROTOPORPHYRIN IX CONTAINING FE' HEM 
3 water                             HOH 
# 
loop_
_entity_poly_seq.entity_id 
_entity_poly_seq.num 
_entity_poly_seq.mon_id 
_entity_poly_seq.hetero 
1 1   GLY n 
1 2   LEU n 
1 3   SER n 
1 4   ALA n 
1 5   ALA n 
1 6   GLN n 
1 7   ARG n 
1 8   GLN n 
1 9   VAL n 
1 10  VAL n 
1 11  ALA n 
1 12  SER n 
1 13  THR n 
1 14  TRP n 
1 15  LYS n 
1 16  ASP n 
1 17  ILE n 
1 18  ALA n 
1 19  GLY n 
1 20  SER n 
1 21  ASP n 
1 22  ASN n 
1 23  GLY n 
1 24  ALA n 
1 25  GLY n 
1 26  VAL n 
1 27  GLY n 
1 28  LYS n 
1 29  GLU n 
1 30  CYS n 
1 31  PHE n 
1 32  THR n 
1 33  LYS n 
1 34  PHE n 
1 35  LEU n 
1 36  SER n 
1 37  ALA n 
1 38  HIS n 
1 39  HIS n 
1 40  ASP n 
1 41  MET n 
1 42  ALA n 
1 43  ALA n 
1 44  VAL n 
1 45  PHE n 
1 46  GLY n 
1 47  PHE n 
1 48  SER n 
1 49  GLY n 
1 50  ALA n 
1 51  SER n 
1 52  ASP n 
1 53  PRO n 
1 54  GLY n 
1 55  VAL n 
1 56  ALA n 
1 57  ASP n 
1 58  LEU n 
1 59  GLY n 
1 60  ALA n 
1 61  LYS n 
1 62  VAL n 
1 63  LEU n 
1 64  ALA n 
1 65  GLN n 
1 66  ILE n 
1 67  GLY n 
1 68  VAL n 
1 69  ALA n 
1 70  VAL n 
1 71  SER n 
1 72  HIS n 
1 73  LEU n 
1 74  GLY n 
1 75  ASP n 
1 76  GLU n 
1 77  GLY n 
1 78  LYS n 
1 79  MET n 
1 80  VAL n 
1 81  ALA n 
1 82  GLU n 
1 83  MET n 
1 84  LYS n 
1 85  ALA n 
1 86  VAL n 
1 87  GLY n 
1 88  VAL n 
1 89  ARG n 
1 90  HIS n 
1 91  LYS n 
1 92  GLY n 
1 93  TYR n 
1 94  GLY n 
1 95  ASN n 
1 96  LYS n 
1 97  HIS n 
1 98  ILE n 
1 99  LYS n 
1 100 ALA n 
1 101 GLU n 
1 102 TYR n 
1 103 PHE n 
1 104 GLU n 
1 105 PRO n 
1 106 LEU n 
1 107 GLY n 
1 108 ALA n 
1 109 SER n 
1 110 LEU n 
1 111 LEU n 
1 112 SER n 
1 113 ALA n 
1 114 MET n 
1 115 GLU n 
1 116 HIS n 
1 117 ARG n 
1 118 ILE n 
1 119 GLY n 
1 120 GLY n 
1 121 LYS n 
1 122 MET n 
1 123 ASN n 
1 124 ALA n 
1 125 ALA n 
1 126 ALA n 
1 127 LYS n 
1 128 ASP n 
1 129 ALA n 
1 130 TRP n 
1 131 ALA n 
1 132 ALA n 
1 133 ALA n 
1 134 TYR n 
1 135 ALA n 
1 136 ASP n 
1 137 ILE n 
1 138 SER n 
1 139 GLY n 
1 140 ALA n 
1 141 LEU n 
1 142 ILE n 
1 143 SER n 
1 144 GLY n 
1 145 LEU n 
1 146 GLN n 
1 147 SER n 
# 
_entity_src_nat.entity_id                  1 
_entity_src_nat.pdbx_src_id                1 
_entity_src_nat.pdbx_alt_source_flag       sample 
_entity_src_nat.pdbx_beg_seq_num           ? 
_entity_src_nat.pdbx_end_seq_num           ? 
_entity_src_nat.common_name                ? 
_entity_src_nat.pdbx_organism_scientific   'Glycera dibranchiata' 
_entity_src_nat.pdbx_ncbi_taxonomy_id      6350 
_entity_src_nat.genus                      Glycera 
_entity_src_nat.species                    ? 
_entity_src_nat.strain                     ? 
_entity_src_nat.tissue                     ? 
_entity_src_nat.tissue_fraction            ? 
_entity_src_nat.pdbx_secretion             ? 
_entity_src_nat.pdbx_fragment              ? 
_entity_src_nat.pdbx_variant               ? 
_entity_src_nat.pdbx_cell_line             ? 
_entity_src_nat.pdbx_atcc                  ? 
_entity_src_nat.pdbx_cellular_location     ? 
_entity_src_nat.pdbx_organ                 ? 
_entity_src_nat.pdbx_organelle             ? 
_entity_src_nat.pdbx_cell                  ? 
_entity_src_nat.pdbx_plasmid_name          ? 
_entity_src_nat.pdbx_plasmid_details       ? 
_entity_src_nat.details                    ? 
# 
loop_
_chem_comp.id 
_chem_comp.type 
_chem_comp.mon_nstd_flag 
_chem_comp.name 
_chem_comp.pdbx_synonyms 
_chem_comp.formula 
_chem_comp.formula_weight 
ALA 'L-peptide linking' y ALANINE                           ?    'C3 H7 N O2'       89.093  
ARG 'L-peptide linking' y ARGININE                          ?    'C6 H15 N4 O2 1'   175.209 
ASN 'L-peptide linking' y ASPARAGINE                        ?    'C4 H8 N2 O3'      132.118 
ASP 'L-peptide linking' y 'ASPARTIC ACID'                   ?    'C4 H7 N O4'       133.103 
CYS 'L-peptide linking' y CYSTEINE                          ?    'C3 H7 N O2 S'     121.158 
GLN 'L-peptide linking' y GLUTAMINE                         ?    'C5 H10 N2 O3'     146.144 
GLU 'L-peptide linking' y 'GLUTAMIC ACID'                   ?    'C5 H9 N O4'       147.129 
GLY 'peptide linking'   y GLYCINE                           ?    'C2 H5 N O2'       75.067  
HEM non-polymer         . 'PROTOPORPHYRIN IX CONTAINING FE' HEME 'C34 H32 Fe N4 O4' 616.487 
HIS 'L-peptide linking' y HISTIDINE                         ?    'C6 H10 N3 O2 1'   156.162 
HOH non-polymer         . WATER                             ?    'H2 O'             18.015  
ILE 'L-peptide linking' y ISOLEUCINE                        ?    'C6 H13 N O2'      131.173 
LEU 'L-peptide linking' y LEUCINE                           ?    'C6 H13 N O2'      131.173 
LYS 'L-peptide linking' y LYSINE                            ?    'C6 H15 N2 O2 1'   147.195 
MET 'L-peptide linking' y METHIONINE                        ?    'C5 H11 N O2 S'    149.211 
PHE 'L-peptide linking' y PHENYLALANINE                     ?    'C9 H11 N O2'      165.189 
PRO 'L-peptide linking' y PROLINE                           ?    'C5 H9 N O2'       115.130 
SER 'L-peptide linking' y SERINE                            ?    'C3 H7 N O3'       105.093 
THR 'L-peptide linking' y THREONINE                         ?    'C4 H9 N O3'       119.119 
TRP 'L-peptide linking' y TRYPTOPHAN                        ?    'C11 H12 N2 O2'    204.225 
TYR 'L-peptide linking' y TYROSINE                          ?    'C9 H11 N O3'      181.189 
VAL 'L-peptide linking' y VALINE                            ?    'C5 H11 N O2'      117.146 
# 
loop_
_pdbx_poly_seq_scheme.asym_id 
_pdbx_poly_seq_scheme.entity_id 
_pdbx_poly_seq_scheme.seq_id 
_pdbx_poly_seq_scheme.mon_id 
_pdbx_poly_seq_scheme.ndb_seq_num 
_pdbx_poly_seq_scheme.pdb_seq_num 
_pdbx_poly_seq_scheme.auth_seq_num 
_pdbx_poly_seq_scheme.pdb_mon_id 
_pdbx_poly_seq_scheme.auth_mon_id 
_pdbx_poly_seq_scheme.pdb_strand_id 
_pdbx_poly_seq_scheme.pdb_ins_code 
_pdbx_poly_seq_scheme.hetero 
A 1 1   GLY 1   1   1   GLY GLY A . n 
A 1 2   LEU 2   2   2   LEU LEU A . n 
A 1 3   SER 3   3   3   SER SER A . n 
A 1 4   ALA 4   4   4   ALA ALA A . n 
A 1 5   ALA 5   5   5   ALA ALA A . n 
A 1 6   GLN 6   6   6   GLN GLN A . n 
A 1 7   ARG 7   7   7   ARG ARG A . n 
A 1 8   GLN 8   8   8   GLN GLN A . n 
A 1 9   VAL 9   9   9   VAL VAL A . n 
A 1 10  VAL 10  10  10  VAL VAL A . n 
A 1 11  ALA 11  11  11  ALA ALA A . n 
A 1 12  SER 12  12  12  SER SER A . n 
A 1 13  THR 13  13  13  THR THR A . n 
A 1 14  TRP 14  14  14  TRP TRP A . n 
A 1 15  LYS 15  15  15  LYS LYS A . n 
A 1 16  ASP 16  16  16  ASP ASP A . n 
A 1 17  ILE 17  17  17  ILE ILE A . n 
A 1 18  ALA 18  18  18  ALA ALA A . n 
A 1 19  GLY 19  19  19  GLY GLY A . n 
A 1 20  SER 20  20  20  SER SER A . n 
A 1 21  ASP 21  21  21  ASP ASP A . n 
A 1 22  ASN 22  22  22  ASN ASN A . n 
A 1 23  GLY 23  23  23  GLY GLY A . n 
A 1 24  ALA 24  24  24  ALA ALA A . n 
A 1 25  GLY 25  25  25  GLY GLY A . n 
A 1 26  VAL 26  26  26  VAL VAL A . n 
A 1 27  GLY 27  27  27  GLY GLY A . n 
A 1 28  LYS 28  28  28  LYS LYS A . n 
A 1 29  GLU 29  29  29  GLU GLU A . n 
A 1 30  CYS 30  30  30  CYS CYS A . n 
A 1 31  PHE 31  31  31  PHE PHE A . n 
A 1 32  THR 32  32  32  THR THR A . n 
A 1 33  LYS 33  33  33  LYS LYS A . n 
A 1 34  PHE 34  34  34  PHE PHE A . n 
A 1 35  LEU 35  35  35  LEU LEU A . n 
A 1 36  SER 36  36  36  SER SER A . n 
A 1 37  ALA 37  37  37  ALA ALA A . n 
A 1 38  HIS 38  38  38  HIS HIS A . n 
A 1 39  HIS 39  39  39  HIS HIS A . n 
A 1 40  ASP 40  40  40  ASP ASP A . n 
A 1 41  MET 41  41  41  MET MET A . n 
A 1 42  ALA 42  42  42  ALA ALA A . n 
A 1 43  ALA 43  43  43  ALA ALA A . n 
A 1 44  VAL 44  44  44  VAL VAL A . n 
A 1 45  PHE 45  45  45  PHE PHE A . n 
A 1 46  GLY 46  46  46  GLY GLY A . n 
A 1 47  PHE 47  47  47  PHE PHE A . n 
A 1 48  SER 48  48  48  SER SER A . n 
A 1 49  GLY 49  49  49  GLY GLY A . n 
A 1 50  ALA 50  50  50  ALA ALA A . n 
A 1 51  SER 51  51  51  SER SER A . n 
A 1 52  ASP 52  52  52  ASP ASP A . n 
A 1 53  PRO 53  53  53  PRO PRO A . n 
A 1 54  GLY 54  54  54  GLY GLY A . n 
A 1 55  VAL 55  55  55  VAL VAL A . n 
A 1 56  ALA 56  56  56  ALA ALA A . n 
A 1 57  ASP 57  57  57  ASP ASP A . n 
A 1 58  LEU 58  58  58  LEU LEU A . n 
A 1 59  GLY 59  59  59  GLY GLY A . n 
A 1 60  ALA 60  60  60  ALA ALA A . n 
A 1 61  LYS 61  61  61  LYS LYS A . n 
A 1 62  VAL 62  62  62  VAL VAL A . n 
A 1 63  LEU 63  63  63  LEU LEU A . n 
A 1 64  ALA 64  64  64  ALA ALA A . n 
A 1 65  GLN 65  65  65  GLN GLN A . n 
A 1 66  ILE 66  66  66  ILE ILE A . n 
A 1 67  GLY 67  67  67  GLY GLY A . n 
A 1 68  VAL 68  68  68  VAL VAL A . n 
A 1 69  ALA 69  69  69  ALA ALA A . n 
A 1 70  VAL 70  70  70  VAL VAL A . n 
A 1 71  SER 71  71  71  SER SER A . n 
A 1 72  HIS 72  72  72  HIS HIS A . n 
A 1 73  LEU 73  73  73  LEU LEU A . n 
A 1 74  GLY 74  74  74  GLY GLY A . n 
A 1 75  ASP 75  75  75  ASP ASP A . n 
A 1 76  GLU 76  76  76  GLU GLU A . n 
A 1 77  GLY 77  77  77  GLY GLY A . n 
A 1 78  LYS 78  78  78  LYS LYS A . n 
A 1 79  MET 79  79  79  MET MET A . n 
A 1 80  VAL 80  80  80  VAL VAL A . n 
A 1 81  ALA 81  81  81  ALA ALA A . n 
A 1 82  GLU 82  82  82  GLU GLU A . n 
A 1 83  MET 83  83  83  MET MET A . n 
A 1 84  LYS 84  84  84  LYS LYS A . n 
A 1 85  ALA 85  85  85  ALA ALA A . n 
A 1 86  VAL 86  86  86  VAL VAL A . n 
A 1 87  GLY 87  87  87  GLY GLY A . n 
A 1 88  VAL 88  88  88  VAL VAL A . n 
A 1 89  ARG 89  89  89  ARG ARG A . n 
A 1 90  HIS 90  90  90  HIS HIS A . n 
A 1 91  LYS 91  91  91  LYS LYS A . n 
A 1 92  GLY 92  92  92  GLY GLY A . n 
A 1 93  TYR 93  93  93  TYR TYR A . n 
A 1 94  GLY 94  94  94  GLY GLY A . n 
A 1 95  ASN 95  95  95  ASN ASN A . n 
A 1 96  LYS 96  96  96  LYS LYS A . n 
A 1 97  HIS 97  97  97  HIS HIS A . n 
A 1 98  ILE 98  98  98  ILE ILE A . n 
A 1 99  LYS 99  99  99  LYS LYS A . n 
A 1 100 ALA 100 100 100 ALA ALA A . n 
A 1 101 GLU 101 101 101 GLU GLU A . n 
A 1 102 TYR 102 102 102 TYR TYR A . n 
A 1 103 PHE 103 103 103 PHE PHE A . n 
A 1 104 GLU 104 104 104 GLU GLU A . n 
A 1 105 PRO 105 105 105 PRO PRO A . n 
A 1 106 LEU 106 106 106 LEU LEU A . n 
A 1 107 GLY 107 107 107 GLY GLY A . n 
A 1 108 ALA 108 108 108 ALA ALA A . n 
A 1 109 SER 109 109 109 SER SER A . n 
A 1 110 LEU 110 110 110 LEU LEU A . n 
A 1 111 LEU 111 111 111 LEU LEU A . n 
A 1 112 SER 112 112 112 SER SER A . n 
A 1 113 ALA 113 113 113 ALA ALA A . n 
A 1 114 MET 114 114 114 MET MET A . n 
A 1 115 GLU 115 115 115 GLU GLU A . n 
A 1 116 HIS 116 116 116 HIS HIS A . n 
A 1 117 ARG 117 117 117 ARG ARG A . n 
A 1 118 ILE 118 118 118 ILE ILE A . n 
A 1 119 GLY 119 119 119 GLY GLY A . n 
A 1 120 GLY 120 120 120 GLY GLY A . n 
A 1 121 LYS 121 121 121 LYS LYS A . n 
A 1 122 MET 122 122 122 MET MET A . n 
A 1 123 ASN 123 123 123 ASN ASN A . n 
A 1 124 ALA 124 124 124 ALA ALA A . n 
A 1 125 ALA 125 125 125 ALA ALA A . n 
A 1 126 ALA 126 126 126 ALA ALA A . n 
A 1 127 LYS 127 127 127 LYS LYS A . n 
A 1 128 ASP 128 128 128 ASP ASP A . n 
A 1 129 ALA 129 129 129 ALA ALA A . n 
A 1 130 TRP 130 130 130 TRP TRP A . n 
A 1 131 ALA 131 131 131 ALA ALA A . n 
A 1 132 ALA 132 132 132 ALA ALA A . n 
A 1 133 ALA 133 133 133 ALA ALA A . n 
A 1 134 TYR 134 134 134 TYR TYR A . n 
A 1 135 ALA 135 135 135 ALA ALA A . n 
A 1 136 ASP 136 136 136 ASP ASP A . n 
A 1 137 ILE 137 137 137 ILE ILE A . n 
A 1 138 SER 138 138 138 SER SER A . n 
A 1 139 GLY 139 139 139 GLY GLY A . n 
A 1 140 ALA 140 140 140 ALA ALA A . n 
A 1 141 LEU 141 141 141 LEU LEU A . n 
A 1 142 ILE 142 142 142 ILE ILE A . n 
A 1 143 SER 143 143 143 SER SER A . n 
A 1 144 GLY 144 144 144 GLY GLY A . n 
A 1 145 LEU 145 145 145 LEU LEU A . n 
A 1 146 GLN 146 146 146 GLN GLN A . n 
A 1 147 SER 147 147 147 SER SER A . n 
# 
loop_
_pdbx_nonpoly_scheme.asym_id 
_pdbx_nonpoly_scheme.entity_id 
_pdbx_nonpoly_scheme.mon_id 
_pdbx_nonpoly_scheme.ndb_seq_num 
_pdbx_nonpoly_scheme.pdb_seq_num 
_pdbx_nonpoly_scheme.auth_seq_num 
_pdbx_nonpoly_scheme.pdb_mon_id 
_pdbx_nonpoly_scheme.auth_mon_id 
_pdbx_nonpoly_scheme.pdb_strand_id 
_pdbx_nonpoly_scheme.pdb_ins_code 
B 2 HEM 1  148 148 HEM HEM A . 
C 3 HOH 1  201 201 HOH HOH A . 
C 3 HOH 2  202 202 HOH HOH A . 
C 3 HOH 3  203 203 HOH HOH A . 
C 3 HOH 4  204 204 HOH HOH A . 
C 3 HOH 5  205 205 HOH HOH A . 
C 3 HOH 6  206 206 HOH HOH A . 
C 3 HOH 7  207 207 HOH HOH A . 
C 3 HOH 8  208 208 HOH HOH A . 
C 3 HOH 9  209 209 HOH HOH A . 
C 3 HOH 10 210 210 HOH HOH A . 
C 3 HOH 11 211 211 HOH HOH A . 
C 3 HOH 12 212 212 HOH HOH A . 
C 3 HOH 13 213 213 HOH HOH A . 
C 3 HOH 14 214 214 HOH HOH A . 
C 3 HOH 15 215 215 HOH HOH A . 
C 3 HOH 16 216 216 HOH HOH A . 
C 3 HOH 17 217 217 HOH HOH A . 
C 3 HOH 18 218 218 HOH HOH A . 
C 3 HOH 19 219 219 HOH HOH A . 
C 3 HOH 20 220 220 HOH HOH A . 
C 3 HOH 21 221 221 HOH HOH A . 
C 3 HOH 22 222 222 HOH HOH A . 
C 3 HOH 23 223 223 HOH HOH A . 
C 3 HOH 24 224 224 HOH HOH A . 
C 3 HOH 25 225 225 HOH HOH A . 
C 3 HOH 26 226 226 HOH HOH A . 
C 3 HOH 27 227 227 HOH HOH A . 
C 3 HOH 28 228 228 HOH HOH A . 
C 3 HOH 29 229 229 HOH HOH A . 
C 3 HOH 30 230 230 HOH HOH A . 
C 3 HOH 31 231 231 HOH HOH A . 
C 3 HOH 32 232 232 HOH HOH A . 
C 3 HOH 33 233 233 HOH HOH A . 
C 3 HOH 34 234 234 HOH HOH A . 
C 3 HOH 35 235 235 HOH HOH A . 
C 3 HOH 36 236 236 HOH HOH A . 
C 3 HOH 37 237 237 HOH HOH A . 
C 3 HOH 38 238 238 HOH HOH A . 
C 3 HOH 39 239 239 HOH HOH A . 
C 3 HOH 40 240 240 HOH HOH A . 
C 3 HOH 41 241 241 HOH HOH A . 
C 3 HOH 42 242 242 HOH HOH A . 
C 3 HOH 43 243 243 HOH HOH A . 
C 3 HOH 44 244 244 HOH HOH A . 
C 3 HOH 45 245 245 HOH HOH A . 
C 3 HOH 46 246 246 HOH HOH A . 
C 3 HOH 47 247 247 HOH HOH A . 
C 3 HOH 48 248 248 HOH HOH A . 
C 3 HOH 49 249 249 HOH HOH A . 
C 3 HOH 50 250 250 HOH HOH A . 
C 3 HOH 51 251 251 HOH HOH A . 
C 3 HOH 52 252 252 HOH HOH A . 
C 3 HOH 53 253 253 HOH HOH A . 
C 3 HOH 54 254 254 HOH HOH A . 
C 3 HOH 55 255 255 HOH HOH A . 
C 3 HOH 56 256 256 HOH HOH A . 
C 3 HOH 57 257 257 HOH HOH A . 
C 3 HOH 58 258 258 HOH HOH A . 
C 3 HOH 59 259 259 HOH HOH A . 
C 3 HOH 60 260 260 HOH HOH A . 
C 3 HOH 61 261 261 HOH HOH A . 
C 3 HOH 62 262 262 HOH HOH A . 
C 3 HOH 63 263 263 HOH HOH A . 
C 3 HOH 64 264 264 HOH HOH A . 
C 3 HOH 65 265 265 HOH HOH A . 
C 3 HOH 66 266 266 HOH HOH A . 
C 3 HOH 67 267 267 HOH HOH A . 
C 3 HOH 68 268 268 HOH HOH A . 
C 3 HOH 69 269 269 HOH HOH A . 
C 3 HOH 70 270 270 HOH HOH A . 
C 3 HOH 71 271 271 HOH HOH A . 
C 3 HOH 72 272 272 HOH HOH A . 
C 3 HOH 73 273 273 HOH HOH A . 
C 3 HOH 74 274 274 HOH HOH A . 
C 3 HOH 75 275 275 HOH HOH A . 
# 
loop_
_software.name 
_software.classification 
_software.version 
_software.citation_id 
_software.pdbx_ordinal 
DENZO     'data reduction' .     ? 1 
SCALEPACK 'data scaling'   .     ? 2 
X-PLOR    'model building' .     ? 3 
X-PLOR    refinement       3.851 ? 4 
X-PLOR    phasing          .     ? 5 
# 
_cell.entry_id           1JF4 
_cell.length_a           60.94 
_cell.length_b           33.00 
_cell.length_c           40.76 
_cell.angle_alpha        90 
_cell.angle_beta         109.61 
_cell.angle_gamma        90 
_cell.Z_PDB              2 
_cell.pdbx_unique_axis   ? 
# 
_symmetry.entry_id                         1JF4 
_symmetry.space_group_name_H-M             'P 1 21 1' 
_symmetry.pdbx_full_space_group_name_H-M   ? 
_symmetry.cell_setting                     ? 
_symmetry.Int_Tables_number                4 
# 
_exptl.entry_id          1JF4 
_exptl.method            'X-RAY DIFFRACTION' 
_exptl.crystals_number   1 
# 
_exptl_crystal.id                    1 
_exptl_crystal.density_meas          ? 
_exptl_crystal.density_Matthews      2.57 
_exptl_crystal.density_percent_sol   52.05 
_exptl_crystal.description           ? 
# 
_exptl_crystal_grow.crystal_id      1 
_exptl_crystal_grow.method          'VAPOR DIFFUSION, HANGING DROP' 
_exptl_crystal_grow.temp            277 
_exptl_crystal_grow.temp_details    ? 
_exptl_crystal_grow.pH              4.6 
_exptl_crystal_grow.pdbx_details    
'PEG 4000, sodium acetate, ammonium sulfate, pH 4.6, VAPOR DIFFUSION, HANGING DROP, temperature 277K' 
_exptl_crystal_grow.pdbx_pH_range   . 
# 
_diffrn.id                     1 
_diffrn.ambient_temp           277 
_diffrn.ambient_temp_details   ? 
_diffrn.crystal_id             1 
# 
_diffrn_detector.diffrn_id              1 
_diffrn_detector.detector               'IMAGE PLATE' 
_diffrn_detector.type                   'RIGAKU RAXIS IIC' 
_diffrn_detector.pdbx_collection_date   2000-03-07 
_diffrn_detector.details                mirror 
# 
_diffrn_radiation.diffrn_id                        1 
_diffrn_radiation.wavelength_id                    1 
_diffrn_radiation.pdbx_monochromatic_or_laue_m_l   M 
_diffrn_radiation.monochromator                    'YALE MIRRORS' 
_diffrn_radiation.pdbx_diffrn_protocol             'SINGLE WAVELENGTH' 
_diffrn_radiation.pdbx_scattering_type             x-ray 
# 
_diffrn_radiation_wavelength.id           1 
_diffrn_radiation_wavelength.wavelength   1.5418 
_diffrn_radiation_wavelength.wt           1.0 
# 
_diffrn_source.diffrn_id                   1 
_diffrn_source.source                      'ROTATING ANODE' 
_diffrn_source.type                        RIGAKU 
_diffrn_source.pdbx_synchrotron_site       ? 
_diffrn_source.pdbx_synchrotron_beamline   ? 
_diffrn_source.pdbx_wavelength             ? 
_diffrn_source.pdbx_wavelength_list        1.5418 
# 
_reflns.entry_id                     1JF4 
_reflns.observed_criterion_sigma_I   2.0 
_reflns.observed_criterion_sigma_F   2.0 
_reflns.d_resolution_low             30 
_reflns.d_resolution_high            1.4 
_reflns.number_obs                   11627 
_reflns.number_all                   12323 
_reflns.percent_possible_obs         94.4 
_reflns.pdbx_Rmerge_I_obs            0.0490000 
_reflns.pdbx_Rsym_value              ? 
_reflns.pdbx_netI_over_sigmaI        ? 
_reflns.B_iso_Wilson_estimate        ? 
_reflns.pdbx_redundancy              3.5 
_reflns.R_free_details               ? 
_reflns.limit_h_max                  ? 
_reflns.limit_h_min                  ? 
_reflns.limit_k_max                  ? 
_reflns.limit_k_min                  ? 
_reflns.limit_l_max                  ? 
_reflns.limit_l_min                  ? 
_reflns.observed_criterion_F_max     ? 
_reflns.observed_criterion_F_min     ? 
_reflns.pdbx_diffrn_id               1 
_reflns.pdbx_ordinal                 1 
# 
_reflns_shell.d_res_high             1.4 
_reflns_shell.d_res_low              30 
_reflns_shell.percent_possible_all   90 
_reflns_shell.Rmerge_I_obs           ? 
_reflns_shell.pdbx_Rsym_value        ? 
_reflns_shell.meanI_over_sigI_obs    ? 
_reflns_shell.pdbx_redundancy        3.5 
_reflns_shell.percent_possible_obs   ? 
_reflns_shell.number_unique_all      ? 
_reflns_shell.pdbx_diffrn_id         ? 
_reflns_shell.pdbx_ordinal           1 
# 
_refine.entry_id                                 1JF4 
_refine.ls_number_reflns_obs                     11172 
_refine.ls_number_reflns_all                     11464 
_refine.pdbx_ls_sigma_I                          2.0 
_refine.pdbx_ls_sigma_F                          2.0 
_refine.pdbx_data_cutoff_high_absF               ? 
_refine.pdbx_data_cutoff_low_absF                ? 
_refine.ls_d_res_low                             10 
_refine.ls_d_res_high                            1.4 
_refine.ls_percent_reflns_obs                    ? 
_refine.ls_R_factor_obs                          ? 
_refine.ls_R_factor_all                          ? 
_refine.ls_R_factor_R_work                       0.1890000 
_refine.ls_R_factor_R_free                       0.2130000 
_refine.ls_R_factor_R_free_error                 ? 
_refine.ls_R_factor_R_free_error_details         ? 
_refine.ls_percent_reflns_R_free                 14.3 
_refine.ls_number_reflns_R_free                  1602 
_refine.ls_number_parameters                     ? 
_refine.ls_number_restraints                     ? 
_refine.occupancy_min                            ? 
_refine.occupancy_max                            ? 
_refine.B_iso_mean                               ? 
_refine.aniso_B[1][1]                            ? 
_refine.aniso_B[2][2]                            ? 
_refine.aniso_B[3][3]                            ? 
_refine.aniso_B[1][2]                            ? 
_refine.aniso_B[1][3]                            ? 
_refine.aniso_B[2][3]                            ? 
_refine.solvent_model_details                    ? 
_refine.solvent_model_param_ksol                 ? 
_refine.solvent_model_param_bsol                 ? 
_refine.pdbx_ls_cross_valid_method               ? 
_refine.details                                  ? 
_refine.pdbx_starting_model                      ? 
_refine.pdbx_method_to_determine_struct          'MOLECULAR REPLACEMENT' 
_refine.pdbx_isotropic_thermal_model             ? 
_refine.pdbx_stereochemistry_target_values       ? 
_refine.pdbx_stereochem_target_val_spec_case     ? 
_refine.pdbx_R_Free_selection_details            RANDOM 
_refine.pdbx_overall_ESU_R_Free                  ? 
_refine.overall_SU_B                             ? 
_refine.ls_redundancy_reflns_obs                 ? 
_refine.B_iso_min                                ? 
_refine.B_iso_max                                ? 
_refine.correlation_coeff_Fo_to_Fc               ? 
_refine.overall_SU_R_Cruickshank_DPI             ? 
_refine.overall_SU_R_free                        ? 
_refine.overall_SU_ML                            ? 
_refine.pdbx_overall_ESU_R                       ? 
_refine.pdbx_data_cutoff_high_rms_absF           ? 
_refine.correlation_coeff_Fo_to_Fc_free          ? 
_refine.pdbx_solvent_vdw_probe_radii             ? 
_refine.pdbx_solvent_ion_probe_radii             ? 
_refine.pdbx_solvent_shrinkage_radii             ? 
_refine.pdbx_refine_id                           'X-RAY DIFFRACTION' 
_refine.pdbx_diffrn_id                           1 
_refine.pdbx_TLS_residual_ADP_flag               ? 
_refine.pdbx_overall_phase_error                 ? 
_refine.pdbx_overall_SU_R_free_Cruickshank_DPI   ? 
_refine.pdbx_overall_SU_R_Blow_DPI               ? 
_refine.pdbx_overall_SU_R_free_Blow_DPI          ? 
# 
_refine_hist.pdbx_refine_id                   'X-RAY DIFFRACTION' 
_refine_hist.cycle_id                         LAST 
_refine_hist.pdbx_number_atoms_protein        1056 
_refine_hist.pdbx_number_atoms_nucleic_acid   0 
_refine_hist.pdbx_number_atoms_ligand         43 
_refine_hist.number_atoms_solvent             75 
_refine_hist.number_atoms_total               1174 
_refine_hist.d_res_high                       1.4 
_refine_hist.d_res_low                        10 
# 
loop_
_refine_ls_restr.type 
_refine_ls_restr.dev_ideal 
_refine_ls_restr.dev_ideal_target 
_refine_ls_restr.weight 
_refine_ls_restr.number 
_refine_ls_restr.pdbx_refine_id 
_refine_ls_restr.pdbx_restraint_function 
x_bond_d  0.010 ? ? ? 'X-RAY DIFFRACTION' ? 
x_angle_d 2.255 ? ? ? 'X-RAY DIFFRACTION' ? 
# 
_struct.entry_id                  1JF4 
_struct.title                     'Crystal Structure Of Component IV Glycera Dibranchiata Monomeric Hemoglobin' 
_struct.pdbx_model_details        ? 
_struct.pdbx_CASP_flag            ? 
_struct.pdbx_model_type_details   ? 
# 
_struct_keywords.entry_id        1JF4 
_struct_keywords.pdbx_keywords   'OXYGEN STORAGE/TRANSPORT' 
_struct_keywords.text            'Glycera, monomer hemoglobin, OXYGEN STORAGE-TRANSPORT COMPLEX' 
# 
loop_
_struct_asym.id 
_struct_asym.pdbx_blank_PDB_chainid_flag 
_struct_asym.pdbx_modified 
_struct_asym.entity_id 
_struct_asym.details 
A N N 1 ? 
B N N 2 ? 
C N N 3 ? 
# 
_struct_ref.id                         1 
_struct_ref.db_name                    UNP 
_struct_ref.db_code                    GLB4_GLYDI 
_struct_ref.entity_id                  1 
_struct_ref.pdbx_seq_one_letter_code   
;GLSAAQRQVVASTWKDIAGSDNGAGVGKECFTKFLSAHHDMAAVFGFSGASDPGVADLGAKVLAQIGVAVSHLGDEGKMV
AEMKAVGVRHKGYGNKHIKAEYFEPLGASLLSAMEHRIGGKMNAAAKDAWAAAYADISGALISGLQS
;
_struct_ref.pdbx_align_begin           1 
_struct_ref.pdbx_db_accession          P15447 
_struct_ref.pdbx_db_isoform            ? 
# 
_struct_ref_seq.align_id                      1 
_struct_ref_seq.ref_id                        1 
_struct_ref_seq.pdbx_PDB_id_code              1JF4 
_struct_ref_seq.pdbx_strand_id                A 
_struct_ref_seq.seq_align_beg                 1 
_struct_ref_seq.pdbx_seq_align_beg_ins_code   ? 
_struct_ref_seq.seq_align_end                 147 
_struct_ref_seq.pdbx_seq_align_end_ins_code   ? 
_struct_ref_seq.pdbx_db_accession             P15447 
_struct_ref_seq.db_align_beg                  1 
_struct_ref_seq.pdbx_db_align_beg_ins_code    ? 
_struct_ref_seq.db_align_end                  147 
_struct_ref_seq.pdbx_db_align_end_ins_code    ? 
_struct_ref_seq.pdbx_auth_seq_align_beg       1 
_struct_ref_seq.pdbx_auth_seq_align_end       147 
# 
_pdbx_struct_assembly.id                   1 
_pdbx_struct_assembly.details              author_defined_assembly 
_pdbx_struct_assembly.method_details       ? 
_pdbx_struct_assembly.oligomeric_details   monomeric 
_pdbx_struct_assembly.oligomeric_count     1 
# 
_pdbx_struct_assembly_gen.assembly_id       1 
_pdbx_struct_assembly_gen.oper_expression   1 
_pdbx_struct_assembly_gen.asym_id_list      A,B,C 
# 
_pdbx_struct_oper_list.id                   1 
_pdbx_struct_oper_list.type                 'identity operation' 
_pdbx_struct_oper_list.name                 1_555 
_pdbx_struct_oper_list.symmetry_operation   x,y,z 
_pdbx_struct_oper_list.matrix[1][1]         1.0000000000 
_pdbx_struct_oper_list.matrix[1][2]         0.0000000000 
_pdbx_struct_oper_list.matrix[1][3]         0.0000000000 
_pdbx_struct_oper_list.vector[1]            0.0000000000 
_pdbx_struct_oper_list.matrix[2][1]         0.0000000000 
_pdbx_struct_oper_list.matrix[2][2]         1.0000000000 
_pdbx_struct_oper_list.matrix[2][3]         0.0000000000 
_pdbx_struct_oper_list.vector[2]            0.0000000000 
_pdbx_struct_oper_list.matrix[3][1]         0.0000000000 
_pdbx_struct_oper_list.matrix[3][2]         0.0000000000 
_pdbx_struct_oper_list.matrix[3][3]         1.0000000000 
_pdbx_struct_oper_list.vector[3]            0.0000000000 
# 
_struct_biol.id                    1 
_struct_biol.pdbx_parent_biol_id   ? 
_struct_biol.details               ? 
# 
loop_
_struct_conf.conf_type_id 
_struct_conf.id 
_struct_conf.pdbx_PDB_helix_id 
_struct_conf.beg_label_comp_id 
_struct_conf.beg_label_asym_id 
_struct_conf.beg_label_seq_id 
_struct_conf.pdbx_beg_PDB_ins_code 
_struct_conf.end_label_comp_id 
_struct_conf.end_label_asym_id 
_struct_conf.end_label_seq_id 
_struct_conf.pdbx_end_PDB_ins_code 
_struct_conf.beg_auth_comp_id 
_struct_conf.beg_auth_asym_id 
_struct_conf.beg_auth_seq_id 
_struct_conf.end_auth_comp_id 
_struct_conf.end_auth_asym_id 
_struct_conf.end_auth_seq_id 
_struct_conf.pdbx_PDB_helix_class 
_struct_conf.details 
_struct_conf.pdbx_PDB_helix_length 
HELX_P HELX_P1  1  SER A 3   ? GLY A 19  ? SER A 3   GLY A 19  1 ? 17 
HELX_P HELX_P2  2  GLY A 23  ? HIS A 38  ? GLY A 23  HIS A 38  1 ? 16 
HELX_P HELX_P3  3  MET A 41  ? GLY A 46  ? MET A 41  GLY A 46  1 ? 6  
HELX_P HELX_P4  4  PRO A 53  ? HIS A 72  ? PRO A 53  HIS A 72  1 ? 20 
HELX_P HELX_P5  5  ASP A 75  ? HIS A 90  ? ASP A 75  HIS A 90  1 ? 16 
HELX_P HELX_P6  6  LYS A 91  ? TYR A 93  ? LYS A 91  TYR A 93  5 ? 3  
HELX_P HELX_P7  7  LYS A 99  ? GLU A 101 ? LYS A 99  GLU A 101 5 ? 3  
HELX_P HELX_P8  8  TYR A 102 ? GLY A 119 ? TYR A 102 GLY A 119 1 ? 18 
HELX_P HELX_P9  9  GLY A 120 ? MET A 122 ? GLY A 120 MET A 122 5 ? 3  
HELX_P HELX_P10 10 ASN A 123 ? GLN A 146 ? ASN A 123 GLN A 146 1 ? 24 
# 
_struct_conf_type.id          HELX_P 
_struct_conf_type.criteria    ? 
_struct_conf_type.reference   ? 
# 
_struct_conn.id                            metalc1 
_struct_conn.conn_type_id                  metalc 
_struct_conn.pdbx_leaving_atom_flag        ? 
_struct_conn.pdbx_PDB_id                   ? 
_struct_conn.ptnr1_label_asym_id           A 
_struct_conn.ptnr1_label_comp_id           HIS 
_struct_conn.ptnr1_label_seq_id            90 
_struct_conn.ptnr1_label_atom_id           NE2 
_struct_conn.pdbx_ptnr1_label_alt_id       ? 
_struct_conn.pdbx_ptnr1_PDB_ins_code       ? 
_struct_conn.pdbx_ptnr1_standard_comp_id   ? 
_struct_conn.ptnr1_symmetry                1_555 
_struct_conn.ptnr2_label_asym_id           B 
_struct_conn.ptnr2_label_comp_id           HEM 
_struct_conn.ptnr2_label_seq_id            . 
_struct_conn.ptnr2_label_atom_id           FE 
_struct_conn.pdbx_ptnr2_label_alt_id       ? 
_struct_conn.pdbx_ptnr2_PDB_ins_code       ? 
_struct_conn.ptnr1_auth_asym_id            A 
_struct_conn.ptnr1_auth_comp_id            HIS 
_struct_conn.ptnr1_auth_seq_id             90 
_struct_conn.ptnr2_auth_asym_id            A 
_struct_conn.ptnr2_auth_comp_id            HEM 
_struct_conn.ptnr2_auth_seq_id             148 
_struct_conn.ptnr2_symmetry                1_555 
_struct_conn.pdbx_ptnr3_label_atom_id      ? 
_struct_conn.pdbx_ptnr3_label_seq_id       ? 
_struct_conn.pdbx_ptnr3_label_comp_id      ? 
_struct_conn.pdbx_ptnr3_label_asym_id      ? 
_struct_conn.pdbx_ptnr3_label_alt_id       ? 
_struct_conn.pdbx_ptnr3_PDB_ins_code       ? 
_struct_conn.details                       ? 
_struct_conn.pdbx_dist_value               2.268 
_struct_conn.pdbx_value_order              ? 
_struct_conn.pdbx_role                     ? 
# 
_struct_conn_type.id          metalc 
_struct_conn_type.criteria    ? 
_struct_conn_type.reference   ? 
# 
loop_
_pdbx_struct_conn_angle.id 
_pdbx_struct_conn_angle.ptnr1_label_atom_id 
_pdbx_struct_conn_angle.ptnr1_label_alt_id 
_pdbx_struct_conn_angle.ptnr1_label_asym_id 
_pdbx_struct_conn_angle.ptnr1_label_comp_id 
_pdbx_struct_conn_angle.ptnr1_label_seq_id 
_pdbx_struct_conn_angle.ptnr1_auth_atom_id 
_pdbx_struct_conn_angle.ptnr1_auth_asym_id 
_pdbx_struct_conn_angle.ptnr1_auth_comp_id 
_pdbx_struct_conn_angle.ptnr1_auth_seq_id 
_pdbx_struct_conn_angle.ptnr1_PDB_ins_code 
_pdbx_struct_conn_angle.ptnr1_symmetry 
_pdbx_struct_conn_angle.ptnr2_label_atom_id 
_pdbx_struct_conn_angle.ptnr2_label_alt_id 
_pdbx_struct_conn_angle.ptnr2_label_asym_id 
_pdbx_struct_conn_angle.ptnr2_label_comp_id 
_pdbx_struct_conn_angle.ptnr2_label_seq_id 
_pdbx_struct_conn_angle.ptnr2_auth_atom_id 
_pdbx_struct_conn_angle.ptnr2_auth_asym_id 
_pdbx_struct_conn_angle.ptnr2_auth_comp_id 
_pdbx_struct_conn_angle.ptnr2_auth_seq_id 
_pdbx_struct_conn_angle.ptnr2_PDB_ins_code 
_pdbx_struct_conn_angle.ptnr2_symmetry 
_pdbx_struct_conn_angle.ptnr3_label_atom_id 
_pdbx_struct_conn_angle.ptnr3_label_alt_id 
_pdbx_struct_conn_angle.ptnr3_label_asym_id 
_pdbx_struct_conn_angle.ptnr3_label_comp_id 
_pdbx_struct_conn_angle.ptnr3_label_seq_id 
_pdbx_struct_conn_angle.ptnr3_auth_atom_id 
_pdbx_struct_conn_angle.ptnr3_auth_asym_id 
_pdbx_struct_conn_angle.ptnr3_auth_comp_id 
_pdbx_struct_conn_angle.ptnr3_auth_seq_id 
_pdbx_struct_conn_angle.ptnr3_PDB_ins_code 
_pdbx_struct_conn_angle.ptnr3_symmetry 
_pdbx_struct_conn_angle.value 
_pdbx_struct_conn_angle.value_esd 
1  NE2 ? A HIS 90 ? A HIS 90  ? 1_555 FE ? B HEM . ? A HEM 148 ? 1_555 NA ? B HEM . ? A HEM 148 ? 1_555 94.2  ? 
2  NE2 ? A HIS 90 ? A HIS 90  ? 1_555 FE ? B HEM . ? A HEM 148 ? 1_555 NB ? B HEM . ? A HEM 148 ? 1_555 99.6  ? 
3  NA  ? B HEM .  ? A HEM 148 ? 1_555 FE ? B HEM . ? A HEM 148 ? 1_555 NB ? B HEM . ? A HEM 148 ? 1_555 89.3  ? 
4  NE2 ? A HIS 90 ? A HIS 90  ? 1_555 FE ? B HEM . ? A HEM 148 ? 1_555 NC ? B HEM . ? A HEM 148 ? 1_555 101.1 ? 
5  NA  ? B HEM .  ? A HEM 148 ? 1_555 FE ? B HEM . ? A HEM 148 ? 1_555 NC ? B HEM . ? A HEM 148 ? 1_555 164.6 ? 
6  NB  ? B HEM .  ? A HEM 148 ? 1_555 FE ? B HEM . ? A HEM 148 ? 1_555 NC ? B HEM . ? A HEM 148 ? 1_555 89.5  ? 
7  NE2 ? A HIS 90 ? A HIS 90  ? 1_555 FE ? B HEM . ? A HEM 148 ? 1_555 ND ? B HEM . ? A HEM 148 ? 1_555 91.2  ? 
8  NA  ? B HEM .  ? A HEM 148 ? 1_555 FE ? B HEM . ? A HEM 148 ? 1_555 ND ? B HEM . ? A HEM 148 ? 1_555 89.9  ? 
9  NB  ? B HEM .  ? A HEM 148 ? 1_555 FE ? B HEM . ? A HEM 148 ? 1_555 ND ? B HEM . ? A HEM 148 ? 1_555 169.2 ? 
10 NC  ? B HEM .  ? A HEM 148 ? 1_555 FE ? B HEM . ? A HEM 148 ? 1_555 ND ? B HEM . ? A HEM 148 ? 1_555 88.4  ? 
# 
_struct_site.id                   AC1 
_struct_site.pdbx_evidence_code   Software 
_struct_site.pdbx_auth_asym_id    A 
_struct_site.pdbx_auth_comp_id    HEM 
_struct_site.pdbx_auth_seq_id     148 
_struct_site.pdbx_auth_ins_code   ? 
_struct_site.pdbx_num_residues    11 
_struct_site.details              'BINDING SITE FOR RESIDUE HEM A 148' 
# 
loop_
_struct_site_gen.id 
_struct_site_gen.site_id 
_struct_site_gen.pdbx_num_res 
_struct_site_gen.label_comp_id 
_struct_site_gen.label_asym_id 
_struct_site_gen.label_seq_id 
_struct_site_gen.pdbx_auth_ins_code 
_struct_site_gen.auth_comp_id 
_struct_site_gen.auth_asym_id 
_struct_site_gen.auth_seq_id 
_struct_site_gen.label_atom_id 
_struct_site_gen.label_alt_id 
_struct_site_gen.symmetry 
_struct_site_gen.details 
1  AC1 11 PHE A 45  ? PHE A 45  . ? 1_555 ? 
2  AC1 11 LEU A 58  ? LEU A 58  . ? 1_555 ? 
3  AC1 11 LYS A 61  ? LYS A 61  . ? 1_555 ? 
4  AC1 11 VAL A 62  ? VAL A 62  . ? 1_555 ? 
5  AC1 11 GLN A 65  ? GLN A 65  . ? 1_555 ? 
6  AC1 11 ARG A 89  ? ARG A 89  . ? 1_555 ? 
7  AC1 11 HIS A 90  ? HIS A 90  . ? 1_555 ? 
8  AC1 11 TYR A 93  ? TYR A 93  . ? 1_555 ? 
9  AC1 11 GLY A 94  ? GLY A 94  . ? 1_555 ? 
10 AC1 11 PHE A 103 ? PHE A 103 . ? 1_555 ? 
11 AC1 11 LEU A 141 ? LEU A 141 . ? 1_555 ? 
# 
loop_
_pdbx_validate_rmsd_bond.id 
_pdbx_validate_rmsd_bond.PDB_model_num 
_pdbx_validate_rmsd_bond.auth_atom_id_1 
_pdbx_validate_rmsd_bond.auth_asym_id_1 
_pdbx_validate_rmsd_bond.auth_comp_id_1 
_pdbx_validate_rmsd_bond.auth_seq_id_1 
_pdbx_validate_rmsd_bond.PDB_ins_code_1 
_pdbx_validate_rmsd_bond.label_alt_id_1 
_pdbx_validate_rmsd_bond.auth_atom_id_2 
_pdbx_validate_rmsd_bond.auth_asym_id_2 
_pdbx_validate_rmsd_bond.auth_comp_id_2 
_pdbx_validate_rmsd_bond.auth_seq_id_2 
_pdbx_validate_rmsd_bond.PDB_ins_code_2 
_pdbx_validate_rmsd_bond.label_alt_id_2 
_pdbx_validate_rmsd_bond.bond_value 
_pdbx_validate_rmsd_bond.bond_target_value 
_pdbx_validate_rmsd_bond.bond_deviation 
_pdbx_validate_rmsd_bond.bond_standard_deviation 
_pdbx_validate_rmsd_bond.linker_flag 
1 1 NE2 A HIS 38  ? ? CD2 A HIS 38  ? ? 1.304 1.373 -0.069 0.011 N 
2 1 NE2 A HIS 39  ? ? CD2 A HIS 39  ? ? 1.304 1.373 -0.069 0.011 N 
3 1 NE2 A HIS 72  ? ? CD2 A HIS 72  ? ? 1.303 1.373 -0.070 0.011 N 
4 1 NE2 A HIS 97  ? ? CD2 A HIS 97  ? ? 1.300 1.373 -0.073 0.011 N 
5 1 NE2 A HIS 116 ? ? CD2 A HIS 116 ? ? 1.304 1.373 -0.069 0.011 N 
# 
loop_
_pdbx_validate_rmsd_angle.id 
_pdbx_validate_rmsd_angle.PDB_model_num 
_pdbx_validate_rmsd_angle.auth_atom_id_1 
_pdbx_validate_rmsd_angle.auth_asym_id_1 
_pdbx_validate_rmsd_angle.auth_comp_id_1 
_pdbx_validate_rmsd_angle.auth_seq_id_1 
_pdbx_validate_rmsd_angle.PDB_ins_code_1 
_pdbx_validate_rmsd_angle.label_alt_id_1 
_pdbx_validate_rmsd_angle.auth_atom_id_2 
_pdbx_validate_rmsd_angle.auth_asym_id_2 
_pdbx_validate_rmsd_angle.auth_comp_id_2 
_pdbx_validate_rmsd_angle.auth_seq_id_2 
_pdbx_validate_rmsd_angle.PDB_ins_code_2 
_pdbx_validate_rmsd_angle.label_alt_id_2 
_pdbx_validate_rmsd_angle.auth_atom_id_3 
_pdbx_validate_rmsd_angle.auth_asym_id_3 
_pdbx_validate_rmsd_angle.auth_comp_id_3 
_pdbx_validate_rmsd_angle.auth_seq_id_3 
_pdbx_validate_rmsd_angle.PDB_ins_code_3 
_pdbx_validate_rmsd_angle.label_alt_id_3 
_pdbx_validate_rmsd_angle.angle_value 
_pdbx_validate_rmsd_angle.angle_target_value 
_pdbx_validate_rmsd_angle.angle_deviation 
_pdbx_validate_rmsd_angle.angle_standard_deviation 
_pdbx_validate_rmsd_angle.linker_flag 
1 1 CD1 A TRP 14  ? ? CG  A TRP 14  ? ? CD2 A TRP 14  ? ? 112.21 106.30 5.91  0.80 N 
2 1 CE2 A TRP 14  ? ? CD2 A TRP 14  ? ? CG  A TRP 14  ? ? 101.19 107.30 -6.11 0.80 N 
3 1 CD1 A TRP 130 ? ? CG  A TRP 130 ? ? CD2 A TRP 130 ? ? 111.70 106.30 5.40  0.80 N 
4 1 CE2 A TRP 130 ? ? CD2 A TRP 130 ? ? CG  A TRP 130 ? ? 101.75 107.30 -5.55 0.80 N 
# 
loop_
_pdbx_validate_torsion.id 
_pdbx_validate_torsion.PDB_model_num 
_pdbx_validate_torsion.auth_comp_id 
_pdbx_validate_torsion.auth_asym_id 
_pdbx_validate_torsion.auth_seq_id 
_pdbx_validate_torsion.PDB_ins_code 
_pdbx_validate_torsion.label_alt_id 
_pdbx_validate_torsion.phi 
_pdbx_validate_torsion.psi 
1 1 LEU A 2  ? ? 74.82  117.96 
2 1 LYS A 96 ? ? -83.02 38.06  
# 
loop_
_chem_comp_atom.comp_id 
_chem_comp_atom.atom_id 
_chem_comp_atom.type_symbol 
_chem_comp_atom.pdbx_aromatic_flag 
_chem_comp_atom.pdbx_stereo_config 
_chem_comp_atom.pdbx_ordinal 
ALA N    N  N N 1   
ALA CA   C  N S 2   
ALA C    C  N N 3   
ALA O    O  N N 4   
ALA CB   C  N N 5   
ALA OXT  O  N N 6   
ALA H    H  N N 7   
ALA H2   H  N N 8   
ALA HA   H  N N 9   
ALA HB1  H  N N 10  
ALA HB2  H  N N 11  
ALA HB3  H  N N 12  
ALA HXT  H  N N 13  
ARG N    N  N N 14  
ARG CA   C  N S 15  
ARG C    C  N N 16  
ARG O    O  N N 17  
ARG CB   C  N N 18  
ARG CG   C  N N 19  
ARG CD   C  N N 20  
ARG NE   N  N N 21  
ARG CZ   C  N N 22  
ARG NH1  N  N N 23  
ARG NH2  N  N N 24  
ARG OXT  O  N N 25  
ARG H    H  N N 26  
ARG H2   H  N N 27  
ARG HA   H  N N 28  
ARG HB2  H  N N 29  
ARG HB3  H  N N 30  
ARG HG2  H  N N 31  
ARG HG3  H  N N 32  
ARG HD2  H  N N 33  
ARG HD3  H  N N 34  
ARG HE   H  N N 35  
ARG HH11 H  N N 36  
ARG HH12 H  N N 37  
ARG HH21 H  N N 38  
ARG HH22 H  N N 39  
ARG HXT  H  N N 40  
ASN N    N  N N 41  
ASN CA   C  N S 42  
ASN C    C  N N 43  
ASN O    O  N N 44  
ASN CB   C  N N 45  
ASN CG   C  N N 46  
ASN OD1  O  N N 47  
ASN ND2  N  N N 48  
ASN OXT  O  N N 49  
ASN H    H  N N 50  
ASN H2   H  N N 51  
ASN HA   H  N N 52  
ASN HB2  H  N N 53  
ASN HB3  H  N N 54  
ASN HD21 H  N N 55  
ASN HD22 H  N N 56  
ASN HXT  H  N N 57  
ASP N    N  N N 58  
ASP CA   C  N S 59  
ASP C    C  N N 60  
ASP O    O  N N 61  
ASP CB   C  N N 62  
ASP CG   C  N N 63  
ASP OD1  O  N N 64  
ASP OD2  O  N N 65  
ASP OXT  O  N N 66  
ASP H    H  N N 67  
ASP H2   H  N N 68  
ASP HA   H  N N 69  
ASP HB2  H  N N 70  
ASP HB3  H  N N 71  
ASP HD2  H  N N 72  
ASP HXT  H  N N 73  
CYS N    N  N N 74  
CYS CA   C  N R 75  
CYS C    C  N N 76  
CYS O    O  N N 77  
CYS CB   C  N N 78  
CYS SG   S  N N 79  
CYS OXT  O  N N 80  
CYS H    H  N N 81  
CYS H2   H  N N 82  
CYS HA   H  N N 83  
CYS HB2  H  N N 84  
CYS HB3  H  N N 85  
CYS HG   H  N N 86  
CYS HXT  H  N N 87  
GLN N    N  N N 88  
GLN CA   C  N S 89  
GLN C    C  N N 90  
GLN O    O  N N 91  
GLN CB   C  N N 92  
GLN CG   C  N N 93  
GLN CD   C  N N 94  
GLN OE1  O  N N 95  
GLN NE2  N  N N 96  
GLN OXT  O  N N 97  
GLN H    H  N N 98  
GLN H2   H  N N 99  
GLN HA   H  N N 100 
GLN HB2  H  N N 101 
GLN HB3  H  N N 102 
GLN HG2  H  N N 103 
GLN HG3  H  N N 104 
GLN HE21 H  N N 105 
GLN HE22 H  N N 106 
GLN HXT  H  N N 107 
GLU N    N  N N 108 
GLU CA   C  N S 109 
GLU C    C  N N 110 
GLU O    O  N N 111 
GLU CB   C  N N 112 
GLU CG   C  N N 113 
GLU CD   C  N N 114 
GLU OE1  O  N N 115 
GLU OE2  O  N N 116 
GLU OXT  O  N N 117 
GLU H    H  N N 118 
GLU H2   H  N N 119 
GLU HA   H  N N 120 
GLU HB2  H  N N 121 
GLU HB3  H  N N 122 
GLU HG2  H  N N 123 
GLU HG3  H  N N 124 
GLU HE2  H  N N 125 
GLU HXT  H  N N 126 
GLY N    N  N N 127 
GLY CA   C  N N 128 
GLY C    C  N N 129 
GLY O    O  N N 130 
GLY OXT  O  N N 131 
GLY H    H  N N 132 
GLY H2   H  N N 133 
GLY HA2  H  N N 134 
GLY HA3  H  N N 135 
GLY HXT  H  N N 136 
HEM CHA  C  N N 137 
HEM CHB  C  N N 138 
HEM CHC  C  N N 139 
HEM CHD  C  N N 140 
HEM C1A  C  Y N 141 
HEM C2A  C  Y N 142 
HEM C3A  C  Y N 143 
HEM C4A  C  Y N 144 
HEM CMA  C  N N 145 
HEM CAA  C  N N 146 
HEM CBA  C  N N 147 
HEM CGA  C  N N 148 
HEM O1A  O  N N 149 
HEM O2A  O  N N 150 
HEM C1B  C  N N 151 
HEM C2B  C  N N 152 
HEM C3B  C  N N 153 
HEM C4B  C  N N 154 
HEM CMB  C  N N 155 
HEM CAB  C  N N 156 
HEM CBB  C  N N 157 
HEM C1C  C  Y N 158 
HEM C2C  C  Y N 159 
HEM C3C  C  Y N 160 
HEM C4C  C  Y N 161 
HEM CMC  C  N N 162 
HEM CAC  C  N N 163 
HEM CBC  C  N N 164 
HEM C1D  C  N N 165 
HEM C2D  C  N N 166 
HEM C3D  C  N N 167 
HEM C4D  C  N N 168 
HEM CMD  C  N N 169 
HEM CAD  C  N N 170 
HEM CBD  C  N N 171 
HEM CGD  C  N N 172 
HEM O1D  O  N N 173 
HEM O2D  O  N N 174 
HEM NA   N  Y N 175 
HEM NB   N  N N 176 
HEM NC   N  Y N 177 
HEM ND   N  N N 178 
HEM FE   FE N N 179 
HEM HHB  H  N N 180 
HEM HHC  H  N N 181 
HEM HHD  H  N N 182 
HEM HMA  H  N N 183 
HEM HMAA H  N N 184 
HEM HMAB H  N N 185 
HEM HAA  H  N N 186 
HEM HAAA H  N N 187 
HEM HBA  H  N N 188 
HEM HBAA H  N N 189 
HEM HMB  H  N N 190 
HEM HMBA H  N N 191 
HEM HMBB H  N N 192 
HEM HAB  H  N N 193 
HEM HBB  H  N N 194 
HEM HBBA H  N N 195 
HEM HMC  H  N N 196 
HEM HMCA H  N N 197 
HEM HMCB H  N N 198 
HEM HAC  H  N N 199 
HEM HBC  H  N N 200 
HEM HBCA H  N N 201 
HEM HMD  H  N N 202 
HEM HMDA H  N N 203 
HEM HMDB H  N N 204 
HEM HAD  H  N N 205 
HEM HADA H  N N 206 
HEM HBD  H  N N 207 
HEM HBDA H  N N 208 
HEM H2A  H  N N 209 
HEM H2D  H  N N 210 
HEM HHA  H  N N 211 
HIS N    N  N N 212 
HIS CA   C  N S 213 
HIS C    C  N N 214 
HIS O    O  N N 215 
HIS CB   C  N N 216 
HIS CG   C  Y N 217 
HIS ND1  N  Y N 218 
HIS CD2  C  Y N 219 
HIS CE1  C  Y N 220 
HIS NE2  N  Y N 221 
HIS OXT  O  N N 222 
HIS H    H  N N 223 
HIS H2   H  N N 224 
HIS HA   H  N N 225 
HIS HB2  H  N N 226 
HIS HB3  H  N N 227 
HIS HD1  H  N N 228 
HIS HD2  H  N N 229 
HIS HE1  H  N N 230 
HIS HE2  H  N N 231 
HIS HXT  H  N N 232 
HOH O    O  N N 233 
HOH H1   H  N N 234 
HOH H2   H  N N 235 
ILE N    N  N N 236 
ILE CA   C  N S 237 
ILE C    C  N N 238 
ILE O    O  N N 239 
ILE CB   C  N S 240 
ILE CG1  C  N N 241 
ILE CG2  C  N N 242 
ILE CD1  C  N N 243 
ILE OXT  O  N N 244 
ILE H    H  N N 245 
ILE H2   H  N N 246 
ILE HA   H  N N 247 
ILE HB   H  N N 248 
ILE HG12 H  N N 249 
ILE HG13 H  N N 250 
ILE HG21 H  N N 251 
ILE HG22 H  N N 252 
ILE HG23 H  N N 253 
ILE HD11 H  N N 254 
ILE HD12 H  N N 255 
ILE HD13 H  N N 256 
ILE HXT  H  N N 257 
LEU N    N  N N 258 
LEU CA   C  N S 259 
LEU C    C  N N 260 
LEU O    O  N N 261 
LEU CB   C  N N 262 
LEU CG   C  N N 263 
LEU CD1  C  N N 264 
LEU CD2  C  N N 265 
LEU OXT  O  N N 266 
LEU H    H  N N 267 
LEU H2   H  N N 268 
LEU HA   H  N N 269 
LEU HB2  H  N N 270 
LEU HB3  H  N N 271 
LEU HG   H  N N 272 
LEU HD11 H  N N 273 
LEU HD12 H  N N 274 
LEU HD13 H  N N 275 
LEU HD21 H  N N 276 
LEU HD22 H  N N 277 
LEU HD23 H  N N 278 
LEU HXT  H  N N 279 
LYS N    N  N N 280 
LYS CA   C  N S 281 
LYS C    C  N N 282 
LYS O    O  N N 283 
LYS CB   C  N N 284 
LYS CG   C  N N 285 
LYS CD   C  N N 286 
LYS CE   C  N N 287 
LYS NZ   N  N N 288 
LYS OXT  O  N N 289 
LYS H    H  N N 290 
LYS H2   H  N N 291 
LYS HA   H  N N 292 
LYS HB2  H  N N 293 
LYS HB3  H  N N 294 
LYS HG2  H  N N 295 
LYS HG3  H  N N 296 
LYS HD2  H  N N 297 
LYS HD3  H  N N 298 
LYS HE2  H  N N 299 
LYS HE3  H  N N 300 
LYS HZ1  H  N N 301 
LYS HZ2  H  N N 302 
LYS HZ3  H  N N 303 
LYS HXT  H  N N 304 
MET N    N  N N 305 
MET CA   C  N S 306 
MET C    C  N N 307 
MET O    O  N N 308 
MET CB   C  N N 309 
MET CG   C  N N 310 
MET SD   S  N N 311 
MET CE   C  N N 312 
MET OXT  O  N N 313 
MET H    H  N N 314 
MET H2   H  N N 315 
MET HA   H  N N 316 
MET HB2  H  N N 317 
MET HB3  H  N N 318 
MET HG2  H  N N 319 
MET HG3  H  N N 320 
MET HE1  H  N N 321 
MET HE2  H  N N 322 
MET HE3  H  N N 323 
MET HXT  H  N N 324 
PHE N    N  N N 325 
PHE CA   C  N S 326 
PHE C    C  N N 327 
PHE O    O  N N 328 
PHE CB   C  N N 329 
PHE CG   C  Y N 330 
PHE CD1  C  Y N 331 
PHE CD2  C  Y N 332 
PHE CE1  C  Y N 333 
PHE CE2  C  Y N 334 
PHE CZ   C  Y N 335 
PHE OXT  O  N N 336 
PHE H    H  N N 337 
PHE H2   H  N N 338 
PHE HA   H  N N 339 
PHE HB2  H  N N 340 
PHE HB3  H  N N 341 
PHE HD1  H  N N 342 
PHE HD2  H  N N 343 
PHE HE1  H  N N 344 
PHE HE2  H  N N 345 
PHE HZ   H  N N 346 
PHE HXT  H  N N 347 
PRO N    N  N N 348 
PRO CA   C  N S 349 
PRO C    C  N N 350 
PRO O    O  N N 351 
PRO CB   C  N N 352 
PRO CG   C  N N 353 
PRO CD   C  N N 354 
PRO OXT  O  N N 355 
PRO H    H  N N 356 
PRO HA   H  N N 357 
PRO HB2  H  N N 358 
PRO HB3  H  N N 359 
PRO HG2  H  N N 360 
PRO HG3  H  N N 361 
PRO HD2  H  N N 362 
PRO HD3  H  N N 363 
PRO HXT  H  N N 364 
SER N    N  N N 365 
SER CA   C  N S 366 
SER C    C  N N 367 
SER O    O  N N 368 
SER CB   C  N N 369 
SER OG   O  N N 370 
SER OXT  O  N N 371 
SER H    H  N N 372 
SER H2   H  N N 373 
SER HA   H  N N 374 
SER HB2  H  N N 375 
SER HB3  H  N N 376 
SER HG   H  N N 377 
SER HXT  H  N N 378 
THR N    N  N N 379 
THR CA   C  N S 380 
THR C    C  N N 381 
THR O    O  N N 382 
THR CB   C  N R 383 
THR OG1  O  N N 384 
THR CG2  C  N N 385 
THR OXT  O  N N 386 
THR H    H  N N 387 
THR H2   H  N N 388 
THR HA   H  N N 389 
THR HB   H  N N 390 
THR HG1  H  N N 391 
THR HG21 H  N N 392 
THR HG22 H  N N 393 
THR HG23 H  N N 394 
THR HXT  H  N N 395 
TRP N    N  N N 396 
TRP CA   C  N S 397 
TRP C    C  N N 398 
TRP O    O  N N 399 
TRP CB   C  N N 400 
TRP CG   C  Y N 401 
TRP CD1  C  Y N 402 
TRP CD2  C  Y N 403 
TRP NE1  N  Y N 404 
TRP CE2  C  Y N 405 
TRP CE3  C  Y N 406 
TRP CZ2  C  Y N 407 
TRP CZ3  C  Y N 408 
TRP CH2  C  Y N 409 
TRP OXT  O  N N 410 
TRP H    H  N N 411 
TRP H2   H  N N 412 
TRP HA   H  N N 413 
TRP HB2  H  N N 414 
TRP HB3  H  N N 415 
TRP HD1  H  N N 416 
TRP HE1  H  N N 417 
TRP HE3  H  N N 418 
TRP HZ2  H  N N 419 
TRP HZ3  H  N N 420 
TRP HH2  H  N N 421 
TRP HXT  H  N N 422 
TYR N    N  N N 423 
TYR CA   C  N S 424 
TYR C    C  N N 425 
TYR O    O  N N 426 
TYR CB   C  N N 427 
TYR CG   C  Y N 428 
TYR CD1  C  Y N 429 
TYR CD2  C  Y N 430 
TYR CE1  C  Y N 431 
TYR CE2  C  Y N 432 
TYR CZ   C  Y N 433 
TYR OH   O  N N 434 
TYR OXT  O  N N 435 
TYR H    H  N N 436 
TYR H2   H  N N 437 
TYR HA   H  N N 438 
TYR HB2  H  N N 439 
TYR HB3  H  N N 440 
TYR HD1  H  N N 441 
TYR HD2  H  N N 442 
TYR HE1  H  N N 443 
TYR HE2  H  N N 444 
TYR HH   H  N N 445 
TYR HXT  H  N N 446 
VAL N    N  N N 447 
VAL CA   C  N S 448 
VAL C    C  N N 449 
VAL O    O  N N 450 
VAL CB   C  N N 451 
VAL CG1  C  N N 452 
VAL CG2  C  N N 453 
VAL OXT  O  N N 454 
VAL H    H  N N 455 
VAL H2   H  N N 456 
VAL HA   H  N N 457 
VAL HB   H  N N 458 
VAL HG11 H  N N 459 
VAL HG12 H  N N 460 
VAL HG13 H  N N 461 
VAL HG21 H  N N 462 
VAL HG22 H  N N 463 
VAL HG23 H  N N 464 
VAL HXT  H  N N 465 
# 
loop_
_chem_comp_bond.comp_id 
_chem_comp_bond.atom_id_1 
_chem_comp_bond.atom_id_2 
_chem_comp_bond.value_order 
_chem_comp_bond.pdbx_aromatic_flag 
_chem_comp_bond.pdbx_stereo_config 
_chem_comp_bond.pdbx_ordinal 
ALA N   CA   sing N N 1   
ALA N   H    sing N N 2   
ALA N   H2   sing N N 3   
ALA CA  C    sing N N 4   
ALA CA  CB   sing N N 5   
ALA CA  HA   sing N N 6   
ALA C   O    doub N N 7   
ALA C   OXT  sing N N 8   
ALA CB  HB1  sing N N 9   
ALA CB  HB2  sing N N 10  
ALA CB  HB3  sing N N 11  
ALA OXT HXT  sing N N 12  
ARG N   CA   sing N N 13  
ARG N   H    sing N N 14  
ARG N   H2   sing N N 15  
ARG CA  C    sing N N 16  
ARG CA  CB   sing N N 17  
ARG CA  HA   sing N N 18  
ARG C   O    doub N N 19  
ARG C   OXT  sing N N 20  
ARG CB  CG   sing N N 21  
ARG CB  HB2  sing N N 22  
ARG CB  HB3  sing N N 23  
ARG CG  CD   sing N N 24  
ARG CG  HG2  sing N N 25  
ARG CG  HG3  sing N N 26  
ARG CD  NE   sing N N 27  
ARG CD  HD2  sing N N 28  
ARG CD  HD3  sing N N 29  
ARG NE  CZ   sing N N 30  
ARG NE  HE   sing N N 31  
ARG CZ  NH1  sing N N 32  
ARG CZ  NH2  doub N N 33  
ARG NH1 HH11 sing N N 34  
ARG NH1 HH12 sing N N 35  
ARG NH2 HH21 sing N N 36  
ARG NH2 HH22 sing N N 37  
ARG OXT HXT  sing N N 38  
ASN N   CA   sing N N 39  
ASN N   H    sing N N 40  
ASN N   H2   sing N N 41  
ASN CA  C    sing N N 42  
ASN CA  CB   sing N N 43  
ASN CA  HA   sing N N 44  
ASN C   O    doub N N 45  
ASN C   OXT  sing N N 46  
ASN CB  CG   sing N N 47  
ASN CB  HB2  sing N N 48  
ASN CB  HB3  sing N N 49  
ASN CG  OD1  doub N N 50  
ASN CG  ND2  sing N N 51  
ASN ND2 HD21 sing N N 52  
ASN ND2 HD22 sing N N 53  
ASN OXT HXT  sing N N 54  
ASP N   CA   sing N N 55  
ASP N   H    sing N N 56  
ASP N   H2   sing N N 57  
ASP CA  C    sing N N 58  
ASP CA  CB   sing N N 59  
ASP CA  HA   sing N N 60  
ASP C   O    doub N N 61  
ASP C   OXT  sing N N 62  
ASP CB  CG   sing N N 63  
ASP CB  HB2  sing N N 64  
ASP CB  HB3  sing N N 65  
ASP CG  OD1  doub N N 66  
ASP CG  OD2  sing N N 67  
ASP OD2 HD2  sing N N 68  
ASP OXT HXT  sing N N 69  
CYS N   CA   sing N N 70  
CYS N   H    sing N N 71  
CYS N   H2   sing N N 72  
CYS CA  C    sing N N 73  
CYS CA  CB   sing N N 74  
CYS CA  HA   sing N N 75  
CYS C   O    doub N N 76  
CYS C   OXT  sing N N 77  
CYS CB  SG   sing N N 78  
CYS CB  HB2  sing N N 79  
CYS CB  HB3  sing N N 80  
CYS SG  HG   sing N N 81  
CYS OXT HXT  sing N N 82  
GLN N   CA   sing N N 83  
GLN N   H    sing N N 84  
GLN N   H2   sing N N 85  
GLN CA  C    sing N N 86  
GLN CA  CB   sing N N 87  
GLN CA  HA   sing N N 88  
GLN C   O    doub N N 89  
GLN C   OXT  sing N N 90  
GLN CB  CG   sing N N 91  
GLN CB  HB2  sing N N 92  
GLN CB  HB3  sing N N 93  
GLN CG  CD   sing N N 94  
GLN CG  HG2  sing N N 95  
GLN CG  HG3  sing N N 96  
GLN CD  OE1  doub N N 97  
GLN CD  NE2  sing N N 98  
GLN NE2 HE21 sing N N 99  
GLN NE2 HE22 sing N N 100 
GLN OXT HXT  sing N N 101 
GLU N   CA   sing N N 102 
GLU N   H    sing N N 103 
GLU N   H2   sing N N 104 
GLU CA  C    sing N N 105 
GLU CA  CB   sing N N 106 
GLU CA  HA   sing N N 107 
GLU C   O    doub N N 108 
GLU C   OXT  sing N N 109 
GLU CB  CG   sing N N 110 
GLU CB  HB2  sing N N 111 
GLU CB  HB3  sing N N 112 
GLU CG  CD   sing N N 113 
GLU CG  HG2  sing N N 114 
GLU CG  HG3  sing N N 115 
GLU CD  OE1  doub N N 116 
GLU CD  OE2  sing N N 117 
GLU OE2 HE2  sing N N 118 
GLU OXT HXT  sing N N 119 
GLY N   CA   sing N N 120 
GLY N   H    sing N N 121 
GLY N   H2   sing N N 122 
GLY CA  C    sing N N 123 
GLY CA  HA2  sing N N 124 
GLY CA  HA3  sing N N 125 
GLY C   O    doub N N 126 
GLY C   OXT  sing N N 127 
GLY OXT HXT  sing N N 128 
HEM CHA C1A  sing N N 129 
HEM CHA C4D  doub N N 130 
HEM CHA HHA  sing N N 131 
HEM CHB C4A  sing N N 132 
HEM CHB C1B  doub N N 133 
HEM CHB HHB  sing N N 134 
HEM CHC C4B  sing N N 135 
HEM CHC C1C  doub N N 136 
HEM CHC HHC  sing N N 137 
HEM CHD C4C  doub N N 138 
HEM CHD C1D  sing N N 139 
HEM CHD HHD  sing N N 140 
HEM C1A C2A  doub Y N 141 
HEM C1A NA   sing Y N 142 
HEM C2A C3A  sing Y N 143 
HEM C2A CAA  sing N N 144 
HEM C3A C4A  doub Y N 145 
HEM C3A CMA  sing N N 146 
HEM C4A NA   sing Y N 147 
HEM CMA HMA  sing N N 148 
HEM CMA HMAA sing N N 149 
HEM CMA HMAB sing N N 150 
HEM CAA CBA  sing N N 151 
HEM CAA HAA  sing N N 152 
HEM CAA HAAA sing N N 153 
HEM CBA CGA  sing N N 154 
HEM CBA HBA  sing N N 155 
HEM CBA HBAA sing N N 156 
HEM CGA O1A  doub N N 157 
HEM CGA O2A  sing N N 158 
HEM C1B C2B  sing N N 159 
HEM C1B NB   sing N N 160 
HEM C2B C3B  doub N N 161 
HEM C2B CMB  sing N N 162 
HEM C3B C4B  sing N N 163 
HEM C3B CAB  sing N N 164 
HEM C4B NB   doub N N 165 
HEM CMB HMB  sing N N 166 
HEM CMB HMBA sing N N 167 
HEM CMB HMBB sing N N 168 
HEM CAB CBB  doub N N 169 
HEM CAB HAB  sing N N 170 
HEM CBB HBB  sing N N 171 
HEM CBB HBBA sing N N 172 
HEM C1C C2C  sing Y N 173 
HEM C1C NC   sing Y N 174 
HEM C2C C3C  doub Y N 175 
HEM C2C CMC  sing N N 176 
HEM C3C C4C  sing Y N 177 
HEM C3C CAC  sing N N 178 
HEM C4C NC   sing Y N 179 
HEM CMC HMC  sing N N 180 
HEM CMC HMCA sing N N 181 
HEM CMC HMCB sing N N 182 
HEM CAC CBC  doub N N 183 
HEM CAC HAC  sing N N 184 
HEM CBC HBC  sing N N 185 
HEM CBC HBCA sing N N 186 
HEM C1D C2D  sing N N 187 
HEM C1D ND   doub N N 188 
HEM C2D C3D  doub N N 189 
HEM C2D CMD  sing N N 190 
HEM C3D C4D  sing N N 191 
HEM C3D CAD  sing N N 192 
HEM C4D ND   sing N N 193 
HEM CMD HMD  sing N N 194 
HEM CMD HMDA sing N N 195 
HEM CMD HMDB sing N N 196 
HEM CAD CBD  sing N N 197 
HEM CAD HAD  sing N N 198 
HEM CAD HADA sing N N 199 
HEM CBD CGD  sing N N 200 
HEM CBD HBD  sing N N 201 
HEM CBD HBDA sing N N 202 
HEM CGD O1D  doub N N 203 
HEM CGD O2D  sing N N 204 
HEM O2A H2A  sing N N 205 
HEM O2D H2D  sing N N 206 
HEM FE  NA   sing N N 207 
HEM FE  NB   sing N N 208 
HEM FE  NC   sing N N 209 
HEM FE  ND   sing N N 210 
HIS N   CA   sing N N 211 
HIS N   H    sing N N 212 
HIS N   H2   sing N N 213 
HIS CA  C    sing N N 214 
HIS CA  CB   sing N N 215 
HIS CA  HA   sing N N 216 
HIS C   O    doub N N 217 
HIS C   OXT  sing N N 218 
HIS CB  CG   sing N N 219 
HIS CB  HB2  sing N N 220 
HIS CB  HB3  sing N N 221 
HIS CG  ND1  sing Y N 222 
HIS CG  CD2  doub Y N 223 
HIS ND1 CE1  doub Y N 224 
HIS ND1 HD1  sing N N 225 
HIS CD2 NE2  sing Y N 226 
HIS CD2 HD2  sing N N 227 
HIS CE1 NE2  sing Y N 228 
HIS CE1 HE1  sing N N 229 
HIS NE2 HE2  sing N N 230 
HIS OXT HXT  sing N N 231 
HOH O   H1   sing N N 232 
HOH O   H2   sing N N 233 
ILE N   CA   sing N N 234 
ILE N   H    sing N N 235 
ILE N   H2   sing N N 236 
ILE CA  C    sing N N 237 
ILE CA  CB   sing N N 238 
ILE CA  HA   sing N N 239 
ILE C   O    doub N N 240 
ILE C   OXT  sing N N 241 
ILE CB  CG1  sing N N 242 
ILE CB  CG2  sing N N 243 
ILE CB  HB   sing N N 244 
ILE CG1 CD1  sing N N 245 
ILE CG1 HG12 sing N N 246 
ILE CG1 HG13 sing N N 247 
ILE CG2 HG21 sing N N 248 
ILE CG2 HG22 sing N N 249 
ILE CG2 HG23 sing N N 250 
ILE CD1 HD11 sing N N 251 
ILE CD1 HD12 sing N N 252 
ILE CD1 HD13 sing N N 253 
ILE OXT HXT  sing N N 254 
LEU N   CA   sing N N 255 
LEU N   H    sing N N 256 
LEU N   H2   sing N N 257 
LEU CA  C    sing N N 258 
LEU CA  CB   sing N N 259 
LEU CA  HA   sing N N 260 
LEU C   O    doub N N 261 
LEU C   OXT  sing N N 262 
LEU CB  CG   sing N N 263 
LEU CB  HB2  sing N N 264 
LEU CB  HB3  sing N N 265 
LEU CG  CD1  sing N N 266 
LEU CG  CD2  sing N N 267 
LEU CG  HG   sing N N 268 
LEU CD1 HD11 sing N N 269 
LEU CD1 HD12 sing N N 270 
LEU CD1 HD13 sing N N 271 
LEU CD2 HD21 sing N N 272 
LEU CD2 HD22 sing N N 273 
LEU CD2 HD23 sing N N 274 
LEU OXT HXT  sing N N 275 
LYS N   CA   sing N N 276 
LYS N   H    sing N N 277 
LYS N   H2   sing N N 278 
LYS CA  C    sing N N 279 
LYS CA  CB   sing N N 280 
LYS CA  HA   sing N N 281 
LYS C   O    doub N N 282 
LYS C   OXT  sing N N 283 
LYS CB  CG   sing N N 284 
LYS CB  HB2  sing N N 285 
LYS CB  HB3  sing N N 286 
LYS CG  CD   sing N N 287 
LYS CG  HG2  sing N N 288 
LYS CG  HG3  sing N N 289 
LYS CD  CE   sing N N 290 
LYS CD  HD2  sing N N 291 
LYS CD  HD3  sing N N 292 
LYS CE  NZ   sing N N 293 
LYS CE  HE2  sing N N 294 
LYS CE  HE3  sing N N 295 
LYS NZ  HZ1  sing N N 296 
LYS NZ  HZ2  sing N N 297 
LYS NZ  HZ3  sing N N 298 
LYS OXT HXT  sing N N 299 
MET N   CA   sing N N 300 
MET N   H    sing N N 301 
MET N   H2   sing N N 302 
MET CA  C    sing N N 303 
MET CA  CB   sing N N 304 
MET CA  HA   sing N N 305 
MET C   O    doub N N 306 
MET C   OXT  sing N N 307 
MET CB  CG   sing N N 308 
MET CB  HB2  sing N N 309 
MET CB  HB3  sing N N 310 
MET CG  SD   sing N N 311 
MET CG  HG2  sing N N 312 
MET CG  HG3  sing N N 313 
MET SD  CE   sing N N 314 
MET CE  HE1  sing N N 315 
MET CE  HE2  sing N N 316 
MET CE  HE3  sing N N 317 
MET OXT HXT  sing N N 318 
PHE N   CA   sing N N 319 
PHE N   H    sing N N 320 
PHE N   H2   sing N N 321 
PHE CA  C    sing N N 322 
PHE CA  CB   sing N N 323 
PHE CA  HA   sing N N 324 
PHE C   O    doub N N 325 
PHE C   OXT  sing N N 326 
PHE CB  CG   sing N N 327 
PHE CB  HB2  sing N N 328 
PHE CB  HB3  sing N N 329 
PHE CG  CD1  doub Y N 330 
PHE CG  CD2  sing Y N 331 
PHE CD1 CE1  sing Y N 332 
PHE CD1 HD1  sing N N 333 
PHE CD2 CE2  doub Y N 334 
PHE CD2 HD2  sing N N 335 
PHE CE1 CZ   doub Y N 336 
PHE CE1 HE1  sing N N 337 
PHE CE2 CZ   sing Y N 338 
PHE CE2 HE2  sing N N 339 
PHE CZ  HZ   sing N N 340 
PHE OXT HXT  sing N N 341 
PRO N   CA   sing N N 342 
PRO N   CD   sing N N 343 
PRO N   H    sing N N 344 
PRO CA  C    sing N N 345 
PRO CA  CB   sing N N 346 
PRO CA  HA   sing N N 347 
PRO C   O    doub N N 348 
PRO C   OXT  sing N N 349 
PRO CB  CG   sing N N 350 
PRO CB  HB2  sing N N 351 
PRO CB  HB3  sing N N 352 
PRO CG  CD   sing N N 353 
PRO CG  HG2  sing N N 354 
PRO CG  HG3  sing N N 355 
PRO CD  HD2  sing N N 356 
PRO CD  HD3  sing N N 357 
PRO OXT HXT  sing N N 358 
SER N   CA   sing N N 359 
SER N   H    sing N N 360 
SER N   H2   sing N N 361 
SER CA  C    sing N N 362 
SER CA  CB   sing N N 363 
SER CA  HA   sing N N 364 
SER C   O    doub N N 365 
SER C   OXT  sing N N 366 
SER CB  OG   sing N N 367 
SER CB  HB2  sing N N 368 
SER CB  HB3  sing N N 369 
SER OG  HG   sing N N 370 
SER OXT HXT  sing N N 371 
THR N   CA   sing N N 372 
THR N   H    sing N N 373 
THR N   H2   sing N N 374 
THR CA  C    sing N N 375 
THR CA  CB   sing N N 376 
THR CA  HA   sing N N 377 
THR C   O    doub N N 378 
THR C   OXT  sing N N 379 
THR CB  OG1  sing N N 380 
THR CB  CG2  sing N N 381 
THR CB  HB   sing N N 382 
THR OG1 HG1  sing N N 383 
THR CG2 HG21 sing N N 384 
THR CG2 HG22 sing N N 385 
THR CG2 HG23 sing N N 386 
THR OXT HXT  sing N N 387 
TRP N   CA   sing N N 388 
TRP N   H    sing N N 389 
TRP N   H2   sing N N 390 
TRP CA  C    sing N N 391 
TRP CA  CB   sing N N 392 
TRP CA  HA   sing N N 393 
TRP C   O    doub N N 394 
TRP C   OXT  sing N N 395 
TRP CB  CG   sing N N 396 
TRP CB  HB2  sing N N 397 
TRP CB  HB3  sing N N 398 
TRP CG  CD1  doub Y N 399 
TRP CG  CD2  sing Y N 400 
TRP CD1 NE1  sing Y N 401 
TRP CD1 HD1  sing N N 402 
TRP CD2 CE2  doub Y N 403 
TRP CD2 CE3  sing Y N 404 
TRP NE1 CE2  sing Y N 405 
TRP NE1 HE1  sing N N 406 
TRP CE2 CZ2  sing Y N 407 
TRP CE3 CZ3  doub Y N 408 
TRP CE3 HE3  sing N N 409 
TRP CZ2 CH2  doub Y N 410 
TRP CZ2 HZ2  sing N N 411 
TRP CZ3 CH2  sing Y N 412 
TRP CZ3 HZ3  sing N N 413 
TRP CH2 HH2  sing N N 414 
TRP OXT HXT  sing N N 415 
TYR N   CA   sing N N 416 
TYR N   H    sing N N 417 
TYR N   H2   sing N N 418 
TYR CA  C    sing N N 419 
TYR CA  CB   sing N N 420 
TYR CA  HA   sing N N 421 
TYR C   O    doub N N 422 
TYR C   OXT  sing N N 423 
TYR CB  CG   sing N N 424 
TYR CB  HB2  sing N N 425 
TYR CB  HB3  sing N N 426 
TYR CG  CD1  doub Y N 427 
TYR CG  CD2  sing Y N 428 
TYR CD1 CE1  sing Y N 429 
TYR CD1 HD1  sing N N 430 
TYR CD2 CE2  doub Y N 431 
TYR CD2 HD2  sing N N 432 
TYR CE1 CZ   doub Y N 433 
TYR CE1 HE1  sing N N 434 
TYR CE2 CZ   sing Y N 435 
TYR CE2 HE2  sing N N 436 
TYR CZ  OH   sing N N 437 
TYR OH  HH   sing N N 438 
TYR OXT HXT  sing N N 439 
VAL N   CA   sing N N 440 
VAL N   H    sing N N 441 
VAL N   H2   sing N N 442 
VAL CA  C    sing N N 443 
VAL CA  CB   sing N N 444 
VAL CA  HA   sing N N 445 
VAL C   O    doub N N 446 
VAL C   OXT  sing N N 447 
VAL CB  CG1  sing N N 448 
VAL CB  CG2  sing N N 449 
VAL CB  HB   sing N N 450 
VAL CG1 HG11 sing N N 451 
VAL CG1 HG12 sing N N 452 
VAL CG1 HG13 sing N N 453 
VAL CG2 HG21 sing N N 454 
VAL CG2 HG22 sing N N 455 
VAL CG2 HG23 sing N N 456 
VAL OXT HXT  sing N N 457 
# 
_atom_sites.entry_id                    1JF4 
_atom_sites.fract_transf_matrix[1][1]   -0.00015163 
_atom_sites.fract_transf_matrix[1][2]   -0.00735735 
_atom_sites.fract_transf_matrix[1][3]   -0.01578956 
_atom_sites.fract_transf_matrix[2][1]   -0.02697853 
_atom_sites.fract_transf_matrix[2][2]   0.01260576 
_atom_sites.fract_transf_matrix[2][3]   -0.00561474 
_atom_sites.fract_transf_matrix[3][1]   0.01109426 
_atom_sites.fract_transf_matrix[3][2]   0.01606669 
_atom_sites.fract_transf_matrix[3][3]   -0.01723568 
_atom_sites.fract_transf_vector[1]      -0.223152 
_atom_sites.fract_transf_vector[2]      -0.274939 
_atom_sites.fract_transf_vector[3]      0.697875 
# 
loop_
_atom_type.symbol 
C  
FE 
N  
O  
S  
# 
loop_
_atom_site.group_PDB 
_atom_site.id 
_atom_site.type_symbol 
_atom_site.label_atom_id 
_atom_site.label_alt_id 
_atom_site.label_comp_id 
_atom_site.label_asym_id 
_atom_site.label_entity_id 
_atom_site.label_seq_id 
_atom_site.pdbx_PDB_ins_code 
_atom_site.Cartn_x 
_atom_site.Cartn_y 
_atom_site.Cartn_z 
_atom_site.occupancy 
_atom_site.B_iso_or_equiv 
_atom_site.pdbx_formal_charge 
_atom_site.auth_seq_id 
_atom_site.auth_comp_id 
_atom_site.auth_asym_id 
_atom_site.auth_atom_id 
_atom_site.pdbx_PDB_model_num 
ATOM   1    N  N   . GLY A 1 1   ? 1.123   -7.625  -13.827 1.00 40.48 ? 1   GLY A N   1 
ATOM   2    C  CA  . GLY A 1 1   ? 2.102   -8.635  -14.194 1.00 40.70 ? 1   GLY A CA  1 
ATOM   3    C  C   . GLY A 1 1   ? 3.523   -8.269  -13.780 1.00 39.39 ? 1   GLY A C   1 
ATOM   4    O  O   . GLY A 1 1   ? 4.200   -9.055  -13.111 1.00 42.40 ? 1   GLY A O   1 
ATOM   5    N  N   . LEU A 1 2   ? 3.944   -7.056  -14.184 1.00 35.53 ? 2   LEU A N   1 
ATOM   6    C  CA  . LEU A 1 2   ? 5.256   -6.428  -13.957 1.00 30.49 ? 2   LEU A CA  1 
ATOM   7    C  C   . LEU A 1 2   ? 6.388   -6.977  -14.807 1.00 25.62 ? 2   LEU A C   1 
ATOM   8    O  O   . LEU A 1 2   ? 6.742   -8.155  -14.721 1.00 25.52 ? 2   LEU A O   1 
ATOM   9    C  CB  . LEU A 1 2   ? 5.734   -6.529  -12.481 1.00 28.97 ? 2   LEU A CB  1 
ATOM   10   C  CG  . LEU A 1 2   ? 5.242   -5.620  -11.356 1.00 28.61 ? 2   LEU A CG  1 
ATOM   11   C  CD1 . LEU A 1 2   ? 5.947   -4.300  -11.455 1.00 28.99 ? 2   LEU A CD1 1 
ATOM   12   C  CD2 . LEU A 1 2   ? 3.745   -5.438  -11.424 1.00 30.21 ? 2   LEU A CD2 1 
ATOM   13   N  N   . SER A 1 3   ? 6.972   -6.116  -15.644 1.00 20.06 ? 3   SER A N   1 
ATOM   14   C  CA  . SER A 1 3   ? 8.126   -6.518  -16.436 1.00 18.32 ? 3   SER A CA  1 
ATOM   15   C  C   . SER A 1 3   ? 9.370   -6.571  -15.555 1.00 18.31 ? 3   SER A C   1 
ATOM   16   O  O   . SER A 1 3   ? 9.357   -6.094  -14.415 1.00 17.05 ? 3   SER A O   1 
ATOM   17   C  CB  . SER A 1 3   ? 8.351   -5.535  -17.574 1.00 13.63 ? 3   SER A CB  1 
ATOM   18   O  OG  . SER A 1 3   ? 8.632   -4.219  -17.142 1.00 12.91 ? 3   SER A OG  1 
ATOM   19   N  N   . ALA A 1 4   ? 10.461  -7.165  -16.053 1.00 17.91 ? 4   ALA A N   1 
ATOM   20   C  CA  . ALA A 1 4   ? 11.706  -7.210  -15.297 1.00 15.91 ? 4   ALA A CA  1 
ATOM   21   C  C   . ALA A 1 4   ? 12.230  -5.805  -15.022 1.00 14.80 ? 4   ALA A C   1 
ATOM   22   O  O   . ALA A 1 4   ? 12.749  -5.548  -13.934 1.00 12.66 ? 4   ALA A O   1 
ATOM   23   C  CB  . ALA A 1 4   ? 12.759  -7.970  -16.067 1.00 16.76 ? 4   ALA A CB  1 
ATOM   24   N  N   . ALA A 1 5   ? 12.057  -4.870  -15.982 1.00 14.66 ? 5   ALA A N   1 
ATOM   25   C  CA  . ALA A 1 5   ? 12.454  -3.482  -15.789 1.00 12.55 ? 5   ALA A CA  1 
ATOM   26   C  C   . ALA A 1 5   ? 11.622  -2.802  -14.695 1.00 12.41 ? 5   ALA A C   1 
ATOM   27   O  O   . ALA A 1 5   ? 12.146  -2.032  -13.887 1.00 12.56 ? 5   ALA A O   1 
ATOM   28   C  CB  . ALA A 1 5   ? 12.278  -2.689  -17.067 1.00 10.75 ? 5   ALA A CB  1 
ATOM   29   N  N   . GLN A 1 6   ? 10.321  -3.103  -14.636 1.00 11.26 ? 6   GLN A N   1 
ATOM   30   C  CA  . GLN A 1 6   ? 9.447   -2.545  -13.609 1.00 11.71 ? 6   GLN A CA  1 
ATOM   31   C  C   . GLN A 1 6   ? 9.753   -3.133  -12.240 1.00 12.63 ? 6   GLN A C   1 
ATOM   32   O  O   . GLN A 1 6   ? 9.744   -2.385  -11.267 1.00 12.48 ? 6   GLN A O   1 
ATOM   33   C  CB  . GLN A 1 6   ? 7.995   -2.820  -13.936 1.00 11.71 ? 6   GLN A CB  1 
ATOM   34   C  CG  . GLN A 1 6   ? 7.440   -1.959  -15.067 1.00 12.45 ? 6   GLN A CG  1 
ATOM   35   C  CD  . GLN A 1 6   ? 6.027   -2.361  -15.463 1.00 11.60 ? 6   GLN A CD  1 
ATOM   36   O  OE1 . GLN A 1 6   ? 5.656   -3.530  -15.484 1.00 12.40 ? 6   GLN A OE1 1 
ATOM   37   N  NE2 . GLN A 1 6   ? 5.207   -1.374  -15.800 1.00 15.95 ? 6   GLN A NE2 1 
ATOM   38   N  N   . ARG A 1 7   ? 10.023  -4.445  -12.142 1.00 10.37 ? 7   ARG A N   1 
ATOM   39   C  CA  . ARG A 1 7   ? 10.438  -5.084  -10.897 1.00 13.92 ? 7   ARG A CA  1 
ATOM   40   C  C   . ARG A 1 7   ? 11.730  -4.480  -10.367 1.00 13.66 ? 7   ARG A C   1 
ATOM   41   O  O   . ARG A 1 7   ? 11.884  -4.287  -9.167  1.00 13.24 ? 7   ARG A O   1 
ATOM   42   C  CB  . ARG A 1 7   ? 10.666  -6.565  -11.107 1.00 16.96 ? 7   ARG A CB  1 
ATOM   43   C  CG  . ARG A 1 7   ? 9.433   -7.437  -10.968 1.00 25.42 ? 7   ARG A CG  1 
ATOM   44   C  CD  . ARG A 1 7   ? 9.567   -8.770  -11.691 1.00 31.55 ? 7   ARG A CD  1 
ATOM   45   N  NE  . ARG A 1 7   ? 10.862  -9.406  -11.496 1.00 39.67 ? 7   ARG A NE  1 
ATOM   46   C  CZ  . ARG A 1 7   ? 11.332  -10.310 -12.367 1.00 43.34 ? 7   ARG A CZ  1 
ATOM   47   N  NH1 . ARG A 1 7   ? 10.627  -10.663 -13.441 1.00 45.12 ? 7   ARG A NH1 1 
ATOM   48   N  NH2 . ARG A 1 7   ? 12.529  -10.866 -12.174 1.00 44.48 ? 7   ARG A NH2 1 
ATOM   49   N  N   . GLN A 1 8   ? 12.658  -4.141  -11.272 1.00 12.75 ? 8   GLN A N   1 
ATOM   50   C  CA  . GLN A 1 8   ? 13.937  -3.555  -10.925 1.00 12.76 ? 8   GLN A CA  1 
ATOM   51   C  C   . GLN A 1 8   ? 13.780  -2.119  -10.455 1.00 11.34 ? 8   GLN A C   1 
ATOM   52   O  O   . GLN A 1 8   ? 14.470  -1.698  -9.532  1.00 11.03 ? 8   GLN A O   1 
ATOM   53   C  CB  . GLN A 1 8   ? 14.828  -3.641  -12.159 1.00 17.92 ? 8   GLN A CB  1 
ATOM   54   C  CG  . GLN A 1 8   ? 16.328  -3.520  -11.952 1.00 20.13 ? 8   GLN A CG  1 
ATOM   55   C  CD  . GLN A 1 8   ? 16.825  -2.107  -11.731 1.00 22.16 ? 8   GLN A CD  1 
ATOM   56   O  OE1 . GLN A 1 8   ? 16.456  -1.175  -12.447 1.00 24.63 ? 8   GLN A OE1 1 
ATOM   57   N  NE2 . GLN A 1 8   ? 17.682  -1.938  -10.723 1.00 21.07 ? 8   GLN A NE2 1 
ATOM   58   N  N   . VAL A 1 9   ? 12.905  -1.327  -11.077 1.00 11.36 ? 9   VAL A N   1 
ATOM   59   C  CA  . VAL A 1 9   ? 12.676  0.034   -10.634 1.00 10.71 ? 9   VAL A CA  1 
ATOM   60   C  C   . VAL A 1 9   ? 12.014  0.038   -9.246  1.00 12.62 ? 9   VAL A C   1 
ATOM   61   O  O   . VAL A 1 9   ? 12.459  0.807   -8.385  1.00 13.28 ? 9   VAL A O   1 
ATOM   62   C  CB  . VAL A 1 9   ? 11.798  0.758   -11.680 1.00 12.29 ? 9   VAL A CB  1 
ATOM   63   C  CG1 . VAL A 1 9   ? 11.414  2.139   -11.203 1.00 10.97 ? 9   VAL A CG1 1 
ATOM   64   C  CG2 . VAL A 1 9   ? 12.601  0.960   -12.962 1.00 13.71 ? 9   VAL A CG2 1 
ATOM   65   N  N   . VAL A 1 10  ? 11.004  -0.802  -8.962  1.00 11.94 ? 10  VAL A N   1 
ATOM   66   C  CA  . VAL A 1 10  ? 10.373  -0.777  -7.647  1.00 13.29 ? 10  VAL A CA  1 
ATOM   67   C  C   . VAL A 1 10  ? 11.305  -1.296  -6.567  1.00 13.29 ? 10  VAL A C   1 
ATOM   68   O  O   . VAL A 1 10  ? 11.336  -0.720  -5.479  1.00 12.48 ? 10  VAL A O   1 
ATOM   69   C  CB  . VAL A 1 10  ? 9.045   -1.604  -7.604  1.00 14.88 ? 10  VAL A CB  1 
ATOM   70   C  CG1 . VAL A 1 10  ? 7.998   -0.938  -8.468  1.00 14.07 ? 10  VAL A CG1 1 
ATOM   71   C  CG2 . VAL A 1 10  ? 9.219   -2.964  -8.157  1.00 20.66 ? 10  VAL A CG2 1 
ATOM   72   N  N   . ALA A 1 11  ? 12.128  -2.313  -6.869  1.00 12.22 ? 11  ALA A N   1 
ATOM   73   C  CA  . ALA A 1 11  ? 13.077  -2.870  -5.904  1.00 13.56 ? 11  ALA A CA  1 
ATOM   74   C  C   . ALA A 1 11  ? 14.153  -1.871  -5.504  1.00 12.58 ? 11  ALA A C   1 
ATOM   75   O  O   . ALA A 1 11  ? 14.524  -1.789  -4.332  1.00 14.52 ? 11  ALA A O   1 
ATOM   76   C  CB  . ALA A 1 11  ? 13.769  -4.105  -6.483  1.00 12.12 ? 11  ALA A CB  1 
ATOM   77   N  N   . SER A 1 12  ? 14.638  -1.069  -6.460  1.00 13.56 ? 12  SER A N   1 
ATOM   78   C  CA  . SER A 1 12  ? 15.649  -0.061  -6.178  1.00 14.08 ? 12  SER A CA  1 
ATOM   79   C  C   . SER A 1 12  ? 15.122  1.208   -5.513  1.00 13.22 ? 12  SER A C   1 
ATOM   80   O  O   . SER A 1 12  ? 15.792  1.741   -4.623  1.00 13.01 ? 12  SER A O   1 
ATOM   81   C  CB  . SER A 1 12  ? 16.377  0.299   -7.476  1.00 14.56 ? 12  SER A CB  1 
ATOM   82   O  OG  . SER A 1 12  ? 15.479  0.680   -8.507  1.00 25.37 ? 12  SER A OG  1 
ATOM   83   N  N   . THR A 1 13  ? 13.939  1.727   -5.903  1.00 12.84 ? 13  THR A N   1 
ATOM   84   C  CA  . THR A 1 13  ? 13.365  2.896   -5.236  1.00 10.62 ? 13  THR A CA  1 
ATOM   85   C  C   . THR A 1 13  ? 12.788  2.533   -3.864  1.00 8.14  ? 13  THR A C   1 
ATOM   86   O  O   . THR A 1 13  ? 12.696  3.422   -3.024  1.00 7.03  ? 13  THR A O   1 
ATOM   87   C  CB  . THR A 1 13  ? 12.247  3.561   -6.089  1.00 9.79  ? 13  THR A CB  1 
ATOM   88   O  OG1 . THR A 1 13  ? 11.366  2.536   -6.502  1.00 8.32  ? 13  THR A OG1 1 
ATOM   89   C  CG2 . THR A 1 13  ? 12.802  4.328   -7.289  1.00 12.29 ? 13  THR A CG2 1 
ATOM   90   N  N   . TRP A 1 14  ? 12.409  1.269   -3.594  1.00 7.69  ? 14  TRP A N   1 
ATOM   91   C  CA  . TRP A 1 14  ? 11.973  0.848   -2.269  1.00 9.39  ? 14  TRP A CA  1 
ATOM   92   C  C   . TRP A 1 14  ? 13.048  1.107   -1.211  1.00 11.46 ? 14  TRP A C   1 
ATOM   93   O  O   . TRP A 1 14  ? 12.720  1.449   -0.074  1.00 8.97  ? 14  TRP A O   1 
ATOM   94   C  CB  . TRP A 1 14  ? 11.630  -0.652  -2.236  1.00 9.76  ? 14  TRP A CB  1 
ATOM   95   C  CG  . TRP A 1 14  ? 11.194  -1.080  -0.833  1.00 12.92 ? 14  TRP A CG  1 
ATOM   96   C  CD1 . TRP A 1 14  ? 11.935  -1.970  -0.096  1.00 16.23 ? 14  TRP A CD1 1 
ATOM   97   C  CD2 . TRP A 1 14  ? 10.130  -0.581  -0.127  1.00 12.13 ? 14  TRP A CD2 1 
ATOM   98   N  NE1 . TRP A 1 14  ? 11.368  -2.035  1.088   1.00 15.21 ? 14  TRP A NE1 1 
ATOM   99   C  CE2 . TRP A 1 14  ? 10.297  -1.226  1.109   1.00 13.89 ? 14  TRP A CE2 1 
ATOM   100  C  CE3 . TRP A 1 14  ? 9.077   0.306   -0.328  1.00 13.28 ? 14  TRP A CE3 1 
ATOM   101  C  CZ2 . TRP A 1 14  ? 9.422   -0.995  2.165   1.00 9.85  ? 14  TRP A CZ2 1 
ATOM   102  C  CZ3 . TRP A 1 14  ? 8.194   0.540   0.732   1.00 15.89 ? 14  TRP A CZ3 1 
ATOM   103  C  CH2 . TRP A 1 14  ? 8.365   -0.106  1.966   1.00 13.21 ? 14  TRP A CH2 1 
ATOM   104  N  N   . LYS A 1 15  ? 14.336  0.968   -1.549  1.00 13.13 ? 15  LYS A N   1 
ATOM   105  C  CA  . LYS A 1 15  ? 15.423  1.262   -0.619  1.00 17.29 ? 15  LYS A CA  1 
ATOM   106  C  C   . LYS A 1 15  ? 15.343  2.699   -0.112  1.00 13.83 ? 15  LYS A C   1 
ATOM   107  O  O   . LYS A 1 15  ? 15.513  2.957   1.078   1.00 14.44 ? 15  LYS A O   1 
ATOM   108  C  CB  . LYS A 1 15  ? 16.768  1.038   -1.308  1.00 23.10 ? 15  LYS A CB  1 
ATOM   109  C  CG  . LYS A 1 15  ? 17.947  1.183   -0.355  1.00 33.60 ? 15  LYS A CG  1 
ATOM   110  C  CD  . LYS A 1 15  ? 19.288  1.246   -1.078  1.00 38.50 ? 15  LYS A CD  1 
ATOM   111  C  CE  . LYS A 1 15  ? 20.410  1.573   -0.094  1.00 40.61 ? 15  LYS A CE  1 
ATOM   112  N  NZ  . LYS A 1 15  ? 20.226  2.892   0.488   1.00 43.26 ? 15  LYS A NZ  1 
ATOM   113  N  N   . ASP A 1 16  ? 15.039  3.636   -1.007  1.00 11.53 ? 16  ASP A N   1 
ATOM   114  C  CA  . ASP A 1 16  ? 14.873  5.025   -0.636  1.00 13.35 ? 16  ASP A CA  1 
ATOM   115  C  C   . ASP A 1 16  ? 13.538  5.289   0.047   1.00 13.32 ? 16  ASP A C   1 
ATOM   116  O  O   . ASP A 1 16  ? 13.476  6.108   0.969   1.00 13.19 ? 16  ASP A O   1 
ATOM   117  C  CB  . ASP A 1 16  ? 14.983  5.912   -1.861  1.00 15.78 ? 16  ASP A CB  1 
ATOM   118  C  CG  . ASP A 1 16  ? 16.334  5.849   -2.556  1.00 20.40 ? 16  ASP A CG  1 
ATOM   119  O  OD1 . ASP A 1 16  ? 17.333  6.265   -1.970  1.00 23.50 ? 16  ASP A OD1 1 
ATOM   120  O  OD2 . ASP A 1 16  ? 16.377  5.380   -3.693  1.00 23.04 ? 16  ASP A OD2 1 
ATOM   121  N  N   . ILE A 1 17  ? 12.451  4.632   -0.381  1.00 12.04 ? 17  ILE A N   1 
ATOM   122  C  CA  . ILE A 1 17  ? 11.132  4.794   0.238   1.00 11.52 ? 17  ILE A CA  1 
ATOM   123  C  C   . ILE A 1 17  ? 11.137  4.236   1.652   1.00 11.45 ? 17  ILE A C   1 
ATOM   124  O  O   . ILE A 1 17  ? 10.572  4.850   2.556   1.00 11.35 ? 17  ILE A O   1 
ATOM   125  C  CB  . ILE A 1 17  ? 10.042  4.077   -0.624  1.00 12.13 ? 17  ILE A CB  1 
ATOM   126  C  CG1 . ILE A 1 17  ? 9.911   4.833   -1.947  1.00 12.86 ? 17  ILE A CG1 1 
ATOM   127  C  CG2 . ILE A 1 17  ? 8.674   4.056   0.076   1.00 8.92  ? 17  ILE A CG2 1 
ATOM   128  C  CD1 . ILE A 1 17  ? 9.116   4.056   -3.014  1.00 7.83  ? 17  ILE A CD1 1 
ATOM   129  N  N   . ALA A 1 18  ? 11.789  3.089   1.855   1.00 12.26 ? 18  ALA A N   1 
ATOM   130  C  CA  . ALA A 1 18  ? 11.897  2.471   3.172   1.00 13.09 ? 18  ALA A CA  1 
ATOM   131  C  C   . ALA A 1 18  ? 12.696  3.335   4.137   1.00 12.58 ? 18  ALA A C   1 
ATOM   132  O  O   . ALA A 1 18  ? 12.326  3.421   5.303   1.00 13.70 ? 18  ALA A O   1 
ATOM   133  C  CB  . ALA A 1 18  ? 12.588  1.107   3.088   1.00 7.80  ? 18  ALA A CB  1 
ATOM   134  N  N   . GLY A 1 19  ? 13.759  4.016   3.681   1.00 13.43 ? 19  GLY A N   1 
ATOM   135  C  CA  . GLY A 1 19  ? 14.590  4.863   4.534   1.00 15.60 ? 19  GLY A CA  1 
ATOM   136  C  C   . GLY A 1 19  ? 15.128  4.083   5.730   1.00 17.03 ? 19  GLY A C   1 
ATOM   137  O  O   . GLY A 1 19  ? 15.528  2.925   5.597   1.00 15.95 ? 19  GLY A O   1 
ATOM   138  N  N   . SER A 1 20  ? 15.103  4.707   6.911   1.00 18.03 ? 20  SER A N   1 
ATOM   139  C  CA  . SER A 1 20  ? 15.516  4.028   8.130   1.00 20.25 ? 20  SER A CA  1 
ATOM   140  C  C   . SER A 1 20  ? 14.347  3.649   9.045   1.00 19.08 ? 20  SER A C   1 
ATOM   141  O  O   . SER A 1 20  ? 14.548  3.159   10.157  1.00 19.67 ? 20  SER A O   1 
ATOM   142  C  CB  . SER A 1 20  ? 16.513  4.919   8.871   1.00 21.46 ? 20  SER A CB  1 
ATOM   143  O  OG  . SER A 1 20  ? 16.011  6.229   9.092   1.00 31.22 ? 20  SER A OG  1 
ATOM   144  N  N   . ASP A 1 21  ? 13.099  3.830   8.595   1.00 16.48 ? 21  ASP A N   1 
ATOM   145  C  CA  . ASP A 1 21  ? 11.920  3.484   9.384   1.00 12.40 ? 21  ASP A CA  1 
ATOM   146  C  C   . ASP A 1 21  ? 11.035  2.447   8.703   1.00 10.13 ? 21  ASP A C   1 
ATOM   147  O  O   . ASP A 1 21  ? 9.869   2.302   9.060   1.00 10.14 ? 21  ASP A O   1 
ATOM   148  C  CB  . ASP A 1 21  ? 11.111  4.762   9.663   1.00 11.61 ? 21  ASP A CB  1 
ATOM   149  C  CG  . ASP A 1 21  ? 10.469  5.453   8.455   1.00 13.05 ? 21  ASP A CG  1 
ATOM   150  O  OD1 . ASP A 1 21  ? 9.704   6.391   8.655   1.00 13.17 ? 21  ASP A OD1 1 
ATOM   151  O  OD2 . ASP A 1 21  ? 10.715  5.063   7.318   1.00 11.03 ? 21  ASP A OD2 1 
ATOM   152  N  N   . ASN A 1 22  ? 11.553  1.756   7.679   1.00 7.16  ? 22  ASN A N   1 
ATOM   153  C  CA  . ASN A 1 22  ? 10.838  0.757   6.897   1.00 7.07  ? 22  ASN A CA  1 
ATOM   154  C  C   . ASN A 1 22  ? 9.518   1.275   6.321   1.00 5.38  ? 22  ASN A C   1 
ATOM   155  O  O   . ASN A 1 22  ? 8.490   0.603   6.261   1.00 6.71  ? 22  ASN A O   1 
ATOM   156  C  CB  . ASN A 1 22  ? 10.615  -0.484  7.778   1.00 8.17  ? 22  ASN A CB  1 
ATOM   157  C  CG  . ASN A 1 22  ? 10.309  -1.752  7.001   1.00 10.15 ? 22  ASN A CG  1 
ATOM   158  O  OD1 . ASN A 1 22  ? 10.615  -1.866  5.821   1.00 14.50 ? 22  ASN A OD1 1 
ATOM   159  N  ND2 . ASN A 1 22  ? 9.697   -2.754  7.617   1.00 7.05  ? 22  ASN A ND2 1 
ATOM   160  N  N   . GLY A 1 23  ? 9.592   2.516   5.844   1.00 5.93  ? 23  GLY A N   1 
ATOM   161  C  CA  . GLY A 1 23  ? 8.458   3.199   5.230   1.00 8.63  ? 23  GLY A CA  1 
ATOM   162  C  C   . GLY A 1 23  ? 7.390   3.660   6.212   1.00 8.88  ? 23  GLY A C   1 
ATOM   163  O  O   . GLY A 1 23  ? 6.328   4.064   5.766   1.00 8.71  ? 23  GLY A O   1 
ATOM   164  N  N   . ALA A 1 24  ? 7.610   3.642   7.534   1.00 9.21  ? 24  ALA A N   1 
ATOM   165  C  CA  . ALA A 1 24  ? 6.579   4.018   8.489   1.00 9.84  ? 24  ALA A CA  1 
ATOM   166  C  C   . ALA A 1 24  ? 6.075   5.439   8.310   1.00 9.65  ? 24  ALA A C   1 
ATOM   167  O  O   . ALA A 1 24  ? 4.865   5.644   8.355   1.00 11.22 ? 24  ALA A O   1 
ATOM   168  C  CB  . ALA A 1 24  ? 7.104   3.867   9.917   1.00 10.46 ? 24  ALA A CB  1 
ATOM   169  N  N   . GLY A 1 25  ? 6.965   6.403   8.040   1.00 8.14  ? 25  GLY A N   1 
ATOM   170  C  CA  . GLY A 1 25  ? 6.612   7.792   7.787   1.00 8.83  ? 25  GLY A CA  1 
ATOM   171  C  C   . GLY A 1 25  ? 5.723   7.974   6.555   1.00 12.05 ? 25  GLY A C   1 
ATOM   172  O  O   . GLY A 1 25  ? 4.782   8.775   6.566   1.00 12.08 ? 25  GLY A O   1 
ATOM   173  N  N   . VAL A 1 26  ? 6.021   7.212   5.494   1.00 10.41 ? 26  VAL A N   1 
ATOM   174  C  CA  . VAL A 1 26  ? 5.237   7.182   4.262   1.00 7.79  ? 26  VAL A CA  1 
ATOM   175  C  C   . VAL A 1 26  ? 3.834   6.652   4.543   1.00 7.15  ? 26  VAL A C   1 
ATOM   176  O  O   . VAL A 1 26  ? 2.863   7.161   3.983   1.00 7.91  ? 26  VAL A O   1 
ATOM   177  C  CB  . VAL A 1 26  ? 5.921   6.270   3.222   1.00 7.79  ? 26  VAL A CB  1 
ATOM   178  C  CG1 . VAL A 1 26  ? 5.097   6.152   1.953   1.00 7.20  ? 26  VAL A CG1 1 
ATOM   179  C  CG2 . VAL A 1 26  ? 7.276   6.852   2.887   1.00 9.52  ? 26  VAL A CG2 1 
ATOM   180  N  N   . GLY A 1 27  ? 3.744   5.626   5.406   1.00 5.69  ? 27  GLY A N   1 
ATOM   181  C  CA  . GLY A 1 27  ? 2.489   5.000   5.767   1.00 7.27  ? 27  GLY A CA  1 
ATOM   182  C  C   . GLY A 1 27  ? 1.571   5.932   6.531   1.00 9.77  ? 27  GLY A C   1 
ATOM   183  O  O   . GLY A 1 27  ? 0.362   5.972   6.298   1.00 10.18 ? 27  GLY A O   1 
ATOM   184  N  N   . LYS A 1 28  ? 2.195   6.685   7.445   1.00 9.94  ? 28  LYS A N   1 
ATOM   185  C  CA  . LYS A 1 28  ? 1.499   7.648   8.267   1.00 9.68  ? 28  LYS A CA  1 
ATOM   186  C  C   . LYS A 1 28  ? 0.951   8.730   7.354   1.00 9.04  ? 28  LYS A C   1 
ATOM   187  O  O   . LYS A 1 28  ? -0.243  9.001   7.410   1.00 10.27 ? 28  LYS A O   1 
ATOM   188  C  CB  . LYS A 1 28  ? 2.445   8.286   9.289   1.00 10.86 ? 28  LYS A CB  1 
ATOM   189  C  CG  . LYS A 1 28  ? 1.724   9.180   10.309  1.00 14.34 ? 28  LYS A CG  1 
ATOM   190  C  CD  . LYS A 1 28  ? 2.697   9.999   11.135  1.00 18.81 ? 28  LYS A CD  1 
ATOM   191  C  CE  . LYS A 1 28  ? 2.138   10.319  12.522  1.00 24.78 ? 28  LYS A CE  1 
ATOM   192  N  NZ  . LYS A 1 28  ? 0.842   10.968  12.468  1.00 32.14 ? 28  LYS A NZ  1 
ATOM   193  N  N   . GLU A 1 29  ? 1.784   9.309   6.482   1.00 7.81  ? 29  GLU A N   1 
ATOM   194  C  CA  . GLU A 1 29  ? 1.350   10.363  5.577   1.00 8.11  ? 29  GLU A CA  1 
ATOM   195  C  C   . GLU A 1 29  ? 0.243   9.883   4.652   1.00 7.44  ? 29  GLU A C   1 
ATOM   196  O  O   . GLU A 1 29  ? -0.758  10.574  4.496   1.00 11.11 ? 29  GLU A O   1 
ATOM   197  C  CB  . GLU A 1 29  ? 2.530   10.846  4.742   1.00 8.48  ? 29  GLU A CB  1 
ATOM   198  C  CG  . GLU A 1 29  ? 2.161   12.129  4.013   1.00 13.91 ? 29  GLU A CG  1 
ATOM   199  C  CD  . GLU A 1 29  ? 3.239   12.743  3.134   1.00 17.30 ? 29  GLU A CD  1 
ATOM   200  O  OE1 . GLU A 1 29  ? 2.897   13.171  2.040   1.00 20.17 ? 29  GLU A OE1 1 
ATOM   201  O  OE2 . GLU A 1 29  ? 4.400   12.817  3.533   1.00 19.20 ? 29  GLU A OE2 1 
ATOM   202  N  N   . CYS A 1 30  ? 0.374   8.683   4.084   1.00 6.52  ? 30  CYS A N   1 
ATOM   203  C  CA  . CYS A 1 30  ? -0.621  8.120   3.186   1.00 9.36  ? 30  CYS A CA  1 
ATOM   204  C  C   . CYS A 1 30  ? -2.006  8.035   3.802   1.00 8.68  ? 30  CYS A C   1 
ATOM   205  O  O   . CYS A 1 30  ? -2.942  8.628   3.275   1.00 7.72  ? 30  CYS A O   1 
ATOM   206  C  CB  . CYS A 1 30  ? -0.180  6.724   2.744   1.00 7.98  ? 30  CYS A CB  1 
ATOM   207  S  SG  . CYS A 1 30  ? -1.472  5.837   1.839   1.00 11.64 ? 30  CYS A SG  1 
ATOM   208  N  N   . PHE A 1 31  ? -2.130  7.344   4.940   1.00 7.82  ? 31  PHE A N   1 
ATOM   209  C  CA  . PHE A 1 31  ? -3.422  7.190   5.567   1.00 8.92  ? 31  PHE A CA  1 
ATOM   210  C  C   . PHE A 1 31  ? -3.925  8.471   6.213   1.00 9.14  ? 31  PHE A C   1 
ATOM   211  O  O   . PHE A 1 31  ? -5.142  8.668   6.228   1.00 10.47 ? 31  PHE A O   1 
ATOM   212  C  CB  . PHE A 1 31  ? -3.359  6.048   6.590   1.00 8.55  ? 31  PHE A CB  1 
ATOM   213  C  CG  . PHE A 1 31  ? -3.291  4.716   5.869   1.00 10.67 ? 31  PHE A CG  1 
ATOM   214  C  CD1 . PHE A 1 31  ? -4.471  4.088   5.475   1.00 10.80 ? 31  PHE A CD1 1 
ATOM   215  C  CD2 . PHE A 1 31  ? -2.053  4.148   5.545   1.00 14.97 ? 31  PHE A CD2 1 
ATOM   216  C  CE1 . PHE A 1 31  ? -4.407  2.891   4.747   1.00 14.07 ? 31  PHE A CE1 1 
ATOM   217  C  CE2 . PHE A 1 31  ? -1.998  2.955   4.817   1.00 11.29 ? 31  PHE A CE2 1 
ATOM   218  C  CZ  . PHE A 1 31  ? -3.175  2.324   4.414   1.00 13.92 ? 31  PHE A CZ  1 
ATOM   219  N  N   . THR A 1 32  ? -3.055  9.379   6.685   1.00 9.26  ? 32  THR A N   1 
ATOM   220  C  CA  . THR A 1 32  ? -3.521  10.645  7.250   1.00 9.88  ? 32  THR A CA  1 
ATOM   221  C  C   . THR A 1 32  ? -4.136  11.504  6.164   1.00 11.41 ? 32  THR A C   1 
ATOM   222  O  O   . THR A 1 32  ? -5.248  11.987  6.361   1.00 12.39 ? 32  THR A O   1 
ATOM   223  C  CB  . THR A 1 32  ? -2.382  11.457  7.917   1.00 9.77  ? 32  THR A CB  1 
ATOM   224  O  OG1 . THR A 1 32  ? -1.868  10.642  8.954   1.00 9.95  ? 32  THR A OG1 1 
ATOM   225  C  CG2 . THR A 1 32  ? -2.844  12.737  8.595   1.00 13.10 ? 32  THR A CG2 1 
ATOM   226  N  N   . LYS A 1 33  ? -3.474  11.680  5.017   1.00 9.22  ? 33  LYS A N   1 
ATOM   227  C  CA  . LYS A 1 33  ? -4.031  12.464  3.923   1.00 11.85 ? 33  LYS A CA  1 
ATOM   228  C  C   . LYS A 1 33  ? -5.267  11.811  3.327   1.00 11.40 ? 33  LYS A C   1 
ATOM   229  O  O   . LYS A 1 33  ? -6.223  12.511  2.999   1.00 11.65 ? 33  LYS A O   1 
ATOM   230  C  CB  . LYS A 1 33  ? -3.004  12.655  2.806   1.00 14.22 ? 33  LYS A CB  1 
ATOM   231  C  CG  . LYS A 1 33  ? -1.774  13.479  3.191   1.00 18.52 ? 33  LYS A CG  1 
ATOM   232  C  CD  . LYS A 1 33  ? -0.895  13.810  1.978   1.00 23.46 ? 33  LYS A CD  1 
ATOM   233  C  CE  . LYS A 1 33  ? -0.386  12.559  1.240   1.00 29.21 ? 33  LYS A CE  1 
ATOM   234  N  NZ  . LYS A 1 33  ? 0.642   12.917  0.275   1.00 26.72 ? 33  LYS A NZ  1 
ATOM   235  N  N   . PHE A 1 34  ? -5.278  10.476  3.192   1.00 10.61 ? 34  PHE A N   1 
ATOM   236  C  CA  . PHE A 1 34  ? -6.432  9.766   2.665   1.00 11.22 ? 34  PHE A CA  1 
ATOM   237  C  C   . PHE A 1 34  ? -7.662  9.990   3.541   1.00 11.65 ? 34  PHE A C   1 
ATOM   238  O  O   . PHE A 1 34  ? -8.726  10.335  3.023   1.00 11.47 ? 34  PHE A O   1 
ATOM   239  C  CB  . PHE A 1 34  ? -6.150  8.261   2.577   1.00 8.17  ? 34  PHE A CB  1 
ATOM   240  C  CG  . PHE A 1 34  ? -7.274  7.467   1.928   1.00 11.56 ? 34  PHE A CG  1 
ATOM   241  C  CD1 . PHE A 1 34  ? -7.780  7.842   0.672   1.00 14.14 ? 34  PHE A CD1 1 
ATOM   242  C  CD2 . PHE A 1 34  ? -7.804  6.358   2.588   1.00 15.34 ? 34  PHE A CD2 1 
ATOM   243  C  CE1 . PHE A 1 34  ? -8.813  7.108   0.087   1.00 13.25 ? 34  PHE A CE1 1 
ATOM   244  C  CE2 . PHE A 1 34  ? -8.839  5.629   1.992   1.00 18.31 ? 34  PHE A CE2 1 
ATOM   245  C  CZ  . PHE A 1 34  ? -9.344  6.001   0.745   1.00 16.27 ? 34  PHE A CZ  1 
ATOM   246  N  N   . LEU A 1 35  ? -7.546  9.821   4.862   1.00 8.91  ? 35  LEU A N   1 
ATOM   247  C  CA  . LEU A 1 35  ? -8.678  10.055  5.740   1.00 9.94  ? 35  LEU A CA  1 
ATOM   248  C  C   . LEU A 1 35  ? -9.057  11.522  5.935   1.00 9.20  ? 35  LEU A C   1 
ATOM   249  O  O   . LEU A 1 35  ? -10.204 11.798  6.289   1.00 11.38 ? 35  LEU A O   1 
ATOM   250  C  CB  . LEU A 1 35  ? -8.400  9.402   7.094   1.00 8.97  ? 35  LEU A CB  1 
ATOM   251  C  CG  . LEU A 1 35  ? -8.336  7.880   7.070   1.00 9.47  ? 35  LEU A CG  1 
ATOM   252  C  CD1 . LEU A 1 35  ? -7.988  7.392   8.451   1.00 16.58 ? 35  LEU A CD1 1 
ATOM   253  C  CD2 . LEU A 1 35  ? -9.657  7.287   6.651   1.00 12.30 ? 35  LEU A CD2 1 
ATOM   254  N  N   . SER A 1 36  ? -8.147  12.479  5.728   1.00 9.34  ? 36  SER A N   1 
ATOM   255  C  CA  . SER A 1 36  ? -8.489  13.903  5.766   1.00 13.05 ? 36  SER A CA  1 
ATOM   256  C  C   . SER A 1 36  ? -9.297  14.328  4.541   1.00 13.97 ? 36  SER A C   1 
ATOM   257  O  O   . SER A 1 36  ? -10.145 15.220  4.598   1.00 13.97 ? 36  SER A O   1 
ATOM   258  C  CB  . SER A 1 36  ? -7.228  14.757  5.828   1.00 13.50 ? 36  SER A CB  1 
ATOM   259  O  OG  . SER A 1 36  ? -6.577  14.581  7.077   1.00 19.98 ? 36  SER A OG  1 
ATOM   260  N  N   . ALA A 1 37  ? -9.050  13.643  3.423   1.00 14.09 ? 37  ALA A N   1 
ATOM   261  C  CA  . ALA A 1 37  ? -9.735  13.890  2.171   1.00 14.98 ? 37  ALA A CA  1 
ATOM   262  C  C   . ALA A 1 37  ? -11.078 13.182  2.076   1.00 13.44 ? 37  ALA A C   1 
ATOM   263  O  O   . ALA A 1 37  ? -11.997 13.689  1.435   1.00 14.75 ? 37  ALA A O   1 
ATOM   264  C  CB  . ALA A 1 37  ? -8.841  13.433  1.020   1.00 17.70 ? 37  ALA A CB  1 
ATOM   265  N  N   . HIS A 1 38  ? -11.221 12.007  2.701   1.00 10.32 ? 38  HIS A N   1 
ATOM   266  C  CA  . HIS A 1 38  ? -12.463 11.259  2.667   1.00 10.25 ? 38  HIS A CA  1 
ATOM   267  C  C   . HIS A 1 38  ? -12.816 10.826  4.080   1.00 10.46 ? 38  HIS A C   1 
ATOM   268  O  O   . HIS A 1 38  ? -12.516 9.724   4.538   1.00 9.65  ? 38  HIS A O   1 
ATOM   269  C  CB  . HIS A 1 38  ? -12.333 10.019  1.783   1.00 12.15 ? 38  HIS A CB  1 
ATOM   270  C  CG  . HIS A 1 38  ? -11.607 10.307  0.486   1.00 16.26 ? 38  HIS A CG  1 
ATOM   271  N  ND1 . HIS A 1 38  ? -10.292 10.298  0.318   1.00 18.23 ? 38  HIS A ND1 1 
ATOM   272  C  CD2 . HIS A 1 38  ? -12.199 10.677  -0.689  1.00 16.48 ? 38  HIS A CD2 1 
ATOM   273  C  CE1 . HIS A 1 38  ? -10.080 10.654  -0.921  1.00 16.44 ? 38  HIS A CE1 1 
ATOM   274  N  NE2 . HIS A 1 38  ? -11.219 10.881  -1.524  1.00 19.46 ? 38  HIS A NE2 1 
ATOM   275  N  N   . HIS A 1 39  ? -13.510 11.730  4.774   1.00 10.53 ? 39  HIS A N   1 
ATOM   276  C  CA  . HIS A 1 39  ? -13.913 11.533  6.162   1.00 14.29 ? 39  HIS A CA  1 
ATOM   277  C  C   . HIS A 1 39  ? -14.828 10.344  6.352   1.00 14.16 ? 39  HIS A C   1 
ATOM   278  O  O   . HIS A 1 39  ? -14.873 9.723   7.417   1.00 16.80 ? 39  HIS A O   1 
ATOM   279  C  CB  . HIS A 1 39  ? -14.613 12.780  6.681   1.00 14.19 ? 39  HIS A CB  1 
ATOM   280  C  CG  . HIS A 1 39  ? -13.720 14.010  6.778   1.00 19.14 ? 39  HIS A CG  1 
ATOM   281  N  ND1 . HIS A 1 39  ? -14.118 15.273  6.783   1.00 23.81 ? 39  HIS A ND1 1 
ATOM   282  C  CD2 . HIS A 1 39  ? -12.354 14.012  6.903   1.00 21.81 ? 39  HIS A CD2 1 
ATOM   283  C  CE1 . HIS A 1 39  ? -13.045 16.019  6.907   1.00 22.18 ? 39  HIS A CE1 1 
ATOM   284  N  NE2 . HIS A 1 39  ? -11.986 15.260  6.980   1.00 21.50 ? 39  HIS A NE2 1 
ATOM   285  N  N   . ASP A 1 40  ? -15.535 10.051  5.251   1.00 12.67 ? 40  ASP A N   1 
ATOM   286  C  CA  . ASP A 1 40  ? -16.449 8.938   5.124   1.00 11.94 ? 40  ASP A CA  1 
ATOM   287  C  C   . ASP A 1 40  ? -15.737 7.590   5.212   1.00 11.14 ? 40  ASP A C   1 
ATOM   288  O  O   . ASP A 1 40  ? -16.331 6.562   5.559   1.00 14.21 ? 40  ASP A O   1 
ATOM   289  C  CB  . ASP A 1 40  ? -17.194 9.092   3.789   1.00 12.81 ? 40  ASP A CB  1 
ATOM   290  C  CG  . ASP A 1 40  ? -16.330 9.186   2.532   1.00 14.08 ? 40  ASP A CG  1 
ATOM   291  O  OD1 . ASP A 1 40  ? -15.708 10.225  2.316   1.00 18.44 ? 40  ASP A OD1 1 
ATOM   292  O  OD2 . ASP A 1 40  ? -16.303 8.225   1.762   1.00 16.22 ? 40  ASP A OD2 1 
ATOM   293  N  N   . MET A 1 41  ? -14.432 7.579   4.917   1.00 10.05 ? 41  MET A N   1 
ATOM   294  C  CA  . MET A 1 41  ? -13.645 6.359   5.019   1.00 9.26  ? 41  MET A CA  1 
ATOM   295  C  C   . MET A 1 41  ? -13.187 6.024   6.431   1.00 8.18  ? 41  MET A C   1 
ATOM   296  O  O   . MET A 1 41  ? -12.840 4.869   6.669   1.00 10.00 ? 41  MET A O   1 
ATOM   297  C  CB  . MET A 1 41  ? -12.436 6.465   4.113   1.00 10.64 ? 41  MET A CB  1 
ATOM   298  C  CG  . MET A 1 41  ? -12.794 6.393   2.623   1.00 13.20 ? 41  MET A CG  1 
ATOM   299  S  SD  . MET A 1 41  ? -13.362 4.744   2.162   1.00 17.38 ? 41  MET A SD  1 
ATOM   300  C  CE  . MET A 1 41  ? -15.093 5.004   1.944   1.00 14.24 ? 41  MET A CE  1 
ATOM   301  N  N   . ALA A 1 42  ? -13.202 6.962   7.393   1.00 7.25  ? 42  ALA A N   1 
ATOM   302  C  CA  . ALA A 1 42  ? -12.796 6.658   8.761   1.00 7.87  ? 42  ALA A CA  1 
ATOM   303  C  C   . ALA A 1 42  ? -13.596 5.510   9.362   1.00 7.12  ? 42  ALA A C   1 
ATOM   304  O  O   . ALA A 1 42  ? -13.007 4.627   9.980   1.00 9.92  ? 42  ALA A O   1 
ATOM   305  C  CB  . ALA A 1 42  ? -12.966 7.883   9.648   1.00 10.88 ? 42  ALA A CB  1 
ATOM   306  N  N   . ALA A 1 43  ? -14.914 5.433   9.138   1.00 9.74  ? 43  ALA A N   1 
ATOM   307  C  CA  . ALA A 1 43  ? -15.736 4.323   9.626   1.00 11.08 ? 43  ALA A CA  1 
ATOM   308  C  C   . ALA A 1 43  ? -15.399 2.954   9.034   1.00 12.46 ? 43  ALA A C   1 
ATOM   309  O  O   . ALA A 1 43  ? -15.612 1.937   9.695   1.00 11.67 ? 43  ALA A O   1 
ATOM   310  C  CB  . ALA A 1 43  ? -17.213 4.563   9.335   1.00 12.73 ? 43  ALA A CB  1 
ATOM   311  N  N   . VAL A 1 44  ? -14.872 2.910   7.794   1.00 12.30 ? 44  VAL A N   1 
ATOM   312  C  CA  . VAL A 1 44  ? -14.486 1.665   7.137   1.00 11.69 ? 44  VAL A CA  1 
ATOM   313  C  C   . VAL A 1 44  ? -13.267 1.049   7.824   1.00 10.77 ? 44  VAL A C   1 
ATOM   314  O  O   . VAL A 1 44  ? -13.160 -0.167  7.970   1.00 10.35 ? 44  VAL A O   1 
ATOM   315  C  CB  . VAL A 1 44  ? -14.211 1.956   5.634   1.00 12.39 ? 44  VAL A CB  1 
ATOM   316  C  CG1 . VAL A 1 44  ? -13.816 0.689   4.879   1.00 12.74 ? 44  VAL A CG1 1 
ATOM   317  C  CG2 . VAL A 1 44  ? -15.499 2.465   4.990   1.00 14.29 ? 44  VAL A CG2 1 
ATOM   318  N  N   . PHE A 1 45  ? -12.349 1.906   8.278   1.00 10.80 ? 45  PHE A N   1 
ATOM   319  C  CA  . PHE A 1 45  ? -11.182 1.488   9.035   1.00 10.22 ? 45  PHE A CA  1 
ATOM   320  C  C   . PHE A 1 45  ? -11.443 1.243   10.522  1.00 12.36 ? 45  PHE A C   1 
ATOM   321  O  O   . PHE A 1 45  ? -10.651 0.579   11.195  1.00 12.90 ? 45  PHE A O   1 
ATOM   322  C  CB  . PHE A 1 45  ? -10.110 2.530   8.944   1.00 10.91 ? 45  PHE A CB  1 
ATOM   323  C  CG  . PHE A 1 45  ? -9.453  2.649   7.591   1.00 9.45  ? 45  PHE A CG  1 
ATOM   324  C  CD1 . PHE A 1 45  ? -8.314  1.896   7.321   1.00 10.48 ? 45  PHE A CD1 1 
ATOM   325  C  CD2 . PHE A 1 45  ? -9.968  3.527   6.639   1.00 10.87 ? 45  PHE A CD2 1 
ATOM   326  C  CE1 . PHE A 1 45  ? -7.684  2.033   6.081   1.00 10.79 ? 45  PHE A CE1 1 
ATOM   327  C  CE2 . PHE A 1 45  ? -9.334  3.657   5.404   1.00 11.02 ? 45  PHE A CE2 1 
ATOM   328  C  CZ  . PHE A 1 45  ? -8.193  2.913   5.123   1.00 9.52  ? 45  PHE A CZ  1 
ATOM   329  N  N   . GLY A 1 46  ? -12.539 1.788   11.060  1.00 11.43 ? 46  GLY A N   1 
ATOM   330  C  CA  . GLY A 1 46  ? -12.839 1.704   12.481  1.00 9.75  ? 46  GLY A CA  1 
ATOM   331  C  C   . GLY A 1 46  ? -12.100 2.782   13.274  1.00 10.23 ? 46  GLY A C   1 
ATOM   332  O  O   . GLY A 1 46  ? -11.893 2.654   14.483  1.00 12.03 ? 46  GLY A O   1 
ATOM   333  N  N   . PHE A 1 47  ? -11.666 3.853   12.597  1.00 7.24  ? 47  PHE A N   1 
ATOM   334  C  CA  . PHE A 1 47  ? -10.972 4.961   13.232  1.00 7.04  ? 47  PHE A CA  1 
ATOM   335  C  C   . PHE A 1 47  ? -11.913 6.117   13.525  1.00 9.04  ? 47  PHE A C   1 
ATOM   336  O  O   . PHE A 1 47  ? -12.935 6.275   12.859  1.00 10.37 ? 47  PHE A O   1 
ATOM   337  C  CB  . PHE A 1 47  ? -9.840  5.484   12.349  1.00 5.96  ? 47  PHE A CB  1 
ATOM   338  C  CG  . PHE A 1 47  ? -8.725  4.484   12.056  1.00 6.56  ? 47  PHE A CG  1 
ATOM   339  C  CD1 . PHE A 1 47  ? -8.394  3.463   12.954  1.00 8.22  ? 47  PHE A CD1 1 
ATOM   340  C  CD2 . PHE A 1 47  ? -8.030  4.594   10.854  1.00 11.55 ? 47  PHE A CD2 1 
ATOM   341  C  CE1 . PHE A 1 47  ? -7.380  2.555   12.646  1.00 11.60 ? 47  PHE A CE1 1 
ATOM   342  C  CE2 . PHE A 1 47  ? -7.015  3.688   10.547  1.00 11.23 ? 47  PHE A CE2 1 
ATOM   343  C  CZ  . PHE A 1 47  ? -6.693  2.671   11.442  1.00 12.50 ? 47  PHE A CZ  1 
ATOM   344  N  N   . SER A 1 48  ? -11.565 6.939   14.521  1.00 6.37  ? 48  SER A N   1 
ATOM   345  C  CA  . SER A 1 48  ? -12.352 8.106   14.895  1.00 5.86  ? 48  SER A CA  1 
ATOM   346  C  C   . SER A 1 48  ? -12.205 9.256   13.908  1.00 5.81  ? 48  SER A C   1 
ATOM   347  O  O   . SER A 1 48  ? -13.093 10.088  13.767  1.00 8.26  ? 48  SER A O   1 
ATOM   348  C  CB  . SER A 1 48  ? -11.930 8.551   16.296  1.00 5.65  ? 48  SER A CB  1 
ATOM   349  O  OG  . SER A 1 48  ? -10.588 9.010   16.377  1.00 7.82  ? 48  SER A OG  1 
ATOM   350  N  N   . GLY A 1 49  ? -11.105 9.291   13.167  1.00 6.03  ? 49  GLY A N   1 
ATOM   351  C  CA  . GLY A 1 49  ? -10.783 10.337  12.218  1.00 7.03  ? 49  GLY A CA  1 
ATOM   352  C  C   . GLY A 1 49  ? -9.316  10.226  11.835  1.00 7.95  ? 49  GLY A C   1 
ATOM   353  O  O   . GLY A 1 49  ? -8.644  9.258   12.200  1.00 10.10 ? 49  GLY A O   1 
ATOM   354  N  N   . ALA A 1 50  ? -8.799  11.224  11.117  1.00 9.64  ? 50  ALA A N   1 
ATOM   355  C  CA  . ALA A 1 50  ? -7.431  11.213  10.635  1.00 11.32 ? 50  ALA A CA  1 
ATOM   356  C  C   . ALA A 1 50  ? -6.347  11.273  11.702  1.00 13.66 ? 50  ALA A C   1 
ATOM   357  O  O   . ALA A 1 50  ? -5.234  10.808  11.464  1.00 14.10 ? 50  ALA A O   1 
ATOM   358  C  CB  . ALA A 1 50  ? -7.235  12.375  9.688   1.00 12.40 ? 50  ALA A CB  1 
ATOM   359  N  N   . SER A 1 51  ? -6.646  11.834  12.881  1.00 13.60 ? 51  SER A N   1 
ATOM   360  C  CA  . SER A 1 51  ? -5.679  11.913  13.962  1.00 13.62 ? 51  SER A CA  1 
ATOM   361  C  C   . SER A 1 51  ? -5.767  10.768  14.976  1.00 12.93 ? 51  SER A C   1 
ATOM   362  O  O   . SER A 1 51  ? -5.078  10.795  15.993  1.00 12.44 ? 51  SER A O   1 
ATOM   363  C  CB  . SER A 1 51  ? -5.850  13.249  14.682  1.00 17.21 ? 51  SER A CB  1 
ATOM   364  O  OG  . SER A 1 51  ? -7.045  13.299  15.450  1.00 24.19 ? 51  SER A OG  1 
ATOM   365  N  N   . ASP A 1 52  ? -6.587  9.730   14.750  1.00 9.61  ? 52  ASP A N   1 
ATOM   366  C  CA  . ASP A 1 52  ? -6.643  8.544   15.605  1.00 9.93  ? 52  ASP A CA  1 
ATOM   367  C  C   . ASP A 1 52  ? -5.241  7.909   15.631  1.00 11.79 ? 52  ASP A C   1 
ATOM   368  O  O   . ASP A 1 52  ? -4.637  7.749   14.567  1.00 8.65  ? 52  ASP A O   1 
ATOM   369  C  CB  . ASP A 1 52  ? -7.662  7.563   15.021  1.00 7.88  ? 52  ASP A CB  1 
ATOM   370  C  CG  . ASP A 1 52  ? -7.968  6.276   15.769  1.00 10.34 ? 52  ASP A CG  1 
ATOM   371  O  OD1 . ASP A 1 52  ? -7.067  5.536   16.171  1.00 11.50 ? 52  ASP A OD1 1 
ATOM   372  O  OD2 . ASP A 1 52  ? -9.150  5.981   15.916  1.00 11.65 ? 52  ASP A OD2 1 
ATOM   373  N  N   . PRO A 1 53  ? -4.680  7.525   16.796  1.00 12.49 ? 53  PRO A N   1 
ATOM   374  C  CA  . PRO A 1 53  ? -3.384  6.832   16.909  1.00 11.54 ? 53  PRO A CA  1 
ATOM   375  C  C   . PRO A 1 53  ? -3.220  5.605   16.003  1.00 10.10 ? 53  PRO A C   1 
ATOM   376  O  O   . PRO A 1 53  ? -2.128  5.305   15.519  1.00 10.74 ? 53  PRO A O   1 
ATOM   377  C  CB  . PRO A 1 53  ? -3.297  6.498   18.385  1.00 13.08 ? 53  PRO A CB  1 
ATOM   378  C  CG  . PRO A 1 53  ? -4.089  7.605   19.031  1.00 13.99 ? 53  PRO A CG  1 
ATOM   379  C  CD  . PRO A 1 53  ? -5.292  7.712   18.115  1.00 10.87 ? 53  PRO A CD  1 
ATOM   380  N  N   . GLY A 1 54  ? -4.335  4.917   15.732  1.00 8.55  ? 54  GLY A N   1 
ATOM   381  C  CA  . GLY A 1 54  ? -4.403  3.754   14.861  1.00 9.10  ? 54  GLY A CA  1 
ATOM   382  C  C   . GLY A 1 54  ? -3.967  4.016   13.420  1.00 8.25  ? 54  GLY A C   1 
ATOM   383  O  O   . GLY A 1 54  ? -3.563  3.068   12.752  1.00 10.20 ? 54  GLY A O   1 
ATOM   384  N  N   . VAL A 1 55  ? -4.029  5.256   12.917  1.00 7.98  ? 55  VAL A N   1 
ATOM   385  C  CA  . VAL A 1 55  ? -3.628  5.607   11.554  1.00 8.39  ? 55  VAL A CA  1 
ATOM   386  C  C   . VAL A 1 55  ? -2.123  5.412   11.347  1.00 8.69  ? 55  VAL A C   1 
ATOM   387  O  O   . VAL A 1 55  ? -1.714  4.748   10.387  1.00 8.33  ? 55  VAL A O   1 
ATOM   388  C  CB  . VAL A 1 55  ? -4.044  7.076   11.272  1.00 10.33 ? 55  VAL A CB  1 
ATOM   389  C  CG1 . VAL A 1 55  ? -3.539  7.531   9.913   1.00 10.70 ? 55  VAL A CG1 1 
ATOM   390  C  CG2 . VAL A 1 55  ? -5.557  7.195   11.282  1.00 8.79  ? 55  VAL A CG2 1 
ATOM   391  N  N   . ALA A 1 56  ? -1.290  5.970   12.244  1.00 5.19  ? 56  ALA A N   1 
ATOM   392  C  CA  . ALA A 1 56  ? 0.155   5.800   12.173  1.00 5.55  ? 56  ALA A CA  1 
ATOM   393  C  C   . ALA A 1 56  ? 0.556   4.347   12.370  1.00 5.72  ? 56  ALA A C   1 
ATOM   394  O  O   . ALA A 1 56  ? 1.470   3.861   11.709  1.00 6.83  ? 56  ALA A O   1 
ATOM   395  C  CB  . ALA A 1 56  ? 0.855   6.644   13.238  1.00 3.96  ? 56  ALA A CB  1 
ATOM   396  N  N   . ASP A 1 57  ? -0.166  3.611   13.222  1.00 4.85  ? 57  ASP A N   1 
ATOM   397  C  CA  . ASP A 1 57  ? 0.109   2.219   13.465  1.00 8.10  ? 57  ASP A CA  1 
ATOM   398  C  C   . ASP A 1 57  ? -0.177  1.363   12.233  1.00 9.24  ? 57  ASP A C   1 
ATOM   399  O  O   . ASP A 1 57  ? 0.644   0.533   11.829  1.00 6.12  ? 57  ASP A O   1 
ATOM   400  C  CB  . ASP A 1 57  ? -0.737  1.774   14.646  1.00 8.26  ? 57  ASP A CB  1 
ATOM   401  C  CG  . ASP A 1 57  ? -0.439  0.368   15.128  1.00 15.02 ? 57  ASP A CG  1 
ATOM   402  O  OD1 . ASP A 1 57  ? 0.718   0.018   15.328  1.00 17.49 ? 57  ASP A OD1 1 
ATOM   403  O  OD2 . ASP A 1 57  ? -1.384  -0.387  15.303  1.00 23.64 ? 57  ASP A OD2 1 
ATOM   404  N  N   . LEU A 1 58  ? -1.350  1.588   11.634  1.00 6.88  ? 58  LEU A N   1 
ATOM   405  C  CA  . LEU A 1 58  ? -1.727  0.892   10.423  1.00 9.28  ? 58  LEU A CA  1 
ATOM   406  C  C   . LEU A 1 58  ? -0.778  1.255   9.287   1.00 6.23  ? 58  LEU A C   1 
ATOM   407  O  O   . LEU A 1 58  ? -0.372  0.353   8.566   1.00 9.13  ? 58  LEU A O   1 
ATOM   408  C  CB  . LEU A 1 58  ? -3.152  1.245   10.011  1.00 7.78  ? 58  LEU A CB  1 
ATOM   409  C  CG  . LEU A 1 58  ? -3.630  0.657   8.673   1.00 9.70  ? 58  LEU A CG  1 
ATOM   410  C  CD1 . LEU A 1 58  ? -3.599  -0.842  8.738   1.00 6.70  ? 58  LEU A CD1 1 
ATOM   411  C  CD2 . LEU A 1 58  ? -5.023  1.122   8.369   1.00 11.56 ? 58  LEU A CD2 1 
ATOM   412  N  N   . GLY A 1 59  ? -0.401  2.523   9.130   1.00 6.34  ? 59  GLY A N   1 
ATOM   413  C  CA  . GLY A 1 59  ? 0.513   2.973   8.092   1.00 7.93  ? 59  GLY A CA  1 
ATOM   414  C  C   . GLY A 1 59  ? 1.870   2.269   8.123   1.00 9.92  ? 59  GLY A C   1 
ATOM   415  O  O   . GLY A 1 59  ? 2.420   1.924   7.068   1.00 8.07  ? 59  GLY A O   1 
ATOM   416  N  N   . ALA A 1 60  ? 2.411   2.041   9.334   1.00 7.97  ? 60  ALA A N   1 
ATOM   417  C  CA  . ALA A 1 60  ? 3.653   1.301   9.506   1.00 6.93  ? 60  ALA A CA  1 
ATOM   418  C  C   . ALA A 1 60  ? 3.463   -0.152  9.099   1.00 6.27  ? 60  ALA A C   1 
ATOM   419  O  O   . ALA A 1 60  ? 4.302   -0.671  8.376   1.00 6.61  ? 60  ALA A O   1 
ATOM   420  C  CB  . ALA A 1 60  ? 4.114   1.326   10.955  1.00 6.00  ? 60  ALA A CB  1 
ATOM   421  N  N   . LYS A 1 61  ? 2.372   -0.835  9.484   1.00 7.07  ? 61  LYS A N   1 
ATOM   422  C  CA  . LYS A 1 61  ? 2.105   -2.219  9.078   1.00 6.57  ? 61  LYS A CA  1 
ATOM   423  C  C   . LYS A 1 61  ? 1.856   -2.451  7.591   1.00 7.14  ? 61  LYS A C   1 
ATOM   424  O  O   . LYS A 1 61  ? 2.265   -3.473  7.030   1.00 6.66  ? 61  LYS A O   1 
ATOM   425  C  CB  . LYS A 1 61  ? 0.905   -2.763  9.845   1.00 4.00  ? 61  LYS A CB  1 
ATOM   426  C  CG  . LYS A 1 61  ? 1.287   -2.930  11.301  1.00 8.86  ? 61  LYS A CG  1 
ATOM   427  C  CD  . LYS A 1 61  ? 0.044   -3.286  12.065  1.00 13.46 ? 61  LYS A CD  1 
ATOM   428  C  CE  . LYS A 1 61  ? 0.366   -3.407  13.539  1.00 18.52 ? 61  LYS A CE  1 
ATOM   429  N  NZ  . LYS A 1 61  ? -0.862  -3.671  14.263  1.00 22.48 ? 61  LYS A NZ  1 
ATOM   430  N  N   . VAL A 1 62  ? 1.182   -1.506  6.930   1.00 7.13  ? 62  VAL A N   1 
ATOM   431  C  CA  . VAL A 1 62  ? 0.915   -1.600  5.501   1.00 5.87  ? 62  VAL A CA  1 
ATOM   432  C  C   . VAL A 1 62  ? 2.210   -1.451  4.736   1.00 4.06  ? 62  VAL A C   1 
ATOM   433  O  O   . VAL A 1 62  ? 2.487   -2.269  3.866   1.00 4.86  ? 62  VAL A O   1 
ATOM   434  C  CB  . VAL A 1 62  ? -0.095  -0.505  5.098   1.00 6.36  ? 62  VAL A CB  1 
ATOM   435  C  CG1 . VAL A 1 62  ? -0.200  -0.334  3.586   1.00 5.92  ? 62  VAL A CG1 1 
ATOM   436  C  CG2 . VAL A 1 62  ? -1.451  -0.923  5.671   1.00 6.12  ? 62  VAL A CG2 1 
ATOM   437  N  N   . LEU A 1 63  ? 3.035   -0.462  5.077   1.00 4.76  ? 63  LEU A N   1 
ATOM   438  C  CA  . LEU A 1 63  ? 4.285   -0.262  4.371   1.00 5.00  ? 63  LEU A CA  1 
ATOM   439  C  C   . LEU A 1 63  ? 5.329   -1.335  4.635   1.00 7.06  ? 63  LEU A C   1 
ATOM   440  O  O   . LEU A 1 63  ? 6.111   -1.638  3.744   1.00 6.52  ? 63  LEU A O   1 
ATOM   441  C  CB  . LEU A 1 63  ? 4.815   1.132   4.719   1.00 4.74  ? 63  LEU A CB  1 
ATOM   442  C  CG  . LEU A 1 63  ? 4.387   2.301   3.805   1.00 4.38  ? 63  LEU A CG  1 
ATOM   443  C  CD1 . LEU A 1 63  ? 5.143   2.195   2.485   1.00 7.93  ? 63  LEU A CD1 1 
ATOM   444  C  CD2 . LEU A 1 63  ? 2.896   2.274   3.527   1.00 2.00  ? 63  LEU A CD2 1 
ATOM   445  N  N   . ALA A 1 64  ? 5.303   -1.975  5.811   1.00 7.40  ? 64  ALA A N   1 
ATOM   446  C  CA  . ALA A 1 64  ? 6.202   -3.084  6.135   1.00 8.31  ? 64  ALA A CA  1 
ATOM   447  C  C   . ALA A 1 64  ? 5.844   -4.306  5.301   1.00 8.92  ? 64  ALA A C   1 
ATOM   448  O  O   . ALA A 1 64  ? 6.741   -5.029  4.863   1.00 11.29 ? 64  ALA A O   1 
ATOM   449  C  CB  . ALA A 1 64  ? 6.085   -3.477  7.605   1.00 6.45  ? 64  ALA A CB  1 
ATOM   450  N  N   . GLN A 1 65  ? 4.540   -4.523  5.057   1.00 6.54  ? 65  GLN A N   1 
ATOM   451  C  CA  . GLN A 1 65  ? 4.054   -5.615  4.226   1.00 7.11  ? 65  GLN A CA  1 
ATOM   452  C  C   . GLN A 1 65  ? 4.361   -5.380  2.749   1.00 7.01  ? 65  GLN A C   1 
ATOM   453  O  O   . GLN A 1 65  ? 4.588   -6.340  2.006   1.00 5.68  ? 65  GLN A O   1 
ATOM   454  C  CB  . GLN A 1 65  ? 2.548   -5.758  4.428   1.00 8.44  ? 65  GLN A CB  1 
ATOM   455  C  CG  . GLN A 1 65  ? 1.878   -6.912  3.685   1.00 13.08 ? 65  GLN A CG  1 
ATOM   456  C  CD  . GLN A 1 65  ? 2.406   -8.289  4.064   1.00 16.69 ? 65  GLN A CD  1 
ATOM   457  O  OE1 . GLN A 1 65  ? 2.821   -9.082  3.219   1.00 21.08 ? 65  GLN A OE1 1 
ATOM   458  N  NE2 . GLN A 1 65  ? 2.392   -8.621  5.348   1.00 19.03 ? 65  GLN A NE2 1 
ATOM   459  N  N   . ILE A 1 66  ? 4.332   -4.116  2.294   1.00 6.72  ? 66  ILE A N   1 
ATOM   460  C  CA  . ILE A 1 66  ? 4.706   -3.784  0.922   1.00 8.17  ? 66  ILE A CA  1 
ATOM   461  C  C   . ILE A 1 66  ? 6.185   -4.096  0.745   1.00 9.97  ? 66  ILE A C   1 
ATOM   462  O  O   . ILE A 1 66  ? 6.551   -4.609  -0.305  1.00 10.38 ? 66  ILE A O   1 
ATOM   463  C  CB  . ILE A 1 66  ? 4.383   -2.291  0.648   1.00 7.90  ? 66  ILE A CB  1 
ATOM   464  C  CG1 . ILE A 1 66  ? 2.876   -2.194  0.416   1.00 8.43  ? 66  ILE A CG1 1 
ATOM   465  C  CG2 . ILE A 1 66  ? 5.113   -1.752  -0.572  1.00 8.22  ? 66  ILE A CG2 1 
ATOM   466  C  CD1 . ILE A 1 66  ? 2.305   -0.788  0.181   1.00 10.86 ? 66  ILE A CD1 1 
ATOM   467  N  N   . GLY A 1 67  ? 7.038   -3.846  1.752   1.00 9.59  ? 67  GLY A N   1 
ATOM   468  C  CA  . GLY A 1 67  ? 8.446   -4.226  1.720   1.00 9.04  ? 67  GLY A CA  1 
ATOM   469  C  C   . GLY A 1 67  ? 8.643   -5.731  1.600   1.00 6.43  ? 67  GLY A C   1 
ATOM   470  O  O   . GLY A 1 67  ? 9.563   -6.168  0.930   1.00 8.74  ? 67  GLY A O   1 
ATOM   471  N  N   . VAL A 1 68  ? 7.806   -6.563  2.228   1.00 8.01  ? 68  VAL A N   1 
ATOM   472  C  CA  . VAL A 1 68  ? 7.871   -8.011  2.079   1.00 8.71  ? 68  VAL A CA  1 
ATOM   473  C  C   . VAL A 1 68  ? 7.427   -8.391  0.664   1.00 8.87  ? 68  VAL A C   1 
ATOM   474  O  O   . VAL A 1 68  ? 8.089   -9.195  0.012   1.00 7.12  ? 68  VAL A O   1 
ATOM   475  C  CB  . VAL A 1 68  ? 6.958   -8.683  3.131   1.00 10.70 ? 68  VAL A CB  1 
ATOM   476  C  CG1 . VAL A 1 68  ? 6.947   -10.195 2.948   1.00 12.90 ? 68  VAL A CG1 1 
ATOM   477  C  CG2 . VAL A 1 68  ? 7.468   -8.338  4.525   1.00 13.61 ? 68  VAL A CG2 1 
ATOM   478  N  N   . ALA A 1 69  ? 6.327   -7.807  0.172   1.00 6.58  ? 69  ALA A N   1 
ATOM   479  C  CA  . ALA A 1 69  ? 5.846   -8.027  -1.185  1.00 8.11  ? 69  ALA A CA  1 
ATOM   480  C  C   . ALA A 1 69  ? 6.888   -7.624  -2.234  1.00 10.81 ? 69  ALA A C   1 
ATOM   481  O  O   . ALA A 1 69  ? 7.058   -8.354  -3.217  1.00 14.44 ? 69  ALA A O   1 
ATOM   482  C  CB  . ALA A 1 69  ? 4.575   -7.226  -1.421  1.00 3.73  ? 69  ALA A CB  1 
ATOM   483  N  N   . VAL A 1 70  ? 7.623   -6.517  -2.018  1.00 10.09 ? 70  VAL A N   1 
ATOM   484  C  CA  . VAL A 1 70  ? 8.722   -6.075  -2.877  1.00 13.29 ? 70  VAL A CA  1 
ATOM   485  C  C   . VAL A 1 70  ? 9.879   -7.081  -2.869  1.00 13.96 ? 70  VAL A C   1 
ATOM   486  O  O   . VAL A 1 70  ? 10.425  -7.336  -3.946  1.00 16.52 ? 70  VAL A O   1 
ATOM   487  C  CB  . VAL A 1 70  ? 9.257   -4.662  -2.435  1.00 15.82 ? 70  VAL A CB  1 
ATOM   488  C  CG1 . VAL A 1 70  ? 10.512  -4.242  -3.228  1.00 16.60 ? 70  VAL A CG1 1 
ATOM   489  C  CG2 . VAL A 1 70  ? 8.208   -3.605  -2.765  1.00 13.67 ? 70  VAL A CG2 1 
ATOM   490  N  N   . SER A 1 71  ? 10.263  -7.699  -1.732  1.00 13.32 ? 71  SER A N   1 
ATOM   491  C  CA  . SER A 1 71  ? 11.340  -8.686  -1.722  1.00 14.66 ? 71  SER A CA  1 
ATOM   492  C  C   . SER A 1 71  ? 10.963  -10.003 -2.407  1.00 15.14 ? 71  SER A C   1 
ATOM   493  O  O   . SER A 1 71  ? 11.842  -10.783 -2.765  1.00 17.65 ? 71  SER A O   1 
ATOM   494  C  CB  . SER A 1 71  ? 11.782  -8.995  -0.290  1.00 14.32 ? 71  SER A CB  1 
ATOM   495  O  OG  . SER A 1 71  ? 10.864  -9.761  0.475   1.00 19.63 ? 71  SER A OG  1 
ATOM   496  N  N   . HIS A 1 72  ? 9.663   -10.259 -2.618  1.00 12.78 ? 72  HIS A N   1 
ATOM   497  C  CA  . HIS A 1 72  ? 9.172   -11.473 -3.262  1.00 13.51 ? 72  HIS A CA  1 
ATOM   498  C  C   . HIS A 1 72  ? 8.664   -11.268 -4.679  1.00 13.18 ? 72  HIS A C   1 
ATOM   499  O  O   . HIS A 1 72  ? 8.104   -12.198 -5.263  1.00 13.75 ? 72  HIS A O   1 
ATOM   500  C  CB  . HIS A 1 72  ? 8.026   -12.088 -2.446  1.00 11.53 ? 72  HIS A CB  1 
ATOM   501  C  CG  . HIS A 1 72  ? 8.431   -12.507 -1.043  1.00 11.32 ? 72  HIS A CG  1 
ATOM   502  N  ND1 . HIS A 1 72  ? 7.619   -12.689 -0.020  1.00 11.19 ? 72  HIS A ND1 1 
ATOM   503  C  CD2 . HIS A 1 72  ? 9.710   -12.735 -0.609  1.00 12.67 ? 72  HIS A CD2 1 
ATOM   504  C  CE1 . HIS A 1 72  ? 8.358   -13.008 1.010   1.00 14.98 ? 72  HIS A CE1 1 
ATOM   505  N  NE2 . HIS A 1 72  ? 9.616   -13.036 0.655   1.00 15.66 ? 72  HIS A NE2 1 
ATOM   506  N  N   . LEU A 1 73  ? 8.874   -10.086 -5.266  1.00 13.62 ? 73  LEU A N   1 
ATOM   507  C  CA  . LEU A 1 73  ? 8.330   -9.735  -6.575  1.00 16.20 ? 73  LEU A CA  1 
ATOM   508  C  C   . LEU A 1 73  ? 8.769   -10.604 -7.754  1.00 17.89 ? 73  LEU A C   1 
ATOM   509  O  O   . LEU A 1 73  ? 8.047   -10.755 -8.743  1.00 20.20 ? 73  LEU A O   1 
ATOM   510  C  CB  . LEU A 1 73  ? 8.683   -8.270  -6.791  1.00 19.54 ? 73  LEU A CB  1 
ATOM   511  C  CG  . LEU A 1 73  ? 7.643   -7.297  -7.322  1.00 19.99 ? 73  LEU A CG  1 
ATOM   512  C  CD1 . LEU A 1 73  ? 6.255   -7.493  -6.732  1.00 21.09 ? 73  LEU A CD1 1 
ATOM   513  C  CD2 . LEU A 1 73  ? 8.123   -5.935  -6.944  1.00 17.57 ? 73  LEU A CD2 1 
ATOM   514  N  N   . GLY A 1 74  ? 9.943   -11.224 -7.606  1.00 15.20 ? 74  GLY A N   1 
ATOM   515  C  CA  . GLY A 1 74  ? 10.526  -12.140 -8.575  1.00 17.11 ? 74  GLY A CA  1 
ATOM   516  C  C   . GLY A 1 74  ? 9.833   -13.488 -8.631  1.00 16.41 ? 74  GLY A C   1 
ATOM   517  O  O   . GLY A 1 74  ? 10.079  -14.274 -9.550  1.00 19.99 ? 74  GLY A O   1 
ATOM   518  N  N   . ASP A 1 75  ? 8.995   -13.798 -7.637  1.00 13.21 ? 75  ASP A N   1 
ATOM   519  C  CA  . ASP A 1 75  ? 8.186   -15.001 -7.649  1.00 12.16 ? 75  ASP A CA  1 
ATOM   520  C  C   . ASP A 1 75  ? 6.756   -14.525 -7.446  1.00 13.10 ? 75  ASP A C   1 
ATOM   521  O  O   . ASP A 1 75  ? 6.288   -14.393 -6.314  1.00 12.60 ? 75  ASP A O   1 
ATOM   522  C  CB  . ASP A 1 75  ? 8.628   -15.919 -6.519  1.00 13.29 ? 75  ASP A CB  1 
ATOM   523  C  CG  . ASP A 1 75  ? 7.937   -17.274 -6.412  1.00 14.36 ? 75  ASP A CG  1 
ATOM   524  O  OD1 . ASP A 1 75  ? 6.883   -17.516 -7.000  1.00 17.24 ? 75  ASP A OD1 1 
ATOM   525  O  OD2 . ASP A 1 75  ? 8.465   -18.109 -5.689  1.00 18.54 ? 75  ASP A OD2 1 
ATOM   526  N  N   . GLU A 1 76  ? 6.023   -14.329 -8.547  1.00 13.01 ? 76  GLU A N   1 
ATOM   527  C  CA  . GLU A 1 76  ? 4.688   -13.764 -8.485  1.00 15.64 ? 76  GLU A CA  1 
ATOM   528  C  C   . GLU A 1 76  ? 3.689   -14.592 -7.684  1.00 16.40 ? 76  GLU A C   1 
ATOM   529  O  O   . GLU A 1 76  ? 2.907   -14.050 -6.898  1.00 14.00 ? 76  GLU A O   1 
ATOM   530  C  CB  . GLU A 1 76  ? 4.151   -13.571 -9.894  1.00 20.81 ? 76  GLU A CB  1 
ATOM   531  C  CG  . GLU A 1 76  ? 2.843   -12.771 -9.849  1.00 31.88 ? 76  GLU A CG  1 
ATOM   532  C  CD  . GLU A 1 76  ? 2.006   -12.714 -11.124 1.00 39.71 ? 76  GLU A CD  1 
ATOM   533  O  OE1 . GLU A 1 76  ? 2.073   -13.638 -11.941 1.00 41.18 ? 76  GLU A OE1 1 
ATOM   534  O  OE2 . GLU A 1 76  ? 1.264   -11.738 -11.282 1.00 44.29 ? 76  GLU A OE2 1 
ATOM   535  N  N   . GLY A 1 77  ? 3.741   -15.916 -7.886  1.00 14.35 ? 77  GLY A N   1 
ATOM   536  C  CA  . GLY A 1 77  ? 2.891   -16.860 -7.181  1.00 13.39 ? 77  GLY A CA  1 
ATOM   537  C  C   . GLY A 1 77  ? 3.093   -16.791 -5.678  1.00 13.24 ? 77  GLY A C   1 
ATOM   538  O  O   . GLY A 1 77  ? 2.134   -16.991 -4.944  1.00 15.16 ? 77  GLY A O   1 
ATOM   539  N  N   . LYS A 1 78  ? 4.312   -16.507 -5.201  1.00 12.44 ? 78  LYS A N   1 
ATOM   540  C  CA  . LYS A 1 78  ? 4.593   -16.351 -3.773  1.00 13.95 ? 78  LYS A CA  1 
ATOM   541  C  C   . LYS A 1 78  ? 3.985   -15.066 -3.229  1.00 10.14 ? 78  LYS A C   1 
ATOM   542  O  O   . LYS A 1 78  ? 3.281   -15.067 -2.221  1.00 9.84  ? 78  LYS A O   1 
ATOM   543  C  CB  . LYS A 1 78  ? 6.096   -16.312 -3.530  1.00 15.74 ? 78  LYS A CB  1 
ATOM   544  C  CG  . LYS A 1 78  ? 6.564   -16.287 -2.086  1.00 16.59 ? 78  LYS A CG  1 
ATOM   545  C  CD  . LYS A 1 78  ? 8.082   -16.259 -2.122  1.00 20.76 ? 78  LYS A CD  1 
ATOM   546  C  CE  . LYS A 1 78  ? 8.607   -16.505 -0.725  1.00 26.74 ? 78  LYS A CE  1 
ATOM   547  N  NZ  . LYS A 1 78  ? 10.054  -16.571 -0.714  1.00 30.76 ? 78  LYS A NZ  1 
ATOM   548  N  N   . MET A 1 79  ? 4.253   -13.969 -3.937  1.00 11.35 ? 79  MET A N   1 
ATOM   549  C  CA  . MET A 1 79  ? 3.747   -12.652 -3.578  1.00 12.62 ? 79  MET A CA  1 
ATOM   550  C  C   . MET A 1 79  ? 2.221   -12.637 -3.575  1.00 12.45 ? 79  MET A C   1 
ATOM   551  O  O   . MET A 1 79  ? 1.637   -12.102 -2.628  1.00 9.94  ? 79  MET A O   1 
ATOM   552  C  CB  . MET A 1 79  ? 4.304   -11.623 -4.570  1.00 10.98 ? 79  MET A CB  1 
ATOM   553  C  CG  . MET A 1 79  ? 3.935   -10.159 -4.312  1.00 17.24 ? 79  MET A CG  1 
ATOM   554  S  SD  . MET A 1 79  ? 2.194   -9.744  -4.634  1.00 21.33 ? 79  MET A SD  1 
ATOM   555  C  CE  . MET A 1 79  ? 2.316   -9.475  -6.382  1.00 23.15 ? 79  MET A CE  1 
ATOM   556  N  N   . VAL A 1 80  ? 1.543   -13.245 -4.573  1.00 11.91 ? 80  VAL A N   1 
ATOM   557  C  CA  . VAL A 1 80  ? 0.090   -13.180 -4.580  1.00 11.41 ? 80  VAL A CA  1 
ATOM   558  C  C   . VAL A 1 80  ? -0.492  -14.089 -3.517  1.00 13.29 ? 80  VAL A C   1 
ATOM   559  O  O   . VAL A 1 80  ? -1.497  -13.724 -2.915  1.00 14.11 ? 80  VAL A O   1 
ATOM   560  C  CB  . VAL A 1 80  ? -0.535  -13.556 -5.967  1.00 13.63 ? 80  VAL A CB  1 
ATOM   561  C  CG1 . VAL A 1 80  ? 0.043   -12.629 -7.023  1.00 12.68 ? 80  VAL A CG1 1 
ATOM   562  C  CG2 . VAL A 1 80  ? -0.256  -14.969 -6.353  1.00 20.78 ? 80  VAL A CG2 1 
ATOM   563  N  N   . ALA A 1 81  ? 0.142   -15.232 -3.213  1.00 11.28 ? 81  ALA A N   1 
ATOM   564  C  CA  . ALA A 1 81  ? -0.356  -16.122 -2.177  1.00 11.06 ? 81  ALA A CA  1 
ATOM   565  C  C   . ALA A 1 81  ? -0.293  -15.448 -0.816  1.00 10.92 ? 81  ALA A C   1 
ATOM   566  O  O   . ALA A 1 81  ? -1.268  -15.488 -0.065  1.00 11.56 ? 81  ALA A O   1 
ATOM   567  C  CB  . ALA A 1 81  ? 0.468   -17.400 -2.126  1.00 10.15 ? 81  ALA A CB  1 
ATOM   568  N  N   . GLU A 1 82  ? 0.802   -14.754 -0.507  1.00 7.43  ? 82  GLU A N   1 
ATOM   569  C  CA  . GLU A 1 82  ? 0.870   -14.076 0.763   1.00 8.87  ? 82  GLU A CA  1 
ATOM   570  C  C   . GLU A 1 82  ? -0.027  -12.844 0.826   1.00 9.14  ? 82  GLU A C   1 
ATOM   571  O  O   . GLU A 1 82  ? -0.564  -12.560 1.898   1.00 10.76 ? 82  GLU A O   1 
ATOM   572  C  CB  . GLU A 1 82  ? 2.313   -13.721 1.047   1.00 9.82  ? 82  GLU A CB  1 
ATOM   573  C  CG  . GLU A 1 82  ? 2.973   -12.678 0.189   1.00 14.95 ? 82  GLU A CG  1 
ATOM   574  C  CD  . GLU A 1 82  ? 4.482   -12.567 0.356   1.00 18.49 ? 82  GLU A CD  1 
ATOM   575  O  OE1 . GLU A 1 82  ? 5.092   -13.393 1.039   1.00 23.36 ? 82  GLU A OE1 1 
ATOM   576  O  OE2 . GLU A 1 82  ? 5.047   -11.647 -0.230  1.00 18.20 ? 82  GLU A OE2 1 
ATOM   577  N  N   . MET A 1 83  ? -0.242  -12.102 -0.273  1.00 8.29  ? 83  MET A N   1 
ATOM   578  C  CA  . MET A 1 83  ? -1.179  -10.993 -0.241  1.00 7.57  ? 83  MET A CA  1 
ATOM   579  C  C   . MET A 1 83  ? -2.635  -11.446 -0.185  1.00 7.39  ? 83  MET A C   1 
ATOM   580  O  O   . MET A 1 83  ? -3.465  -10.746 0.397   1.00 6.36  ? 83  MET A O   1 
ATOM   581  C  CB  . MET A 1 83  ? -0.959  -10.100 -1.452  1.00 6.59  ? 83  MET A CB  1 
ATOM   582  C  CG  . MET A 1 83  ? 0.324   -9.286  -1.334  1.00 8.94  ? 83  MET A CG  1 
ATOM   583  S  SD  . MET A 1 83  ? 0.518   -8.362  0.220   1.00 12.96 ? 83  MET A SD  1 
ATOM   584  C  CE  . MET A 1 83  ? -0.951  -7.398  0.272   1.00 6.77  ? 83  MET A CE  1 
ATOM   585  N  N   . LYS A 1 84  ? -2.972  -12.624 -0.744  1.00 7.89  ? 84  LYS A N   1 
ATOM   586  C  CA  . LYS A 1 84  ? -4.311  -13.197 -0.630  1.00 9.88  ? 84  LYS A CA  1 
ATOM   587  C  C   . LYS A 1 84  ? -4.616  -13.513 0.830   1.00 8.87  ? 84  LYS A C   1 
ATOM   588  O  O   . LYS A 1 84  ? -5.708  -13.218 1.294   1.00 10.67 ? 84  LYS A O   1 
ATOM   589  C  CB  . LYS A 1 84  ? -4.467  -14.504 -1.423  1.00 9.91  ? 84  LYS A CB  1 
ATOM   590  C  CG  . LYS A 1 84  ? -4.659  -14.278 -2.916  1.00 18.73 ? 84  LYS A CG  1 
ATOM   591  C  CD  . LYS A 1 84  ? -4.965  -15.591 -3.617  1.00 22.75 ? 84  LYS A CD  1 
ATOM   592  C  CE  . LYS A 1 84  ? -5.162  -15.336 -5.106  1.00 29.43 ? 84  LYS A CE  1 
ATOM   593  N  NZ  . LYS A 1 84  ? -5.476  -16.562 -5.817  1.00 30.12 ? 84  LYS A NZ  1 
ATOM   594  N  N   . ALA A 1 85  ? -3.638  -14.058 1.571   1.00 9.79  ? 85  ALA A N   1 
ATOM   595  C  CA  . ALA A 1 85  ? -3.766  -14.365 2.986   1.00 6.73  ? 85  ALA A CA  1 
ATOM   596  C  C   . ALA A 1 85  ? -4.009  -13.094 3.790   1.00 8.21  ? 85  ALA A C   1 
ATOM   597  O  O   . ALA A 1 85  ? -4.835  -13.106 4.701   1.00 12.39 ? 85  ALA A O   1 
ATOM   598  C  CB  . ALA A 1 85  ? -2.499  -15.015 3.493   1.00 8.52  ? 85  ALA A CB  1 
ATOM   599  N  N   . VAL A 1 86  ? -3.322  -11.991 3.466   1.00 7.99  ? 86  VAL A N   1 
ATOM   600  C  CA  . VAL A 1 86  ? -3.579  -10.700 4.099   1.00 9.08  ? 86  VAL A CA  1 
ATOM   601  C  C   . VAL A 1 86  ? -5.030  -10.305 3.811   1.00 10.65 ? 86  VAL A C   1 
ATOM   602  O  O   . VAL A 1 86  ? -5.727  -9.882  4.730   1.00 10.48 ? 86  VAL A O   1 
ATOM   603  C  CB  . VAL A 1 86  ? -2.599  -9.627  3.548   1.00 8.21  ? 86  VAL A CB  1 
ATOM   604  C  CG1 . VAL A 1 86  ? -2.926  -8.250  4.096   1.00 8.78  ? 86  VAL A CG1 1 
ATOM   605  C  CG2 . VAL A 1 86  ? -1.190  -9.958  3.992   1.00 4.77  ? 86  VAL A CG2 1 
ATOM   606  N  N   . GLY A 1 87  ? -5.496  -10.527 2.571   1.00 9.30  ? 87  GLY A N   1 
ATOM   607  C  CA  . GLY A 1 87  ? -6.839  -10.190 2.124   1.00 8.67  ? 87  GLY A CA  1 
ATOM   608  C  C   . GLY A 1 87  ? -7.923  -10.965 2.836   1.00 8.76  ? 87  GLY A C   1 
ATOM   609  O  O   . GLY A 1 87  ? -8.969  -10.404 3.160   1.00 9.36  ? 87  GLY A O   1 
ATOM   610  N  N   . VAL A 1 88  ? -7.691  -12.262 3.065   1.00 9.22  ? 88  VAL A N   1 
ATOM   611  C  CA  . VAL A 1 88  ? -8.629  -13.114 3.791   1.00 9.00  ? 88  VAL A CA  1 
ATOM   612  C  C   . VAL A 1 88  ? -8.824  -12.538 5.197   1.00 10.53 ? 88  VAL A C   1 
ATOM   613  O  O   . VAL A 1 88  ? -9.954  -12.499 5.679   1.00 9.60  ? 88  VAL A O   1 
ATOM   614  C  CB  . VAL A 1 88  ? -8.067  -14.556 3.848   1.00 10.27 ? 88  VAL A CB  1 
ATOM   615  C  CG1 . VAL A 1 88  ? -8.805  -15.429 4.852   1.00 9.09  ? 88  VAL A CG1 1 
ATOM   616  C  CG2 . VAL A 1 88  ? -8.261  -15.194 2.486   1.00 8.67  ? 88  VAL A CG2 1 
ATOM   617  N  N   . ARG A 1 89  ? -7.760  -12.041 5.850   1.00 8.96  ? 89  ARG A N   1 
ATOM   618  C  CA  . ARG A 1 89  ? -7.887  -11.431 7.172   1.00 11.17 ? 89  ARG A CA  1 
ATOM   619  C  C   . ARG A 1 89  ? -8.703  -10.141 7.168   1.00 9.42  ? 89  ARG A C   1 
ATOM   620  O  O   . ARG A 1 89  ? -9.311  -9.817  8.185   1.00 9.86  ? 89  ARG A O   1 
ATOM   621  C  CB  . ARG A 1 89  ? -6.498  -11.151 7.750   1.00 10.90 ? 89  ARG A CB  1 
ATOM   622  C  CG  . ARG A 1 89  ? -5.721  -12.450 7.961   1.00 11.75 ? 89  ARG A CG  1 
ATOM   623  C  CD  . ARG A 1 89  ? -4.511  -12.257 8.872   1.00 9.08  ? 89  ARG A CD  1 
ATOM   624  N  NE  . ARG A 1 89  ? -3.461  -11.435 8.301   1.00 9.52  ? 89  ARG A NE  1 
ATOM   625  C  CZ  . ARG A 1 89  ? -2.382  -11.947 7.710   1.00 7.74  ? 89  ARG A CZ  1 
ATOM   626  N  NH1 . ARG A 1 89  ? -2.202  -13.261 7.598   1.00 10.62 ? 89  ARG A NH1 1 
ATOM   627  N  NH2 . ARG A 1 89  ? -1.448  -11.126 7.252   1.00 8.55  ? 89  ARG A NH2 1 
ATOM   628  N  N   . HIS A 1 90  ? -8.740  -9.389  6.051   1.00 7.57  ? 90  HIS A N   1 
ATOM   629  C  CA  . HIS A 1 90  ? -9.527  -8.163  5.949   1.00 6.52  ? 90  HIS A CA  1 
ATOM   630  C  C   . HIS A 1 90  ? -11.029 -8.371  5.950   1.00 7.87  ? 90  HIS A C   1 
ATOM   631  O  O   . HIS A 1 90  ? -11.760 -7.390  6.068   1.00 9.72  ? 90  HIS A O   1 
ATOM   632  C  CB  . HIS A 1 90  ? -9.173  -7.344  4.673   1.00 6.04  ? 90  HIS A CB  1 
ATOM   633  C  CG  . HIS A 1 90  ? -7.810  -6.689  4.844   1.00 3.97  ? 90  HIS A CG  1 
ATOM   634  N  ND1 . HIS A 1 90  ? -6.666  -7.328  5.036   1.00 6.59  ? 90  HIS A ND1 1 
ATOM   635  C  CD2 . HIS A 1 90  ? -7.571  -5.349  4.916   1.00 6.66  ? 90  HIS A CD2 1 
ATOM   636  C  CE1 . HIS A 1 90  ? -5.753  -6.398  5.236   1.00 4.41  ? 90  HIS A CE1 1 
ATOM   637  N  NE2 . HIS A 1 90  ? -6.292  -5.207  5.166   1.00 8.12  ? 90  HIS A NE2 1 
ATOM   638  N  N   . LYS A 1 91  ? -11.529 -9.601  5.822   1.00 9.85  ? 91  LYS A N   1 
ATOM   639  C  CA  . LYS A 1 91  ? -12.941 -9.901  5.971   1.00 11.21 ? 91  LYS A CA  1 
ATOM   640  C  C   . LYS A 1 91  ? -13.423 -9.490  7.369   1.00 13.12 ? 91  LYS A C   1 
ATOM   641  O  O   . LYS A 1 91  ? -14.541 -8.997  7.521   1.00 12.06 ? 91  LYS A O   1 
ATOM   642  C  CB  . LYS A 1 91  ? -13.174 -11.394 5.769   1.00 10.90 ? 91  LYS A CB  1 
ATOM   643  C  CG  . LYS A 1 91  ? -12.970 -11.909 4.339   1.00 7.56  ? 91  LYS A CG  1 
ATOM   644  C  CD  . LYS A 1 91  ? -13.005 -13.417 4.379   1.00 7.87  ? 91  LYS A CD  1 
ATOM   645  C  CE  . LYS A 1 91  ? -12.827 -14.025 3.008   1.00 11.31 ? 91  LYS A CE  1 
ATOM   646  N  NZ  . LYS A 1 91  ? -13.978 -13.713 2.198   1.00 13.47 ? 91  LYS A NZ  1 
ATOM   647  N  N   . GLY A 1 92  ? -12.549 -9.617  8.382   1.00 12.87 ? 92  GLY A N   1 
ATOM   648  C  CA  . GLY A 1 92  ? -12.905 -9.325  9.757   1.00 11.87 ? 92  GLY A CA  1 
ATOM   649  C  C   . GLY A 1 92  ? -12.369 -8.000  10.276  1.00 15.34 ? 92  GLY A C   1 
ATOM   650  O  O   . GLY A 1 92  ? -12.453 -7.760  11.484  1.00 16.88 ? 92  GLY A O   1 
ATOM   651  N  N   . TYR A 1 93  ? -11.830 -7.122  9.415   1.00 11.86 ? 93  TYR A N   1 
ATOM   652  C  CA  . TYR A 1 93  ? -11.261 -5.842  9.834   1.00 10.65 ? 93  TYR A CA  1 
ATOM   653  C  C   . TYR A 1 93  ? -12.195 -4.670  9.646   1.00 11.86 ? 93  TYR A C   1 
ATOM   654  O  O   . TYR A 1 93  ? -13.081 -4.730  8.796   1.00 11.14 ? 93  TYR A O   1 
ATOM   655  C  CB  . TYR A 1 93  ? -9.977  -5.550  9.057   1.00 10.42 ? 93  TYR A CB  1 
ATOM   656  C  CG  . TYR A 1 93  ? -8.803  -6.449  9.403   1.00 10.55 ? 93  TYR A CG  1 
ATOM   657  C  CD1 . TYR A 1 93  ? -8.828  -7.257  10.549  1.00 9.57  ? 93  TYR A CD1 1 
ATOM   658  C  CD2 . TYR A 1 93  ? -7.674  -6.443  8.580   1.00 10.63 ? 93  TYR A CD2 1 
ATOM   659  C  CE1 . TYR A 1 93  ? -7.733  -8.052  10.878  1.00 7.57  ? 93  TYR A CE1 1 
ATOM   660  C  CE2 . TYR A 1 93  ? -6.569  -7.242  8.905   1.00 10.01 ? 93  TYR A CE2 1 
ATOM   661  C  CZ  . TYR A 1 93  ? -6.612  -8.038  10.055  1.00 12.73 ? 93  TYR A CZ  1 
ATOM   662  O  OH  . TYR A 1 93  ? -5.538  -8.831  10.398  1.00 11.92 ? 93  TYR A OH  1 
ATOM   663  N  N   . GLY A 1 94  ? -11.953 -3.606  10.435  1.00 12.05 ? 94  GLY A N   1 
ATOM   664  C  CA  . GLY A 1 94  ? -12.699 -2.346  10.425  1.00 13.94 ? 94  GLY A CA  1 
ATOM   665  C  C   . GLY A 1 94  ? -14.200 -2.557  10.551  1.00 14.35 ? 94  GLY A C   1 
ATOM   666  O  O   . GLY A 1 94  ? -14.670 -3.215  11.477  1.00 14.78 ? 94  GLY A O   1 
ATOM   667  N  N   . ASN A 1 95  ? -14.981 -1.938  9.656   1.00 17.50 ? 95  ASN A N   1 
ATOM   668  C  CA  . ASN A 1 95  ? -16.373 -2.334  9.502   1.00 20.21 ? 95  ASN A CA  1 
ATOM   669  C  C   . ASN A 1 95  ? -16.145 -3.564  8.620   1.00 23.37 ? 95  ASN A C   1 
ATOM   670  O  O   . ASN A 1 95  ? -15.240 -3.568  7.776   1.00 31.63 ? 95  ASN A O   1 
ATOM   671  C  CB  . ASN A 1 95  ? -17.202 -1.234  8.780   1.00 20.14 ? 95  ASN A CB  1 
ATOM   672  C  CG  . ASN A 1 95  ? -17.078 -1.026  7.268   1.00 17.06 ? 95  ASN A CG  1 
ATOM   673  O  OD1 . ASN A 1 95  ? -17.963 -0.438  6.653   1.00 25.04 ? 95  ASN A OD1 1 
ATOM   674  N  ND2 . ASN A 1 95  ? -16.051 -1.452  6.553   1.00 18.49 ? 95  ASN A ND2 1 
ATOM   675  N  N   . LYS A 1 96  ? -16.864 -4.660  8.715   1.00 25.18 ? 96  LYS A N   1 
ATOM   676  C  CA  . LYS A 1 96  ? -16.490 -5.827  7.919   1.00 21.02 ? 96  LYS A CA  1 
ATOM   677  C  C   . LYS A 1 96  ? -17.026 -5.770  6.483   1.00 19.83 ? 96  LYS A C   1 
ATOM   678  O  O   . LYS A 1 96  ? -17.403 -6.776  5.870   1.00 18.15 ? 96  LYS A O   1 
ATOM   679  C  CB  . LYS A 1 96  ? -16.986 -7.028  8.706   1.00 22.53 ? 96  LYS A CB  1 
ATOM   680  C  CG  . LYS A 1 96  ? -16.299 -7.057  10.067  1.00 25.91 ? 96  LYS A CG  1 
ATOM   681  C  CD  . LYS A 1 96  ? -16.903 -8.136  10.936  1.00 33.44 ? 96  LYS A CD  1 
ATOM   682  C  CE  . LYS A 1 96  ? -16.349 -8.024  12.341  1.00 34.89 ? 96  LYS A CE  1 
ATOM   683  N  NZ  . LYS A 1 96  ? -16.972 -9.039  13.172  1.00 41.81 ? 96  LYS A NZ  1 
ATOM   684  N  N   . HIS A 1 97  ? -16.993 -4.538  5.944   1.00 16.01 ? 97  HIS A N   1 
ATOM   685  C  CA  . HIS A 1 97  ? -17.491 -4.202  4.619   1.00 16.54 ? 97  HIS A CA  1 
ATOM   686  C  C   . HIS A 1 97  ? -16.477 -3.442  3.773   1.00 12.97 ? 97  HIS A C   1 
ATOM   687  O  O   . HIS A 1 97  ? -16.784 -2.459  3.101   1.00 11.54 ? 97  HIS A O   1 
ATOM   688  C  CB  . HIS A 1 97  ? -18.800 -3.387  4.785   1.00 17.78 ? 97  HIS A CB  1 
ATOM   689  C  CG  . HIS A 1 97  ? -19.857 -4.214  5.506   1.00 20.63 ? 97  HIS A CG  1 
ATOM   690  N  ND1 . HIS A 1 97  ? -20.123 -4.223  6.808   1.00 24.67 ? 97  HIS A ND1 1 
ATOM   691  C  CD2 . HIS A 1 97  ? -20.644 -5.163  4.904   1.00 21.78 ? 97  HIS A CD2 1 
ATOM   692  C  CE1 . HIS A 1 97  ? -21.027 -5.147  7.002   1.00 21.22 ? 97  HIS A CE1 1 
ATOM   693  N  NE2 . HIS A 1 97  ? -21.336 -5.708  5.861   1.00 22.82 ? 97  HIS A NE2 1 
ATOM   694  N  N   . ILE A 1 98  ? -15.221 -3.893  3.792   1.00 12.45 ? 98  ILE A N   1 
ATOM   695  C  CA  . ILE A 1 98  ? -14.185 -3.304  2.956   1.00 12.22 ? 98  ILE A CA  1 
ATOM   696  C  C   . ILE A 1 98  ? -14.455 -3.775  1.527   1.00 12.91 ? 98  ILE A C   1 
ATOM   697  O  O   . ILE A 1 98  ? -14.618 -4.964  1.228   1.00 11.56 ? 98  ILE A O   1 
ATOM   698  C  CB  . ILE A 1 98  ? -12.788 -3.763  3.448   1.00 12.65 ? 98  ILE A CB  1 
ATOM   699  C  CG1 . ILE A 1 98  ? -12.564 -3.215  4.860   1.00 12.10 ? 98  ILE A CG1 1 
ATOM   700  C  CG2 . ILE A 1 98  ? -11.684 -3.269  2.497   1.00 10.85 ? 98  ILE A CG2 1 
ATOM   701  C  CD1 . ILE A 1 98  ? -11.335 -3.794  5.581   1.00 13.60 ? 98  ILE A CD1 1 
ATOM   702  N  N   . LYS A 1 99  ? -14.544 -2.767  0.659   1.00 12.91 ? 99  LYS A N   1 
ATOM   703  C  CA  . LYS A 1 99  ? -14.833 -2.972  -0.753  1.00 15.79 ? 99  LYS A CA  1 
ATOM   704  C  C   . LYS A 1 99  ? -13.664 -2.659  -1.665  1.00 13.13 ? 99  LYS A C   1 
ATOM   705  O  O   . LYS A 1 99  ? -12.847 -1.791  -1.380  1.00 11.47 ? 99  LYS A O   1 
ATOM   706  C  CB  . LYS A 1 99  ? -16.007 -2.110  -1.143  1.00 17.25 ? 99  LYS A CB  1 
ATOM   707  C  CG  . LYS A 1 99  ? -17.309 -2.574  -0.527  1.00 21.90 ? 99  LYS A CG  1 
ATOM   708  C  CD  . LYS A 1 99  ? -18.241 -1.446  -0.854  1.00 31.17 ? 99  LYS A CD  1 
ATOM   709  C  CE  . LYS A 1 99  ? -19.612 -1.629  -0.257  1.00 37.16 ? 99  LYS A CE  1 
ATOM   710  N  NZ  . LYS A 1 99  ? -20.481 -0.575  -0.761  1.00 44.31 ? 99  LYS A NZ  1 
ATOM   711  N  N   . ALA A 1 100 ? -13.626 -3.365  -2.793  1.00 12.16 ? 100 ALA A N   1 
ATOM   712  C  CA  . ALA A 1 100 ? -12.573 -3.252  -3.787  1.00 12.23 ? 100 ALA A CA  1 
ATOM   713  C  C   . ALA A 1 100 ? -12.378 -1.858  -4.341  1.00 12.75 ? 100 ALA A C   1 
ATOM   714  O  O   . ALA A 1 100 ? -11.246 -1.460  -4.606  1.00 11.17 ? 100 ALA A O   1 
ATOM   715  C  CB  . ALA A 1 100 ? -12.876 -4.202  -4.938  1.00 15.00 ? 100 ALA A CB  1 
ATOM   716  N  N   . GLU A 1 101 ? -13.464 -1.075  -4.429  1.00 12.53 ? 101 GLU A N   1 
ATOM   717  C  CA  . GLU A 1 101 ? -13.423 0.293   -4.932  1.00 13.60 ? 101 GLU A CA  1 
ATOM   718  C  C   . GLU A 1 101 ? -12.592 1.250   -4.098  1.00 12.82 ? 101 GLU A C   1 
ATOM   719  O  O   . GLU A 1 101 ? -12.108 2.273   -4.584  1.00 12.36 ? 101 GLU A O   1 
ATOM   720  C  CB  . GLU A 1 101 ? -14.816 0.906   -5.022  1.00 18.41 ? 101 GLU A CB  1 
ATOM   721  C  CG  . GLU A 1 101 ? -15.878 0.058   -5.688  1.00 25.89 ? 101 GLU A CG  1 
ATOM   722  C  CD  . GLU A 1 101 ? -16.717 -0.706  -4.679  1.00 30.99 ? 101 GLU A CD  1 
ATOM   723  O  OE1 . GLU A 1 101 ? -16.600 -1.930  -4.634  1.00 33.59 ? 101 GLU A OE1 1 
ATOM   724  O  OE2 . GLU A 1 101 ? -17.484 -0.069  -3.946  1.00 34.15 ? 101 GLU A OE2 1 
ATOM   725  N  N   . TYR A 1 102 ? -12.427 0.928   -2.817  1.00 12.17 ? 102 TYR A N   1 
ATOM   726  C  CA  . TYR A 1 102 ? -11.662 1.767   -1.908  1.00 11.26 ? 102 TYR A CA  1 
ATOM   727  C  C   . TYR A 1 102 ? -10.157 1.758   -2.131  1.00 9.80  ? 102 TYR A C   1 
ATOM   728  O  O   . TYR A 1 102 ? -9.455  2.698   -1.748  1.00 10.55 ? 102 TYR A O   1 
ATOM   729  C  CB  . TYR A 1 102 ? -11.940 1.339   -0.470  1.00 11.37 ? 102 TYR A CB  1 
ATOM   730  C  CG  . TYR A 1 102 ? -13.398 1.388   -0.044  1.00 13.10 ? 102 TYR A CG  1 
ATOM   731  C  CD1 . TYR A 1 102 ? -14.337 2.217   -0.692  1.00 14.44 ? 102 TYR A CD1 1 
ATOM   732  C  CD2 . TYR A 1 102 ? -13.788 0.597   1.038   1.00 10.57 ? 102 TYR A CD2 1 
ATOM   733  C  CE1 . TYR A 1 102 ? -15.660 2.251   -0.252  1.00 13.59 ? 102 TYR A CE1 1 
ATOM   734  C  CE2 . TYR A 1 102 ? -15.106 0.631   1.478   1.00 13.33 ? 102 TYR A CE2 1 
ATOM   735  C  CZ  . TYR A 1 102 ? -16.029 1.456   0.836   1.00 14.03 ? 102 TYR A CZ  1 
ATOM   736  O  OH  . TYR A 1 102 ? -17.320 1.496   1.312   1.00 14.06 ? 102 TYR A OH  1 
ATOM   737  N  N   . PHE A 1 103 ? -9.645  0.689   -2.749  1.00 11.00 ? 103 PHE A N   1 
ATOM   738  C  CA  . PHE A 1 103 ? -8.216  0.532   -2.985  1.00 11.62 ? 103 PHE A CA  1 
ATOM   739  C  C   . PHE A 1 103 ? -7.613  1.438   -4.036  1.00 11.37 ? 103 PHE A C   1 
ATOM   740  O  O   . PHE A 1 103 ? -6.453  1.812   -3.929  1.00 9.95  ? 103 PHE A O   1 
ATOM   741  C  CB  . PHE A 1 103 ? -7.916  -0.906  -3.365  1.00 9.79  ? 103 PHE A CB  1 
ATOM   742  C  CG  . PHE A 1 103 ? -8.061  -1.818  -2.169  1.00 11.02 ? 103 PHE A CG  1 
ATOM   743  C  CD1 . PHE A 1 103 ? -6.945  -2.092  -1.379  1.00 9.28  ? 103 PHE A CD1 1 
ATOM   744  C  CD2 . PHE A 1 103 ? -9.306  -2.364  -1.864  1.00 9.80  ? 103 PHE A CD2 1 
ATOM   745  C  CE1 . PHE A 1 103 ? -7.085  -2.922  -0.275  1.00 10.18 ? 103 PHE A CE1 1 
ATOM   746  C  CE2 . PHE A 1 103 ? -9.429  -3.194  -0.754  1.00 14.37 ? 103 PHE A CE2 1 
ATOM   747  C  CZ  . PHE A 1 103 ? -8.321  -3.474  0.040   1.00 12.37 ? 103 PHE A CZ  1 
ATOM   748  N  N   . GLU A 1 104 ? -8.381  1.835   -5.050  1.00 14.97 ? 104 GLU A N   1 
ATOM   749  C  CA  . GLU A 1 104 ? -7.827  2.688   -6.078  1.00 19.35 ? 104 GLU A CA  1 
ATOM   750  C  C   . GLU A 1 104 ? -7.552  4.100   -5.572  1.00 14.46 ? 104 GLU A C   1 
ATOM   751  O  O   . GLU A 1 104 ? -6.424  4.538   -5.808  1.00 13.63 ? 104 GLU A O   1 
ATOM   752  C  CB  . GLU A 1 104 ? -8.766  2.748   -7.284  1.00 27.73 ? 104 GLU A CB  1 
ATOM   753  C  CG  . GLU A 1 104 ? -7.965  3.065   -8.548  1.00 38.37 ? 104 GLU A CG  1 
ATOM   754  C  CD  . GLU A 1 104 ? -8.766  3.698   -9.675  1.00 44.63 ? 104 GLU A CD  1 
ATOM   755  O  OE1 . GLU A 1 104 ? -8.247  4.645   -10.278 1.00 48.77 ? 104 GLU A OE1 1 
ATOM   756  O  OE2 . GLU A 1 104 ? -9.887  3.251   -9.946  1.00 45.94 ? 104 GLU A OE2 1 
ATOM   757  N  N   . PRO A 1 105 ? -8.416  4.867   -4.872  1.00 13.87 ? 105 PRO A N   1 
ATOM   758  C  CA  . PRO A 1 105 ? -8.022  6.146   -4.289  1.00 14.17 ? 105 PRO A CA  1 
ATOM   759  C  C   . PRO A 1 105 ? -6.914  6.070   -3.229  1.00 13.69 ? 105 PRO A C   1 
ATOM   760  O  O   . PRO A 1 105 ? -6.138  7.015   -3.072  1.00 14.10 ? 105 PRO A O   1 
ATOM   761  C  CB  . PRO A 1 105 ? -9.340  6.726   -3.785  1.00 14.66 ? 105 PRO A CB  1 
ATOM   762  C  CG  . PRO A 1 105 ? -10.212 5.531   -3.526  1.00 12.45 ? 105 PRO A CG  1 
ATOM   763  C  CD  . PRO A 1 105 ? -9.850  4.638   -4.688  1.00 12.51 ? 105 PRO A CD  1 
ATOM   764  N  N   . LEU A 1 106 ? -6.777  4.930   -2.543  1.00 11.27 ? 106 LEU A N   1 
ATOM   765  C  CA  . LEU A 1 106 ? -5.725  4.732   -1.554  1.00 11.06 ? 106 LEU A CA  1 
ATOM   766  C  C   . LEU A 1 106 ? -4.371  4.664   -2.251  1.00 9.25  ? 106 LEU A C   1 
ATOM   767  O  O   . LEU A 1 106 ? -3.375  5.157   -1.732  1.00 9.59  ? 106 LEU A O   1 
ATOM   768  C  CB  . LEU A 1 106 ? -5.968  3.441   -0.805  1.00 10.75 ? 106 LEU A CB  1 
ATOM   769  C  CG  . LEU A 1 106 ? -5.528  3.223   0.653   1.00 16.74 ? 106 LEU A CG  1 
ATOM   770  C  CD1 . LEU A 1 106 ? -4.844  1.869   0.692   1.00 15.72 ? 106 LEU A CD1 1 
ATOM   771  C  CD2 . LEU A 1 106 ? -4.611  4.311   1.189   1.00 11.71 ? 106 LEU A CD2 1 
ATOM   772  N  N   . GLY A 1 107 ? -4.347  4.077   -3.452  1.00 10.01 ? 107 GLY A N   1 
ATOM   773  C  CA  . GLY A 1 107 ? -3.160  3.966   -4.296  1.00 7.83  ? 107 GLY A CA  1 
ATOM   774  C  C   . GLY A 1 107 ? -2.580  5.303   -4.684  1.00 7.83  ? 107 GLY A C   1 
ATOM   775  O  O   . GLY A 1 107 ? -1.375  5.504   -4.606  1.00 10.95 ? 107 GLY A O   1 
ATOM   776  N  N   . ALA A 1 108 ? -3.462  6.229   -5.056  1.00 8.76  ? 108 ALA A N   1 
ATOM   777  C  CA  . ALA A 1 108 ? -3.075  7.582   -5.383  1.00 9.30  ? 108 ALA A CA  1 
ATOM   778  C  C   . ALA A 1 108 ? -2.391  8.288   -4.212  1.00 11.83 ? 108 ALA A C   1 
ATOM   779  O  O   . ALA A 1 108 ? -1.411  9.002   -4.412  1.00 12.11 ? 108 ALA A O   1 
ATOM   780  C  CB  . ALA A 1 108 ? -4.314  8.354   -5.781  1.00 13.10 ? 108 ALA A CB  1 
ATOM   781  N  N   . SER A 1 109 ? -2.891  8.066   -2.981  1.00 10.36 ? 109 SER A N   1 
ATOM   782  C  CA  . SER A 1 109 ? -2.333  8.659   -1.777  1.00 10.51 ? 109 SER A CA  1 
ATOM   783  C  C   . SER A 1 109 ? -1.017  8.010   -1.398  1.00 8.08  ? 109 SER A C   1 
ATOM   784  O  O   . SER A 1 109 ? -0.131  8.686   -0.883  1.00 12.25 ? 109 SER A O   1 
ATOM   785  C  CB  . SER A 1 109 ? -3.313  8.522   -0.615  1.00 15.29 ? 109 SER A CB  1 
ATOM   786  O  OG  . SER A 1 109 ? -4.533  9.217   -0.878  1.00 21.39 ? 109 SER A OG  1 
ATOM   787  N  N   . LEU A 1 110 ? -0.849  6.708   -1.629  1.00 7.37  ? 110 LEU A N   1 
ATOM   788  C  CA  . LEU A 1 110 ? 0.405   6.043   -1.337  1.00 6.42  ? 110 LEU A CA  1 
ATOM   789  C  C   . LEU A 1 110 ? 1.505   6.583   -2.245  1.00 8.93  ? 110 LEU A C   1 
ATOM   790  O  O   . LEU A 1 110 ? 2.586   6.944   -1.762  1.00 6.94  ? 110 LEU A O   1 
ATOM   791  C  CB  . LEU A 1 110 ? 0.231   4.540   -1.538  1.00 7.29  ? 110 LEU A CB  1 
ATOM   792  C  CG  . LEU A 1 110 ? 1.462   3.656   -1.321  1.00 9.83  ? 110 LEU A CG  1 
ATOM   793  C  CD1 . LEU A 1 110 ? 1.982   3.797   0.114   1.00 10.84 ? 110 LEU A CD1 1 
ATOM   794  C  CD2 . LEU A 1 110 ? 1.084   2.228   -1.648  1.00 7.78  ? 110 LEU A CD2 1 
ATOM   795  N  N   . LEU A 1 111 ? 1.208   6.709   -3.553  1.00 8.77  ? 111 LEU A N   1 
ATOM   796  C  CA  . LEU A 1 111 ? 2.192   7.200   -4.507  1.00 10.22 ? 111 LEU A CA  1 
ATOM   797  C  C   . LEU A 1 111 ? 2.648   8.619   -4.229  1.00 9.58  ? 111 LEU A C   1 
ATOM   798  O  O   . LEU A 1 111 ? 3.814   8.969   -4.386  1.00 9.61  ? 111 LEU A O   1 
ATOM   799  C  CB  . LEU A 1 111 ? 1.633   7.124   -5.922  1.00 12.24 ? 111 LEU A CB  1 
ATOM   800  C  CG  . LEU A 1 111 ? 1.512   5.730   -6.520  1.00 18.01 ? 111 LEU A CG  1 
ATOM   801  C  CD1 . LEU A 1 111 ? 1.042   5.825   -7.963  1.00 18.63 ? 111 LEU A CD1 1 
ATOM   802  C  CD2 . LEU A 1 111 ? 2.859   5.049   -6.503  1.00 18.27 ? 111 LEU A CD2 1 
ATOM   803  N  N   . SER A 1 112 ? 1.694   9.409   -3.756  1.00 10.09 ? 112 SER A N   1 
ATOM   804  C  CA  . SER A 1 112 ? 1.915   10.780  -3.370  1.00 11.69 ? 112 SER A CA  1 
ATOM   805  C  C   . SER A 1 112 ? 2.835   10.863  -2.146  1.00 11.54 ? 112 SER A C   1 
ATOM   806  O  O   . SER A 1 112 ? 3.780   11.659  -2.122  1.00 12.13 ? 112 SER A O   1 
ATOM   807  C  CB  . SER A 1 112 ? 0.529   11.361  -3.124  1.00 13.63 ? 112 SER A CB  1 
ATOM   808  O  OG  . SER A 1 112 ? 0.601   12.694  -2.673  1.00 24.04 ? 112 SER A OG  1 
ATOM   809  N  N   . ALA A 1 113 ? 2.596   10.027  -1.122  1.00 10.73 ? 113 ALA A N   1 
ATOM   810  C  CA  . ALA A 1 113 ? 3.420   10.007  0.085   1.00 9.62  ? 113 ALA A CA  1 
ATOM   811  C  C   . ALA A 1 113 ? 4.850   9.541   -0.213  1.00 10.49 ? 113 ALA A C   1 
ATOM   812  O  O   . ALA A 1 113 ? 5.819   10.092  0.322   1.00 10.81 ? 113 ALA A O   1 
ATOM   813  C  CB  . ALA A 1 113 ? 2.782   9.075   1.108   1.00 5.28  ? 113 ALA A CB  1 
ATOM   814  N  N   . MET A 1 114 ? 4.969   8.554   -1.124  1.00 9.83  ? 114 MET A N   1 
ATOM   815  C  CA  . MET A 1 114 ? 6.243   8.020   -1.588  1.00 8.82  ? 114 MET A CA  1 
ATOM   816  C  C   . MET A 1 114 ? 7.072   9.077   -2.295  1.00 11.68 ? 114 MET A C   1 
ATOM   817  O  O   . MET A 1 114 ? 8.266   9.234   -2.025  1.00 11.33 ? 114 MET A O   1 
ATOM   818  C  CB  . MET A 1 114 ? 6.024   6.890   -2.553  1.00 8.70  ? 114 MET A CB  1 
ATOM   819  C  CG  . MET A 1 114 ? 5.551   5.609   -1.935  1.00 6.60  ? 114 MET A CG  1 
ATOM   820  S  SD  . MET A 1 114 ? 5.325   4.347   -3.211  1.00 12.64 ? 114 MET A SD  1 
ATOM   821  C  CE  . MET A 1 114 ? 5.098   2.972   -2.113  1.00 9.99  ? 114 MET A CE  1 
ATOM   822  N  N   . GLU A 1 115 ? 6.421   9.825   -3.191  1.00 11.22 ? 115 GLU A N   1 
ATOM   823  C  CA  . GLU A 1 115 ? 7.074   10.908  -3.904  1.00 14.58 ? 115 GLU A CA  1 
ATOM   824  C  C   . GLU A 1 115 ? 7.473   12.026  -2.961  1.00 15.42 ? 115 GLU A C   1 
ATOM   825  O  O   . GLU A 1 115 ? 8.517   12.652  -3.141  1.00 16.01 ? 115 GLU A O   1 
ATOM   826  C  CB  . GLU A 1 115 ? 6.139   11.450  -4.975  1.00 17.94 ? 115 GLU A CB  1 
ATOM   827  C  CG  . GLU A 1 115 ? 6.809   12.537  -5.820  1.00 30.87 ? 115 GLU A CG  1 
ATOM   828  C  CD  . GLU A 1 115 ? 5.992   13.138  -6.955  1.00 37.98 ? 115 GLU A CD  1 
ATOM   829  O  OE1 . GLU A 1 115 ? 6.603   13.754  -7.830  1.00 43.29 ? 115 GLU A OE1 1 
ATOM   830  O  OE2 . GLU A 1 115 ? 4.765   13.000  -6.976  1.00 43.23 ? 115 GLU A OE2 1 
ATOM   831  N  N   . HIS A 1 116 ? 6.659   12.292  -1.934  1.00 18.11 ? 116 HIS A N   1 
ATOM   832  C  CA  . HIS A 1 116 ? 6.970   13.332  -0.964  1.00 19.55 ? 116 HIS A CA  1 
ATOM   833  C  C   . HIS A 1 116 ? 8.255   12.994  -0.221  1.00 18.30 ? 116 HIS A C   1 
ATOM   834  O  O   . HIS A 1 116 ? 9.042   13.904  0.061   1.00 17.01 ? 116 HIS A O   1 
ATOM   835  C  CB  . HIS A 1 116 ? 5.833   13.487  0.041   1.00 24.55 ? 116 HIS A CB  1 
ATOM   836  C  CG  . HIS A 1 116 ? 6.002   14.717  0.924   1.00 33.55 ? 116 HIS A CG  1 
ATOM   837  N  ND1 . HIS A 1 116 ? 6.046   14.759  2.252   1.00 37.88 ? 116 HIS A ND1 1 
ATOM   838  C  CD2 . HIS A 1 116 ? 6.157   16.004  0.461   1.00 36.41 ? 116 HIS A CD2 1 
ATOM   839  C  CE1 . HIS A 1 116 ? 6.223   16.014  2.590   1.00 36.91 ? 116 HIS A CE1 1 
ATOM   840  N  NE2 . HIS A 1 116 ? 6.288   16.760  1.515   1.00 37.51 ? 116 HIS A NE2 1 
ATOM   841  N  N   . ARG A 1 117 ? 8.494   11.697  0.051   1.00 14.42 ? 117 ARG A N   1 
ATOM   842  C  CA  . ARG A 1 117 ? 9.731   11.280  0.692   1.00 13.85 ? 117 ARG A CA  1 
ATOM   843  C  C   . ARG A 1 117 ? 10.938  11.215  -0.245  1.00 14.89 ? 117 ARG A C   1 
ATOM   844  O  O   . ARG A 1 117 ? 12.016  11.698  0.129   1.00 16.38 ? 117 ARG A O   1 
ATOM   845  C  CB  . ARG A 1 117 ? 9.552   9.908   1.356   1.00 12.96 ? 117 ARG A CB  1 
ATOM   846  C  CG  . ARG A 1 117 ? 10.875  9.434   1.977   1.00 14.47 ? 117 ARG A CG  1 
ATOM   847  C  CD  . ARG A 1 117 ? 10.782  8.194   2.816   1.00 15.20 ? 117 ARG A CD  1 
ATOM   848  N  NE  . ARG A 1 117 ? 10.185  8.524   4.097   1.00 13.54 ? 117 ARG A NE  1 
ATOM   849  C  CZ  . ARG A 1 117 ? 10.136  7.656   5.105   1.00 13.51 ? 117 ARG A CZ  1 
ATOM   850  N  NH1 . ARG A 1 117 ? 10.637  6.434   4.975   1.00 9.29  ? 117 ARG A NH1 1 
ATOM   851  N  NH2 . ARG A 1 117 ? 9.586   8.021   6.260   1.00 11.63 ? 117 ARG A NH2 1 
ATOM   852  N  N   . ILE A 1 118 ? 10.836  10.619  -1.444  1.00 14.71 ? 118 ILE A N   1 
ATOM   853  C  CA  . ILE A 1 118 ? 12.039  10.505  -2.267  1.00 14.01 ? 118 ILE A CA  1 
ATOM   854  C  C   . ILE A 1 118 ? 12.226  11.534  -3.373  1.00 12.33 ? 118 ILE A C   1 
ATOM   855  O  O   . ILE A 1 118 ? 13.221  11.477  -4.092  1.00 11.43 ? 118 ILE A O   1 
ATOM   856  C  CB  . ILE A 1 118 ? 12.143  9.072   -2.883  1.00 12.69 ? 118 ILE A CB  1 
ATOM   857  C  CG1 . ILE A 1 118 ? 11.053  8.735   -3.874  1.00 11.75 ? 118 ILE A CG1 1 
ATOM   858  C  CG2 . ILE A 1 118 ? 12.111  8.104   -1.713  1.00 11.37 ? 118 ILE A CG2 1 
ATOM   859  C  CD1 . ILE A 1 118 ? 11.386  7.406   -4.570  1.00 11.37 ? 118 ILE A CD1 1 
ATOM   860  N  N   . GLY A 1 119 ? 11.312  12.499  -3.499  1.00 13.38 ? 119 GLY A N   1 
ATOM   861  C  CA  . GLY A 1 119 ? 11.392  13.581  -4.471  1.00 15.72 ? 119 GLY A CA  1 
ATOM   862  C  C   . GLY A 1 119 ? 11.447  13.136  -5.931  1.00 18.61 ? 119 GLY A C   1 
ATOM   863  O  O   . GLY A 1 119 ? 10.618  12.363  -6.416  1.00 17.95 ? 119 GLY A O   1 
ATOM   864  N  N   . GLY A 1 120 ? 12.496  13.636  -6.606  1.00 19.88 ? 120 GLY A N   1 
ATOM   865  C  CA  . GLY A 1 120 ? 12.794  13.379  -8.013  1.00 20.40 ? 120 GLY A CA  1 
ATOM   866  C  C   . GLY A 1 120 ? 13.204  11.953  -8.375  1.00 20.85 ? 120 GLY A C   1 
ATOM   867  O  O   . GLY A 1 120 ? 13.296  11.608  -9.557  1.00 22.44 ? 120 GLY A O   1 
ATOM   868  N  N   . LYS A 1 121 ? 13.465  11.105  -7.373  1.00 18.06 ? 121 LYS A N   1 
ATOM   869  C  CA  . LYS A 1 121 ? 13.751  9.701   -7.583  1.00 16.64 ? 121 LYS A CA  1 
ATOM   870  C  C   . LYS A 1 121 ? 12.477  8.997   -8.023  1.00 15.78 ? 121 LYS A C   1 
ATOM   871  O  O   . LYS A 1 121 ? 12.509  7.938   -8.648  1.00 17.64 ? 121 LYS A O   1 
ATOM   872  C  CB  . LYS A 1 121 ? 14.244  9.094   -6.297  1.00 19.47 ? 121 LYS A CB  1 
ATOM   873  C  CG  . LYS A 1 121 ? 15.502  8.277   -6.461  1.00 24.84 ? 121 LYS A CG  1 
ATOM   874  C  CD  . LYS A 1 121 ? 16.704  8.978   -5.856  1.00 28.90 ? 121 LYS A CD  1 
ATOM   875  C  CE  . LYS A 1 121 ? 16.562  9.024   -4.343  1.00 33.27 ? 121 LYS A CE  1 
ATOM   876  N  NZ  . LYS A 1 121 ? 17.807  9.402   -3.696  1.00 38.89 ? 121 LYS A NZ  1 
ATOM   877  N  N   . MET A 1 122 ? 11.329  9.596   -7.681  1.00 16.78 ? 122 MET A N   1 
ATOM   878  C  CA  . MET A 1 122 ? 10.025  9.088   -8.070  1.00 16.67 ? 122 MET A CA  1 
ATOM   879  C  C   . MET A 1 122 ? 9.689   9.802   -9.364  1.00 17.94 ? 122 MET A C   1 
ATOM   880  O  O   . MET A 1 122 ? 8.856   10.708  -9.430  1.00 20.89 ? 122 MET A O   1 
ATOM   881  C  CB  . MET A 1 122 ? 9.011   9.414   -6.993  1.00 18.03 ? 122 MET A CB  1 
ATOM   882  C  CG  . MET A 1 122 ? 7.630   8.791   -7.141  1.00 20.77 ? 122 MET A CG  1 
ATOM   883  S  SD  . MET A 1 122 ? 7.570   6.992   -6.996  1.00 24.68 ? 122 MET A SD  1 
ATOM   884  C  CE  . MET A 1 122 ? 8.082   6.758   -5.340  1.00 24.39 ? 122 MET A CE  1 
ATOM   885  N  N   . ASN A 1 123 ? 10.429  9.416   -10.403 1.00 17.53 ? 123 ASN A N   1 
ATOM   886  C  CA  . ASN A 1 123 ? 10.219  9.964   -11.732 1.00 19.04 ? 123 ASN A CA  1 
ATOM   887  C  C   . ASN A 1 123 ? 9.071   9.250   -12.457 1.00 20.31 ? 123 ASN A C   1 
ATOM   888  O  O   . ASN A 1 123 ? 8.412   8.393   -11.861 1.00 20.87 ? 123 ASN A O   1 
ATOM   889  C  CB  . ASN A 1 123 ? 11.535  9.846   -12.503 1.00 18.66 ? 123 ASN A CB  1 
ATOM   890  C  CG  . ASN A 1 123 ? 12.179  8.467   -12.628 1.00 20.85 ? 123 ASN A CG  1 
ATOM   891  O  OD1 . ASN A 1 123 ? 13.397  8.365   -12.768 1.00 23.86 ? 123 ASN A OD1 1 
ATOM   892  N  ND2 . ASN A 1 123 ? 11.452  7.362   -12.597 1.00 17.58 ? 123 ASN A ND2 1 
ATOM   893  N  N   . ALA A 1 124 ? 8.804   9.554   -13.738 1.00 19.45 ? 124 ALA A N   1 
ATOM   894  C  CA  . ALA A 1 124 ? 7.711   8.949   -14.494 1.00 17.11 ? 124 ALA A CA  1 
ATOM   895  C  C   . ALA A 1 124 ? 7.790   7.436   -14.611 1.00 17.03 ? 124 ALA A C   1 
ATOM   896  O  O   . ALA A 1 124 ? 6.765   6.763   -14.519 1.00 19.83 ? 124 ALA A O   1 
ATOM   897  C  CB  . ALA A 1 124 ? 7.673   9.521   -15.901 1.00 21.70 ? 124 ALA A CB  1 
ATOM   898  N  N   . ALA A 1 125 ? 8.997   6.881   -14.791 1.00 16.45 ? 125 ALA A N   1 
ATOM   899  C  CA  . ALA A 1 125 ? 9.207   5.440   -14.831 1.00 14.94 ? 125 ALA A CA  1 
ATOM   900  C  C   . ALA A 1 125 ? 8.898   4.769   -13.486 1.00 14.24 ? 125 ALA A C   1 
ATOM   901  O  O   . ALA A 1 125 ? 8.275   3.706   -13.452 1.00 14.01 ? 125 ALA A O   1 
ATOM   902  C  CB  . ALA A 1 125 ? 10.650  5.144   -15.192 1.00 16.31 ? 125 ALA A CB  1 
ATOM   903  N  N   . ALA A 1 126 ? 9.317   5.392   -12.367 1.00 11.38 ? 126 ALA A N   1 
ATOM   904  C  CA  . ALA A 1 126 ? 9.057   4.875   -11.030 1.00 12.50 ? 126 ALA A CA  1 
ATOM   905  C  C   . ALA A 1 126 ? 7.583   4.903   -10.662 1.00 10.18 ? 126 ALA A C   1 
ATOM   906  O  O   . ALA A 1 126 ? 7.068   3.962   -10.065 1.00 10.50 ? 126 ALA A O   1 
ATOM   907  C  CB  . ALA A 1 126 ? 9.808   5.685   -9.988  1.00 11.76 ? 126 ALA A CB  1 
ATOM   908  N  N   . LYS A 1 127 ? 6.876   5.961   -11.067 1.00 10.17 ? 127 LYS A N   1 
ATOM   909  C  CA  . LYS A 1 127 ? 5.448   6.095   -10.799 1.00 11.98 ? 127 LYS A CA  1 
ATOM   910  C  C   . LYS A 1 127 ? 4.660   5.048   -11.556 1.00 10.37 ? 127 LYS A C   1 
ATOM   911  O  O   . LYS A 1 127 ? 3.713   4.484   -11.014 1.00 10.33 ? 127 LYS A O   1 
ATOM   912  C  CB  . LYS A 1 127 ? 4.936   7.477   -11.213 1.00 15.66 ? 127 LYS A CB  1 
ATOM   913  C  CG  . LYS A 1 127 ? 5.455   8.609   -10.351 1.00 16.10 ? 127 LYS A CG  1 
ATOM   914  C  CD  . LYS A 1 127 ? 5.013   9.913   -10.962 1.00 20.73 ? 127 LYS A CD  1 
ATOM   915  C  CE  . LYS A 1 127 ? 5.672   11.050  -10.224 1.00 24.24 ? 127 LYS A CE  1 
ATOM   916  N  NZ  . LYS A 1 127 ? 5.362   12.298  -10.885 1.00 29.88 ? 127 LYS A NZ  1 
ATOM   917  N  N   . ASP A 1 128 ? 5.063   4.772   -12.802 1.00 11.47 ? 128 ASP A N   1 
ATOM   918  C  CA  . ASP A 1 128 ? 4.410   3.749   -13.604 1.00 12.45 ? 128 ASP A CA  1 
ATOM   919  C  C   . ASP A 1 128 ? 4.717   2.365   -13.052 1.00 10.09 ? 128 ASP A C   1 
ATOM   920  O  O   . ASP A 1 128 ? 3.822   1.515   -13.009 1.00 10.89 ? 128 ASP A O   1 
ATOM   921  C  CB  . ASP A 1 128 ? 4.879   3.838   -15.060 1.00 16.42 ? 128 ASP A CB  1 
ATOM   922  C  CG  . ASP A 1 128 ? 4.199   2.831   -15.987 1.00 23.44 ? 128 ASP A CG  1 
ATOM   923  O  OD1 . ASP A 1 128 ? 4.838   1.837   -16.337 1.00 25.23 ? 128 ASP A OD1 1 
ATOM   924  O  OD2 . ASP A 1 128 ? 3.036   3.039   -16.350 1.00 30.25 ? 128 ASP A OD2 1 
ATOM   925  N  N   . ALA A 1 129 ? 5.961   2.114   -12.623 1.00 7.48  ? 129 ALA A N   1 
ATOM   926  C  CA  . ALA A 1 129 ? 6.310   0.810   -12.059 1.00 9.47  ? 129 ALA A CA  1 
ATOM   927  C  C   . ALA A 1 129 ? 5.586   0.546   -10.733 1.00 8.28  ? 129 ALA A C   1 
ATOM   928  O  O   . ALA A 1 129 ? 5.099   -0.556  -10.485 1.00 8.25  ? 129 ALA A O   1 
ATOM   929  C  CB  . ALA A 1 129 ? 7.807   0.748   -11.826 1.00 6.41  ? 129 ALA A CB  1 
ATOM   930  N  N   . TRP A 1 130 ? 5.500   1.564   -9.866  1.00 8.50  ? 130 TRP A N   1 
ATOM   931  C  CA  . TRP A 1 130 ? 4.766   1.460   -8.621  1.00 7.63  ? 130 TRP A CA  1 
ATOM   932  C  C   . TRP A 1 130 ? 3.255   1.419   -8.808  1.00 5.85  ? 130 TRP A C   1 
ATOM   933  O  O   . TRP A 1 130 ? 2.589   0.711   -8.055  1.00 8.22  ? 130 TRP A O   1 
ATOM   934  C  CB  . TRP A 1 130 ? 5.191   2.624   -7.719  1.00 6.96  ? 130 TRP A CB  1 
ATOM   935  C  CG  . TRP A 1 130 ? 6.415   2.251   -6.861  1.00 8.00  ? 130 TRP A CG  1 
ATOM   936  C  CD1 . TRP A 1 130 ? 7.659   2.790   -7.086  1.00 8.32  ? 130 TRP A CD1 1 
ATOM   937  C  CD2 . TRP A 1 130 ? 6.420   1.384   -5.788  1.00 8.24  ? 130 TRP A CD2 1 
ATOM   938  N  NE1 . TRP A 1 130 ? 8.453   2.284   -6.167  1.00 6.33  ? 130 TRP A NE1 1 
ATOM   939  C  CE2 . TRP A 1 130 ? 7.758   1.448   -5.377  1.00 5.68  ? 130 TRP A CE2 1 
ATOM   940  C  CE3 . TRP A 1 130 ? 5.516   0.567   -5.106  1.00 8.53  ? 130 TRP A CE3 1 
ATOM   941  C  CZ2 . TRP A 1 130 ? 8.208   0.708   -4.285  1.00 4.52  ? 130 TRP A CZ2 1 
ATOM   942  C  CZ3 . TRP A 1 130 ? 5.971   -0.175  -4.011  1.00 7.78  ? 130 TRP A CZ3 1 
ATOM   943  C  CH2 . TRP A 1 130 ? 7.307   -0.103  -3.605  1.00 5.59  ? 130 TRP A CH2 1 
ATOM   944  N  N   . ALA A 1 131 ? 2.644   2.110   -9.782  1.00 6.84  ? 131 ALA A N   1 
ATOM   945  C  CA  . ALA A 1 131 ? 1.209   1.967   -10.031 1.00 5.70  ? 131 ALA A CA  1 
ATOM   946  C  C   . ALA A 1 131 ? 0.921   0.545   -10.503 1.00 7.12  ? 131 ALA A C   1 
ATOM   947  O  O   . ALA A 1 131 ? -0.055  -0.069  -10.064 1.00 8.48  ? 131 ALA A O   1 
ATOM   948  C  CB  . ALA A 1 131 ? 0.751   2.944   -11.101 1.00 6.97  ? 131 ALA A CB  1 
ATOM   949  N  N   . ALA A 1 132 ? 1.809   -0.032  -11.333 1.00 5.58  ? 132 ALA A N   1 
ATOM   950  C  CA  . ALA A 1 132 ? 1.705   -1.426  -11.746 1.00 6.68  ? 132 ALA A CA  1 
ATOM   951  C  C   . ALA A 1 132 ? 1.863   -2.361  -10.557 1.00 5.96  ? 132 ALA A C   1 
ATOM   952  O  O   . ALA A 1 132 ? 1.068   -3.280  -10.400 1.00 7.55  ? 132 ALA A O   1 
ATOM   953  C  CB  . ALA A 1 132 ? 2.795   -1.780  -12.751 1.00 7.22  ? 132 ALA A CB  1 
ATOM   954  N  N   . ALA A 1 133 ? 2.857   -2.134  -9.684  1.00 5.59  ? 133 ALA A N   1 
ATOM   955  C  CA  . ALA A 1 133 ? 3.065   -2.964  -8.504  1.00 6.58  ? 133 ALA A CA  1 
ATOM   956  C  C   . ALA A 1 133 ? 1.908   -2.843  -7.519  1.00 6.07  ? 133 ALA A C   1 
ATOM   957  O  O   . ALA A 1 133 ? 1.441   -3.873  -7.032  1.00 7.59  ? 133 ALA A O   1 
ATOM   958  C  CB  . ALA A 1 133 ? 4.337   -2.563  -7.778  1.00 6.46  ? 133 ALA A CB  1 
ATOM   959  N  N   . TYR A 1 134 ? 1.409   -1.619  -7.248  1.00 5.97  ? 134 TYR A N   1 
ATOM   960  C  CA  . TYR A 1 134 ? 0.270   -1.427  -6.361  1.00 6.91  ? 134 TYR A CA  1 
ATOM   961  C  C   . TYR A 1 134 ? -0.933  -2.138  -6.972  1.00 6.20  ? 134 TYR A C   1 
ATOM   962  O  O   . TYR A 1 134 ? -1.633  -2.810  -6.220  1.00 6.41  ? 134 TYR A O   1 
ATOM   963  C  CB  . TYR A 1 134 ? -0.051  0.075   -6.154  1.00 5.61  ? 134 TYR A CB  1 
ATOM   964  C  CG  . TYR A 1 134 ? -1.220  0.269   -5.184  1.00 8.07  ? 134 TYR A CG  1 
ATOM   965  C  CD1 . TYR A 1 134 ? -1.049  0.024   -3.812  1.00 9.57  ? 134 TYR A CD1 1 
ATOM   966  C  CD2 . TYR A 1 134 ? -2.490  0.595   -5.675  1.00 7.49  ? 134 TYR A CD2 1 
ATOM   967  C  CE1 . TYR A 1 134 ? -2.142  0.091   -2.939  1.00 11.44 ? 134 TYR A CE1 1 
ATOM   968  C  CE2 . TYR A 1 134 ? -3.584  0.655   -4.808  1.00 9.01  ? 134 TYR A CE2 1 
ATOM   969  C  CZ  . TYR A 1 134 ? -3.405  0.404   -3.441  1.00 10.57 ? 134 TYR A CZ  1 
ATOM   970  O  OH  . TYR A 1 134 ? -4.489  0.457   -2.584  1.00 9.15  ? 134 TYR A OH  1 
ATOM   971  N  N   . ALA A 1 135 ? -1.174  -2.086  -8.298  1.00 6.54  ? 135 ALA A N   1 
ATOM   972  C  CA  . ALA A 1 135 ? -2.276  -2.830  -8.905  1.00 6.75  ? 135 ALA A CA  1 
ATOM   973  C  C   . ALA A 1 135 ? -2.220  -4.340  -8.652  1.00 8.43  ? 135 ALA A C   1 
ATOM   974  O  O   . ALA A 1 135 ? -3.237  -4.966  -8.331  1.00 9.30  ? 135 ALA A O   1 
ATOM   975  C  CB  . ALA A 1 135 ? -2.281  -2.594  -10.405 1.00 7.73  ? 135 ALA A CB  1 
ATOM   976  N  N   . ASP A 1 136 ? -1.036  -4.958  -8.721  1.00 9.96  ? 136 ASP A N   1 
ATOM   977  C  CA  . ASP A 1 136 ? -0.878  -6.383  -8.431  1.00 9.93  ? 136 ASP A CA  1 
ATOM   978  C  C   . ASP A 1 136 ? -1.035  -6.751  -6.959  1.00 7.44  ? 136 ASP A C   1 
ATOM   979  O  O   . ASP A 1 136 ? -1.692  -7.739  -6.626  1.00 5.80  ? 136 ASP A O   1 
ATOM   980  C  CB  . ASP A 1 136 ? 0.500   -6.862  -8.913  1.00 14.24 ? 136 ASP A CB  1 
ATOM   981  C  CG  . ASP A 1 136 ? 0.549   -7.383  -10.352 1.00 24.09 ? 136 ASP A CG  1 
ATOM   982  O  OD1 . ASP A 1 136 ? -0.338  -7.083  -11.155 1.00 25.21 ? 136 ASP A OD1 1 
ATOM   983  O  OD2 . ASP A 1 136 ? 1.490   -8.114  -10.669 1.00 29.32 ? 136 ASP A OD2 1 
ATOM   984  N  N   . ILE A 1 137 ? -0.435  -5.945  -6.071  1.00 8.48  ? 137 ILE A N   1 
ATOM   985  C  CA  . ILE A 1 137 ? -0.442  -6.188  -4.627  1.00 10.17 ? 137 ILE A CA  1 
ATOM   986  C  C   . ILE A 1 137 ? -1.847  -6.017  -4.062  1.00 10.38 ? 137 ILE A C   1 
ATOM   987  O  O   . ILE A 1 137 ? -2.326  -6.902  -3.346  1.00 8.21  ? 137 ILE A O   1 
ATOM   988  C  CB  . ILE A 1 137 ? 0.601   -5.220  -3.968  1.00 9.49  ? 137 ILE A CB  1 
ATOM   989  C  CG1 . ILE A 1 137 ? 2.007   -5.672  -4.376  1.00 9.94  ? 137 ILE A CG1 1 
ATOM   990  C  CG2 . ILE A 1 137 ? 0.516   -5.240  -2.437  1.00 11.94 ? 137 ILE A CG2 1 
ATOM   991  C  CD1 . ILE A 1 137 ? 3.110   -4.643  -4.040  1.00 10.82 ? 137 ILE A CD1 1 
ATOM   992  N  N   . SER A 1 138 ? -2.525  -4.908  -4.405  1.00 9.52  ? 138 SER A N   1 
ATOM   993  C  CA  . SER A 1 138 ? -3.895  -4.704  -3.965  1.00 12.23 ? 138 SER A CA  1 
ATOM   994  C  C   . SER A 1 138 ? -4.849  -5.691  -4.623  1.00 10.37 ? 138 SER A C   1 
ATOM   995  O  O   . SER A 1 138 ? -5.741  -6.188  -3.949  1.00 11.28 ? 138 SER A O   1 
ATOM   996  C  CB  . SER A 1 138 ? -4.342  -3.277  -4.272  1.00 13.01 ? 138 SER A CB  1 
ATOM   997  O  OG  . SER A 1 138 ? -4.271  -2.919  -5.646  1.00 14.80 ? 138 SER A OG  1 
ATOM   998  N  N   . GLY A 1 139 ? -4.642  -6.037  -5.901  1.00 9.76  ? 139 GLY A N   1 
ATOM   999  C  CA  . GLY A 1 139 ? -5.456  -6.988  -6.641  1.00 6.92  ? 139 GLY A CA  1 
ATOM   1000 C  C   . GLY A 1 139 ? -5.453  -8.348  -5.972  1.00 9.07  ? 139 GLY A C   1 
ATOM   1001 O  O   . GLY A 1 139 ? -6.496  -8.989  -5.834  1.00 9.60  ? 139 GLY A O   1 
ATOM   1002 N  N   . ALA A 1 140 ? -4.282  -8.781  -5.499  1.00 7.03  ? 140 ALA A N   1 
ATOM   1003 C  CA  . ALA A 1 140 ? -4.162  -10.054 -4.812  1.00 8.13  ? 140 ALA A CA  1 
ATOM   1004 C  C   . ALA A 1 140 ? -4.832  -9.984  -3.446  1.00 8.06  ? 140 ALA A C   1 
ATOM   1005 O  O   . ALA A 1 140 ? -5.506  -10.934 -3.057  1.00 10.58 ? 140 ALA A O   1 
ATOM   1006 C  CB  . ALA A 1 140 ? -2.698  -10.400 -4.643  1.00 8.23  ? 140 ALA A CB  1 
ATOM   1007 N  N   . LEU A 1 141 ? -4.699  -8.871  -2.707  1.00 7.97  ? 141 LEU A N   1 
ATOM   1008 C  CA  . LEU A 1 141 ? -5.395  -8.699  -1.437  1.00 8.02  ? 141 LEU A CA  1 
ATOM   1009 C  C   . LEU A 1 141 ? -6.902  -8.741  -1.678  1.00 6.48  ? 141 LEU A C   1 
ATOM   1010 O  O   . LEU A 1 141 ? -7.594  -9.446  -0.952  1.00 8.64  ? 141 LEU A O   1 
ATOM   1011 C  CB  . LEU A 1 141 ? -5.006  -7.353  -0.797  1.00 10.05 ? 141 LEU A CB  1 
ATOM   1012 C  CG  . LEU A 1 141 ? -5.321  -7.063  0.679   1.00 12.23 ? 141 LEU A CG  1 
ATOM   1013 C  CD1 . LEU A 1 141 ? -4.504  -5.889  1.116   1.00 7.40  ? 141 LEU A CD1 1 
ATOM   1014 C  CD2 . LEU A 1 141 ? -6.777  -6.710  0.897   1.00 12.73 ? 141 LEU A CD2 1 
ATOM   1015 N  N   . ILE A 1 142 ? -7.437  -8.001  -2.661  1.00 6.21  ? 142 ILE A N   1 
ATOM   1016 C  CA  . ILE A 1 142 ? -8.856  -8.023  -3.013  1.00 7.64  ? 142 ILE A CA  1 
ATOM   1017 C  C   . ILE A 1 142 ? -9.312  -9.444  -3.315  1.00 9.79  ? 142 ILE A C   1 
ATOM   1018 O  O   . ILE A 1 142 ? -10.394 -9.812  -2.851  1.00 10.32 ? 142 ILE A O   1 
ATOM   1019 C  CB  . ILE A 1 142 ? -9.094  -7.098  -4.235  1.00 9.49  ? 142 ILE A CB  1 
ATOM   1020 C  CG1 . ILE A 1 142 ? -8.993  -5.657  -3.773  1.00 9.40  ? 142 ILE A CG1 1 
ATOM   1021 C  CG2 . ILE A 1 142 ? -10.462 -7.338  -4.864  1.00 10.73 ? 142 ILE A CG2 1 
ATOM   1022 C  CD1 . ILE A 1 142 ? -8.931  -4.669  -4.951  1.00 11.03 ? 142 ILE A CD1 1 
ATOM   1023 N  N   . SER A 1 143 ? -8.498  -10.256 -4.029  1.00 7.07  ? 143 SER A N   1 
ATOM   1024 C  CA  . SER A 1 143 ? -8.835  -11.656 -4.287  1.00 9.82  ? 143 SER A CA  1 
ATOM   1025 C  C   . SER A 1 143 ? -8.984  -12.443 -2.997  1.00 7.35  ? 143 SER A C   1 
ATOM   1026 O  O   . SER A 1 143 ? -9.934  -13.213 -2.897  1.00 8.09  ? 143 SER A O   1 
ATOM   1027 C  CB  . SER A 1 143 ? -7.776  -12.372 -5.119  1.00 8.97  ? 143 SER A CB  1 
ATOM   1028 O  OG  . SER A 1 143 ? -7.766  -11.895 -6.455  1.00 22.10 ? 143 SER A OG  1 
ATOM   1029 N  N   . GLY A 1 144 ? -8.113  -12.250 -1.999  1.00 6.86  ? 144 GLY A N   1 
ATOM   1030 C  CA  . GLY A 1 144 ? -8.272  -12.913 -0.708  1.00 8.08  ? 144 GLY A CA  1 
ATOM   1031 C  C   . GLY A 1 144 ? -9.530  -12.437 0.027   1.00 7.54  ? 144 GLY A C   1 
ATOM   1032 O  O   . GLY A 1 144 ? -10.259 -13.234 0.621   1.00 7.11  ? 144 GLY A O   1 
ATOM   1033 N  N   . LEU A 1 145 ? -9.802  -11.125 -0.016  1.00 7.06  ? 145 LEU A N   1 
ATOM   1034 C  CA  . LEU A 1 145 ? -10.987 -10.521 0.598   1.00 8.74  ? 145 LEU A CA  1 
ATOM   1035 C  C   . LEU A 1 145 ? -12.303 -11.017 0.008   1.00 10.11 ? 145 LEU A C   1 
ATOM   1036 O  O   . LEU A 1 145 ? -13.278 -11.199 0.745   1.00 8.65  ? 145 LEU A O   1 
ATOM   1037 C  CB  . LEU A 1 145 ? -10.893 -9.010  0.453   1.00 6.15  ? 145 LEU A CB  1 
ATOM   1038 C  CG  . LEU A 1 145 ? -12.043 -8.082  0.807   1.00 9.27  ? 145 LEU A CG  1 
ATOM   1039 C  CD1 . LEU A 1 145 ? -12.329 -8.135  2.304   1.00 10.05 ? 145 LEU A CD1 1 
ATOM   1040 C  CD2 . LEU A 1 145 ? -11.678 -6.677  0.356   1.00 9.97  ? 145 LEU A CD2 1 
ATOM   1041 N  N   . GLN A 1 146 ? -12.337 -11.256 -1.313  1.00 7.77  ? 146 GLN A N   1 
ATOM   1042 C  CA  . GLN A 1 146 ? -13.525 -11.753 -1.986  1.00 7.44  ? 146 GLN A CA  1 
ATOM   1043 C  C   . GLN A 1 146 ? -13.606 -13.267 -2.107  1.00 9.46  ? 146 GLN A C   1 
ATOM   1044 O  O   . GLN A 1 146 ? -14.560 -13.792 -2.689  1.00 10.06 ? 146 GLN A O   1 
ATOM   1045 C  CB  . GLN A 1 146 ? -13.591 -11.139 -3.365  1.00 9.06  ? 146 GLN A CB  1 
ATOM   1046 C  CG  . GLN A 1 146 ? -13.784 -9.637  -3.348  1.00 12.89 ? 146 GLN A CG  1 
ATOM   1047 C  CD  . GLN A 1 146 ? -13.795 -9.006  -4.731  1.00 16.51 ? 146 GLN A CD  1 
ATOM   1048 O  OE1 . GLN A 1 146 ? -13.325 -9.560  -5.726  1.00 17.88 ? 146 GLN A OE1 1 
ATOM   1049 N  NE2 . GLN A 1 146 ? -14.327 -7.798  -4.811  1.00 17.75 ? 146 GLN A NE2 1 
ATOM   1050 N  N   . SER A 1 147 ? -12.650 -14.021 -1.539  1.00 11.34 ? 147 SER A N   1 
ATOM   1051 C  CA  . SER A 1 147 ? -12.648 -15.479 -1.664  1.00 10.79 ? 147 SER A CA  1 
ATOM   1052 C  C   . SER A 1 147 ? -13.678 -16.216 -0.822  1.00 11.44 ? 147 SER A C   1 
ATOM   1053 O  O   . SER A 1 147 ? -14.186 -15.649 0.138   1.00 11.39 ? 147 SER A O   1 
ATOM   1054 C  CB  . SER A 1 147 ? -11.260 -16.019 -1.328  1.00 12.88 ? 147 SER A CB  1 
ATOM   1055 O  OG  . SER A 1 147 ? -10.868 -15.769 0.012   1.00 15.74 ? 147 SER A OG  1 
ATOM   1056 O  OXT . SER A 1 147 ? -13.984 -17.358 -1.148  1.00 15.57 ? 147 SER A OXT 1 
HETATM 1057 C  CHA . HEM B 2 .   ? -4.619  -4.144  8.755   1.00 12.79 ? 148 HEM A CHA 1 
HETATM 1058 C  CHB . HEM B 2 .   ? -8.248  -1.791  6.676   1.00 14.03 ? 148 HEM A CHB 1 
HETATM 1059 C  CHC . HEM B 2 .   ? -5.679  -1.512  2.651   1.00 14.68 ? 148 HEM A CHC 1 
HETATM 1060 C  CHD . HEM B 2 .   ? -2.298  -4.296  4.582   1.00 11.42 ? 148 HEM A CHD 1 
HETATM 1061 C  C1A . HEM B 2 .   ? -5.784  -3.431  8.564   1.00 13.87 ? 148 HEM A C1A 1 
HETATM 1062 C  C2A . HEM B 2 .   ? -6.665  -2.991  9.630   1.00 18.04 ? 148 HEM A C2A 1 
HETATM 1063 C  C3A . HEM B 2 .   ? -7.696  -2.360  9.020   1.00 15.63 ? 148 HEM A C3A 1 
HETATM 1064 C  C4A . HEM B 2 .   ? -7.425  -2.371  7.614   1.00 15.24 ? 148 HEM A C4A 1 
HETATM 1065 C  CMA . HEM B 2 .   ? -8.922  -1.746  9.677   1.00 16.75 ? 148 HEM A CMA 1 
HETATM 1066 C  CAA . HEM B 2 .   ? -6.430  -3.099  11.138  1.00 19.59 ? 148 HEM A CAA 1 
HETATM 1067 C  CBA . HEM B 2 .   ? -6.706  -4.493  11.669  1.00 31.97 ? 148 HEM A CBA 1 
HETATM 1068 C  CGA . HEM B 2 .   ? -6.847  -4.646  13.182  1.00 38.78 ? 148 HEM A CGA 1 
HETATM 1069 O  O1A . HEM B 2 .   ? -7.630  -3.914  13.795  1.00 41.39 ? 148 HEM A O1A 1 
HETATM 1070 O  O2A . HEM B 2 .   ? -6.188  -5.526  13.742  1.00 42.18 ? 148 HEM A O2A 1 
HETATM 1071 C  C1B . HEM B 2 .   ? -7.928  -1.628  5.347   1.00 14.21 ? 148 HEM A C1B 1 
HETATM 1072 C  C2B . HEM B 2 .   ? -8.744  -0.894  4.406   1.00 14.05 ? 148 HEM A C2B 1 
HETATM 1073 C  C3B . HEM B 2 .   ? -8.006  -0.788  3.259   1.00 15.80 ? 148 HEM A C3B 1 
HETATM 1074 C  C4B . HEM B 2 .   ? -6.742  -1.454  3.536   1.00 14.44 ? 148 HEM A C4B 1 
HETATM 1075 C  CMB . HEM B 2 .   ? -10.154 -0.373  4.686   1.00 11.97 ? 148 HEM A CMB 1 
HETATM 1076 C  CAB . HEM B 2 .   ? -8.380  -0.242  2.031   1.00 15.24 ? 148 HEM A CAB 1 
HETATM 1077 C  CBB . HEM B 2 .   ? -8.745  1.149   1.825   1.00 15.41 ? 148 HEM A CBB 1 
HETATM 1078 C  C1C . HEM B 2 .   ? -4.497  -2.195  2.847   1.00 12.26 ? 148 HEM A C1C 1 
HETATM 1079 C  C2C . HEM B 2 .   ? -3.457  -2.329  1.845   1.00 15.15 ? 148 HEM A C2C 1 
HETATM 1080 C  C3C . HEM B 2 .   ? -2.541  -3.203  2.323   1.00 14.87 ? 148 HEM A C3C 1 
HETATM 1081 C  C4C . HEM B 2 .   ? -3.008  -3.551  3.670   1.00 12.44 ? 148 HEM A C4C 1 
HETATM 1082 C  CMC . HEM B 2 .   ? -3.379  -1.622  0.491   1.00 15.35 ? 148 HEM A CMC 1 
HETATM 1083 C  CAC . HEM B 2 .   ? -1.481  -3.718  1.565   1.00 17.51 ? 148 HEM A CAC 1 
HETATM 1084 C  CBC . HEM B 2 .   ? -0.179  -4.142  2.059   1.00 22.56 ? 148 HEM A CBC 1 
HETATM 1085 C  C1D . HEM B 2 .   ? -2.648  -4.508  5.890   1.00 11.83 ? 148 HEM A C1D 1 
HETATM 1086 C  C2D . HEM B 2 .   ? -1.810  -5.187  6.838   1.00 12.69 ? 148 HEM A C2D 1 
HETATM 1087 C  C3D . HEM B 2 .   ? -2.459  -5.138  8.016   1.00 11.87 ? 148 HEM A C3D 1 
HETATM 1088 C  C4D . HEM B 2 .   ? -3.692  -4.433  7.781   1.00 11.45 ? 148 HEM A C4D 1 
HETATM 1089 C  CMD . HEM B 2 .   ? -0.458  -5.830  6.561   1.00 12.06 ? 148 HEM A CMD 1 
HETATM 1090 C  CAD . HEM B 2 .   ? -1.960  -5.694  9.338   1.00 12.86 ? 148 HEM A CAD 1 
HETATM 1091 C  CBD . HEM B 2 .   ? -2.675  -6.972  9.786   1.00 15.48 ? 148 HEM A CBD 1 
HETATM 1092 C  CGD . HEM B 2 .   ? -2.594  -8.116  8.794   1.00 16.81 ? 148 HEM A CGD 1 
HETATM 1093 O  O1D . HEM B 2 .   ? -1.495  -8.482  8.400   1.00 19.28 ? 148 HEM A O1D 1 
HETATM 1094 O  O2D . HEM B 2 .   ? -3.635  -8.625  8.392   1.00 20.24 ? 148 HEM A O2D 1 
HETATM 1095 N  NA  . HEM B 2 .   ? -6.223  -2.991  7.336   1.00 13.88 ? 148 HEM A NA  1 
HETATM 1096 N  NB  . HEM B 2 .   ? -6.721  -2.008  4.799   1.00 13.06 ? 148 HEM A NB  1 
HETATM 1097 N  NC  . HEM B 2 .   ? -4.216  -2.940  3.970   1.00 12.45 ? 148 HEM A NC  1 
HETATM 1098 N  ND  . HEM B 2 .   ? -3.809  -4.048  6.471   1.00 11.97 ? 148 HEM A ND  1 
HETATM 1099 FE FE  . HEM B 2 .   ? -5.350  -3.189  5.595   1.00 11.27 ? 148 HEM A FE  1 
HETATM 1100 O  O   . HOH C 3 .   ? 6.739   0.524   8.389   1.00 11.89 ? 201 HOH A O   1 
HETATM 1101 O  O   . HOH C 3 .   ? -2.249  10.753  11.671  1.00 27.23 ? 202 HOH A O   1 
HETATM 1102 O  O   . HOH C 3 .   ? -4.376  14.716  11.372  1.00 36.76 ? 203 HOH A O   1 
HETATM 1103 O  O   . HOH C 3 .   ? -5.452  -17.487 3.847   1.00 21.72 ? 204 HOH A O   1 
HETATM 1104 O  O   . HOH C 3 .   ? -6.349  6.555   -8.539  1.00 35.62 ? 205 HOH A O   1 
HETATM 1105 O  O   . HOH C 3 .   ? 9.122   7.699   11.179  1.00 27.29 ? 206 HOH A O   1 
HETATM 1106 O  O   . HOH C 3 .   ? 7.771   -7.046  -20.701 1.00 32.05 ? 207 HOH A O   1 
HETATM 1107 O  O   . HOH C 3 .   ? -4.036  11.063  20.728  1.00 28.52 ? 208 HOH A O   1 
HETATM 1108 O  O   . HOH C 3 .   ? 14.703  6.715   11.139  1.00 42.62 ? 209 HOH A O   1 
HETATM 1109 O  O   . HOH C 3 .   ? 13.191  12.038  -14.610 1.00 48.25 ? 210 HOH A O   1 
HETATM 1110 O  O   . HOH C 3 .   ? -2.221  8.504   13.651  1.00 13.19 ? 211 HOH A O   1 
HETATM 1111 O  O   . HOH C 3 .   ? 3.446   -0.141  14.523  1.00 23.68 ? 212 HOH A O   1 
HETATM 1112 O  O   . HOH C 3 .   ? 8.756   -20.553 -6.860  1.00 37.17 ? 213 HOH A O   1 
HETATM 1113 O  O   . HOH C 3 .   ? 16.938  -6.893  -0.317  1.00 47.83 ? 214 HOH A O   1 
HETATM 1114 O  O   . HOH C 3 .   ? 6.076   -18.948 0.509   1.00 42.31 ? 215 HOH A O   1 
HETATM 1115 O  O   . HOH C 3 .   ? 7.244   -0.784  11.043  1.00 14.19 ? 216 HOH A O   1 
HETATM 1116 O  O   . HOH C 3 .   ? -6.075  9.167   21.954  1.00 18.33 ? 217 HOH A O   1 
HETATM 1117 O  O   . HOH C 3 .   ? -8.100  -16.593 -0.722  1.00 29.96 ? 218 HOH A O   1 
HETATM 1118 O  O   . HOH C 3 .   ? 5.558   7.233   12.363  1.00 31.35 ? 219 HOH A O   1 
HETATM 1119 O  O   . HOH C 3 .   ? -18.580 4.643   6.054   1.00 42.27 ? 220 HOH A O   1 
HETATM 1120 O  O   . HOH C 3 .   ? -3.229  12.091  -0.932  1.00 23.51 ? 221 HOH A O   1 
HETATM 1121 O  O   . HOH C 3 .   ? 12.055  -10.901 -5.688  1.00 44.00 ? 222 HOH A O   1 
HETATM 1122 O  O   . HOH C 3 .   ? 8.031   10.389  4.580   1.00 30.48 ? 223 HOH A O   1 
HETATM 1123 O  O   . HOH C 3 .   ? 0.730   -13.090 4.338   1.00 23.69 ? 224 HOH A O   1 
HETATM 1124 O  O   . HOH C 3 .   ? 4.922   -19.386 -7.144  1.00 12.01 ? 225 HOH A O   1 
HETATM 1125 O  O   . HOH C 3 .   ? -10.343 13.813  10.395  1.00 30.65 ? 226 HOH A O   1 
HETATM 1126 O  O   . HOH C 3 .   ? 14.936  -1.105  -14.880 1.00 21.22 ? 227 HOH A O   1 
HETATM 1127 O  O   . HOH C 3 .   ? 2.957   -5.685  8.618   1.00 14.47 ? 228 HOH A O   1 
HETATM 1128 O  O   . HOH C 3 .   ? -2.420  -10.077 -8.604  1.00 26.34 ? 229 HOH A O   1 
HETATM 1129 O  O   . HOH C 3 .   ? 8.794   -13.727 -12.145 1.00 39.68 ? 230 HOH A O   1 
HETATM 1130 O  O   . HOH C 3 .   ? -16.766 7.844   8.548   1.00 11.90 ? 231 HOH A O   1 
HETATM 1131 O  O   . HOH C 3 .   ? -3.743  -15.942 6.931   1.00 42.02 ? 232 HOH A O   1 
HETATM 1132 O  O   . HOH C 3 .   ? 5.002   11.276  8.050   1.00 26.34 ? 233 HOH A O   1 
HETATM 1133 O  O   . HOH C 3 .   ? -10.940 4.930   17.825  1.00 35.92 ? 234 HOH A O   1 
HETATM 1134 O  O   . HOH C 3 .   ? -8.504  -8.974  -7.648  1.00 20.02 ? 235 HOH A O   1 
HETATM 1135 O  O   . HOH C 3 .   ? -14.904 10.152  11.748  1.00 10.74 ? 236 HOH A O   1 
HETATM 1136 O  O   . HOH C 3 .   ? -7.304  3.203   -12.891 1.00 35.52 ? 237 HOH A O   1 
HETATM 1137 O  O   . HOH C 3 .   ? 3.694   5.177   10.942  1.00 7.43  ? 238 HOH A O   1 
HETATM 1138 O  O   . HOH C 3 .   ? -9.752  -0.280  -6.651  1.00 30.57 ? 239 HOH A O   1 
HETATM 1139 O  O   . HOH C 3 .   ? -4.332  0.442   13.440  1.00 32.02 ? 240 HOH A O   1 
HETATM 1140 O  O   . HOH C 3 .   ? -15.355 13.537  3.441   1.00 21.09 ? 241 HOH A O   1 
HETATM 1141 O  O   . HOH C 3 .   ? 9.501   1.787   12.081  1.00 33.74 ? 242 HOH A O   1 
HETATM 1142 O  O   . HOH C 3 .   ? -14.315 -6.319  5.143   1.00 21.19 ? 243 HOH A O   1 
HETATM 1143 O  O   . HOH C 3 .   ? 14.651  8.341   2.339   1.00 24.88 ? 244 HOH A O   1 
HETATM 1144 O  O   . HOH C 3 .   ? 11.359  -17.114 -9.155  1.00 31.45 ? 245 HOH A O   1 
HETATM 1145 O  O   . HOH C 3 .   ? 10.706  -8.357  -19.313 1.00 30.03 ? 246 HOH A O   1 
HETATM 1146 O  O   . HOH C 3 .   ? 13.566  7.139   7.414   1.00 24.67 ? 247 HOH A O   1 
HETATM 1147 O  O   . HOH C 3 .   ? -5.889  15.416  2.086   1.00 28.91 ? 248 HOH A O   1 
HETATM 1148 O  O   . HOH C 3 .   ? -0.324  -18.108 -6.060  1.00 19.24 ? 249 HOH A O   1 
HETATM 1149 O  O   . HOH C 3 .   ? -15.417 -6.150  -2.870  1.00 28.87 ? 250 HOH A O   1 
HETATM 1150 O  O   . HOH C 3 .   ? -14.185 7.787   -1.253  1.00 42.22 ? 251 HOH A O   1 
HETATM 1151 O  O   . HOH C 3 .   ? -9.355  -0.777  13.585  1.00 30.73 ? 252 HOH A O   1 
HETATM 1152 O  O   . HOH C 3 .   ? -18.932 -5.937  2.011   1.00 46.05 ? 253 HOH A O   1 
HETATM 1153 O  O   . HOH C 3 .   ? 8.033   1.969   -15.556 1.00 16.64 ? 254 HOH A O   1 
HETATM 1154 O  O   . HOH C 3 .   ? 13.654  16.254  -5.399  1.00 41.53 ? 255 HOH A O   1 
HETATM 1155 O  O   . HOH C 3 .   ? 1.684   -2.088  16.832  1.00 19.29 ? 256 HOH A O   1 
HETATM 1156 O  O   . HOH C 3 .   ? 12.547  -3.123  3.878   1.00 43.86 ? 257 HOH A O   1 
HETATM 1157 O  O   . HOH C 3 .   ? -2.007  12.166  16.973  1.00 45.25 ? 258 HOH A O   1 
HETATM 1158 O  O   . HOH C 3 .   ? -2.515  1.244   -9.659  1.00 32.02 ? 259 HOH A O   1 
HETATM 1159 O  O   . HOH C 3 .   ? 16.640  1.534   9.826   1.00 47.06 ? 260 HOH A O   1 
HETATM 1160 O  O   . HOH C 3 .   ? -4.251  3.223   -7.436  1.00 27.06 ? 261 HOH A O   1 
HETATM 1161 O  O   . HOH C 3 .   ? -18.590 4.379   2.598   1.00 45.73 ? 262 HOH A O   1 
HETATM 1162 O  O   . HOH C 3 .   ? 3.585   -11.613 4.068   1.00 25.24 ? 263 HOH A O   1 
HETATM 1163 O  O   . HOH C 3 .   ? -6.382  -1.027  -7.111  1.00 31.08 ? 264 HOH A O   1 
HETATM 1164 O  O   . HOH C 3 .   ? -2.910  1.635   17.477  1.00 33.51 ? 265 HOH A O   1 
HETATM 1165 O  O   . HOH C 3 .   ? -15.700 -0.637  13.491  1.00 46.50 ? 266 HOH A O   1 
HETATM 1166 O  O   . HOH C 3 .   ? 12.176  -5.275  0.657   1.00 21.18 ? 267 HOH A O   1 
HETATM 1167 O  O   . HOH C 3 .   ? 15.849  9.656   -0.917  1.00 35.99 ? 268 HOH A O   1 
HETATM 1168 O  O   . HOH C 3 .   ? -0.196  9.243   15.857  1.00 22.41 ? 269 HOH A O   1 
HETATM 1169 O  O   . HOH C 3 .   ? -2.846  -17.543 0.274   1.00 24.36 ? 270 HOH A O   1 
HETATM 1170 O  O   . HOH C 3 .   ? -18.083 -0.115  3.386   1.00 19.20 ? 271 HOH A O   1 
HETATM 1171 O  O   . HOH C 3 .   ? 11.869  -5.645  -19.016 1.00 18.04 ? 272 HOH A O   1 
HETATM 1172 O  O   . HOH C 3 .   ? 16.180  1.076   3.246   1.00 27.25 ? 273 HOH A O   1 
HETATM 1173 O  O   . HOH C 3 .   ? 14.361  0.924   6.924   1.00 15.14 ? 274 HOH A O   1 
HETATM 1174 O  O   . HOH C 3 .   ? -6.007  6.221   21.868  1.00 19.63 ? 275 HOH A O   1 
# 
